data_1IY8
#
_entry.id   1IY8
#
_cell.length_a   66.672
_cell.length_b   79.184
_cell.length_c   112.670
_cell.angle_alpha   103.87
_cell.angle_beta   91.40
_cell.angle_gamma   105.48
#
_symmetry.space_group_name_H-M   'P 1'
#
loop_
_entity.id
_entity.type
_entity.pdbx_description
1 polymer 'LEVODIONE REDUCTASE'
2 non-polymer NICOTINAMIDE-ADENINE-DINUCLEOTIDE
3 non-polymer (4R)-2-METHYLPENTANE-2,4-DIOL
4 water water
#
_entity_poly.entity_id   1
_entity_poly.type   'polypeptide(L)'
_entity_poly.pdbx_seq_one_letter_code
;MTATSSPTTRFTDRVVLITGGGSGLGRATAVRLAAEGAKLSLVDVSSEGLEASKAAVLETAPDAEVLTTVADVSDEAQVE
AYVTATTERFGRIDGFFNNAGIEGKQNPTESFTAAEFDKVVSINLRGVFLGLEKVLKIMREQGSGMVVNTASVGGIRGIG
NQSGYAAAKHGVVGLTRNSAVEYGRYGIRINAIAPGAIWTPMVENSMKQLDPENPRKAAEEFIQVNPSKRYGEAPEIAAV
VAFLLSDDASYVNATVVPIDGGQSAAY
;
_entity_poly.pdbx_strand_id   A,B,C,D,E,F,G,H
#
# COMPACT_ATOMS: atom_id res chain seq x y z
N ARG A 10 29.04 32.74 34.56
CA ARG A 10 28.26 32.49 33.31
C ARG A 10 26.92 33.22 33.34
N PHE A 11 26.62 33.90 34.44
CA PHE A 11 25.34 34.58 34.58
C PHE A 11 25.38 36.08 34.86
N THR A 12 26.51 36.73 34.58
CA THR A 12 26.63 38.16 34.81
C THR A 12 25.52 38.93 34.08
N ASP A 13 24.74 39.69 34.83
CA ASP A 13 23.62 40.48 34.31
C ASP A 13 22.42 39.69 33.79
N ARG A 14 22.50 38.36 33.84
CA ARG A 14 21.39 37.54 33.36
C ARG A 14 20.29 37.41 34.41
N VAL A 15 19.05 37.49 33.95
CA VAL A 15 17.90 37.41 34.85
C VAL A 15 17.34 35.99 34.89
N VAL A 16 17.30 35.40 36.08
CA VAL A 16 16.76 34.05 36.24
C VAL A 16 15.56 34.06 37.19
N LEU A 17 14.45 33.50 36.72
CA LEU A 17 13.20 33.41 37.46
C LEU A 17 13.09 31.99 38.03
N ILE A 18 12.88 31.89 39.34
CA ILE A 18 12.79 30.60 40.01
C ILE A 18 11.50 30.43 40.81
N THR A 19 10.70 29.40 40.50
CA THR A 19 9.50 29.15 41.29
C THR A 19 9.90 28.14 42.35
N GLY A 20 9.24 28.18 43.51
CA GLY A 20 9.62 27.27 44.58
C GLY A 20 10.96 27.77 45.10
N GLY A 21 11.22 29.06 44.91
CA GLY A 21 12.48 29.64 45.34
C GLY A 21 12.64 29.90 46.82
N GLY A 22 11.64 29.54 47.61
CA GLY A 22 11.72 29.78 49.04
C GLY A 22 12.26 28.63 49.87
N SER A 23 12.75 27.57 49.22
CA SER A 23 13.24 26.41 49.95
C SER A 23 14.01 25.43 49.06
N GLY A 24 14.64 24.45 49.71
CA GLY A 24 15.36 23.39 49.03
C GLY A 24 16.14 23.63 47.75
N LEU A 25 15.73 22.95 46.68
CA LEU A 25 16.41 23.06 45.39
C LEU A 25 16.35 24.48 44.82
N GLY A 26 15.21 25.13 45.01
CA GLY A 26 15.04 26.48 44.50
C GLY A 26 15.99 27.45 45.18
N ARG A 27 16.12 27.34 46.49
CA ARG A 27 17.00 28.21 47.24
C ARG A 27 18.46 27.93 46.88
N ALA A 28 18.83 26.66 46.83
CA ALA A 28 20.20 26.28 46.51
C ALA A 28 20.59 26.78 45.12
N THR A 29 19.64 26.71 44.18
CA THR A 29 19.93 27.18 42.84
C THR A 29 20.09 28.69 42.82
N ALA A 30 19.27 29.40 43.60
CA ALA A 30 19.35 30.84 43.68
C ALA A 30 20.75 31.25 44.18
N VAL A 31 21.23 30.59 45.22
CA VAL A 31 22.54 30.89 45.78
C VAL A 31 23.65 30.64 44.75
N ARG A 32 23.61 29.49 44.08
CA ARG A 32 24.61 29.16 43.07
C ARG A 32 24.60 30.16 41.91
N LEU A 33 23.41 30.50 41.42
CA LEU A 33 23.30 31.44 40.31
C LEU A 33 23.77 32.84 40.70
N ALA A 34 23.47 33.26 41.93
CA ALA A 34 23.89 34.58 42.39
C ALA A 34 25.42 34.62 42.47
N ALA A 35 26.02 33.51 42.86
CA ALA A 35 27.47 33.43 42.97
C ALA A 35 28.08 33.58 41.57
N GLU A 36 27.28 33.27 40.54
CA GLU A 36 27.73 33.39 39.17
C GLU A 36 27.34 34.72 38.52
N GLY A 37 26.83 35.63 39.35
CA GLY A 37 26.47 36.97 38.89
C GLY A 37 25.06 37.25 38.42
N ALA A 38 24.15 36.31 38.63
CA ALA A 38 22.78 36.47 38.16
C ALA A 38 21.91 37.43 38.96
N LYS A 39 20.89 37.97 38.29
CA LYS A 39 19.89 38.84 38.91
C LYS A 39 18.77 37.83 39.12
N LEU A 40 18.08 37.90 40.26
CA LEU A 40 17.05 36.90 40.55
C LEU A 40 15.64 37.37 40.86
N SER A 41 14.68 36.54 40.46
CA SER A 41 13.27 36.77 40.75
C SER A 41 12.80 35.45 41.34
N LEU A 42 12.56 35.45 42.64
CA LEU A 42 12.13 34.25 43.35
C LEU A 42 10.63 34.27 43.61
N VAL A 43 9.97 33.14 43.35
CA VAL A 43 8.52 33.02 43.54
C VAL A 43 8.18 31.82 44.42
N ASP A 44 7.26 32.01 45.35
CA ASP A 44 6.85 30.94 46.26
C ASP A 44 5.55 31.32 46.97
N VAL A 45 4.88 30.33 47.57
CA VAL A 45 3.66 30.62 48.32
C VAL A 45 4.04 31.07 49.72
N SER A 46 5.26 30.74 50.14
CA SER A 46 5.75 31.09 51.47
C SER A 46 6.57 32.37 51.52
N SER A 47 6.05 33.38 52.20
CA SER A 47 6.77 34.65 52.33
C SER A 47 8.01 34.45 53.21
N GLU A 48 7.87 33.64 54.25
CA GLU A 48 8.98 33.37 55.16
C GLU A 48 10.13 32.72 54.38
N GLY A 49 9.81 31.74 53.55
CA GLY A 49 10.83 31.06 52.78
C GLY A 49 11.55 32.01 51.81
N LEU A 50 10.77 32.82 51.10
CA LEU A 50 11.34 33.76 50.14
C LEU A 50 12.33 34.71 50.80
N GLU A 51 12.00 35.20 51.99
CA GLU A 51 12.90 36.13 52.66
C GLU A 51 14.15 35.45 53.20
N ALA A 52 14.03 34.17 53.59
CA ALA A 52 15.18 33.43 54.08
C ALA A 52 16.10 33.11 52.90
N SER A 53 15.49 32.87 51.74
CA SER A 53 16.26 32.58 50.53
C SER A 53 17.04 33.82 50.10
N LYS A 54 16.38 34.97 50.13
CA LYS A 54 17.05 36.22 49.74
C LYS A 54 18.21 36.48 50.70
N ALA A 55 17.99 36.23 51.99
CA ALA A 55 19.05 36.43 52.98
C ALA A 55 20.23 35.52 52.66
N ALA A 56 19.94 34.27 52.31
CA ALA A 56 20.99 33.31 51.98
C ALA A 56 21.76 33.77 50.74
N VAL A 57 21.04 34.29 49.77
CA VAL A 57 21.66 34.79 48.54
C VAL A 57 22.63 35.93 48.85
N LEU A 58 22.17 36.90 49.65
CA LEU A 58 23.00 38.06 49.99
C LEU A 58 24.25 37.71 50.82
N GLU A 59 24.25 36.56 51.49
CA GLU A 59 25.42 36.15 52.26
C GLU A 59 26.52 35.75 51.29
N THR A 60 26.13 35.15 50.17
CA THR A 60 27.08 34.70 49.16
C THR A 60 27.40 35.82 48.16
N ALA A 61 26.40 36.61 47.80
CA ALA A 61 26.56 37.72 46.86
C ALA A 61 25.90 38.98 47.42
N PRO A 62 26.66 39.78 48.19
CA PRO A 62 26.17 41.01 48.80
C PRO A 62 25.51 42.04 47.88
N ASP A 63 25.97 42.12 46.63
CA ASP A 63 25.43 43.08 45.68
C ASP A 63 24.37 42.50 44.75
N ALA A 64 23.91 41.30 45.04
CA ALA A 64 22.90 40.65 44.22
C ALA A 64 21.57 41.38 44.25
N GLU A 65 20.91 41.42 43.10
CA GLU A 65 19.60 42.04 42.98
C GLU A 65 18.60 40.89 43.03
N VAL A 66 17.78 40.89 44.08
CA VAL A 66 16.81 39.81 44.27
C VAL A 66 15.38 40.29 44.50
N LEU A 67 14.46 39.89 43.63
CA LEU A 67 13.06 40.24 43.75
C LEU A 67 12.33 39.02 44.29
N THR A 68 11.37 39.22 45.18
CA THR A 68 10.60 38.12 45.73
C THR A 68 9.12 38.41 45.49
N THR A 69 8.38 37.38 45.10
CA THR A 69 6.96 37.52 44.82
C THR A 69 6.20 36.33 45.38
N VAL A 70 5.15 36.59 46.15
CA VAL A 70 4.34 35.52 46.71
C VAL A 70 3.28 35.14 45.68
N ALA A 71 3.24 33.87 45.30
CA ALA A 71 2.27 33.42 44.31
C ALA A 71 2.07 31.92 44.36
N ASP A 72 0.82 31.49 44.14
CA ASP A 72 0.44 30.09 44.11
C ASP A 72 0.43 29.69 42.62
N VAL A 73 1.34 28.82 42.22
CA VAL A 73 1.46 28.43 40.81
C VAL A 73 0.26 27.71 40.18
N SER A 74 -0.69 27.24 40.99
CA SER A 74 -1.84 26.55 40.43
C SER A 74 -2.92 27.54 39.98
N ASP A 75 -2.74 28.81 40.34
CA ASP A 75 -3.67 29.88 39.97
C ASP A 75 -3.08 30.66 38.81
N GLU A 76 -3.71 30.58 37.64
CA GLU A 76 -3.22 31.27 36.46
C GLU A 76 -3.03 32.78 36.66
N ALA A 77 -3.94 33.42 37.38
CA ALA A 77 -3.83 34.85 37.63
C ALA A 77 -2.56 35.18 38.40
N GLN A 78 -2.19 34.32 39.34
CA GLN A 78 -1.01 34.54 40.14
C GLN A 78 0.26 34.25 39.35
N VAL A 79 0.16 33.35 38.37
CA VAL A 79 1.32 33.02 37.53
C VAL A 79 1.59 34.25 36.66
N GLU A 80 0.53 34.82 36.09
CA GLU A 80 0.68 36.00 35.27
C GLU A 80 1.26 37.13 36.14
N ALA A 81 0.85 37.17 37.40
CA ALA A 81 1.33 38.18 38.33
C ALA A 81 2.83 38.11 38.58
N TYR A 82 3.38 36.91 38.80
CA TYR A 82 4.80 36.82 39.06
C TYR A 82 5.63 37.05 37.80
N VAL A 83 5.09 36.70 36.65
CA VAL A 83 5.82 36.92 35.41
C VAL A 83 5.89 38.43 35.13
N THR A 84 4.77 39.11 35.33
CA THR A 84 4.70 40.55 35.12
C THR A 84 5.60 41.28 36.13
N ALA A 85 5.59 40.82 37.38
CA ALA A 85 6.43 41.43 38.40
C ALA A 85 7.90 41.31 38.00
N THR A 86 8.25 40.17 37.40
CA THR A 86 9.61 39.92 36.98
C THR A 86 10.03 40.82 35.83
N THR A 87 9.19 40.95 34.80
CA THR A 87 9.53 41.78 33.66
C THR A 87 9.49 43.28 34.00
N GLU A 88 8.64 43.69 34.92
CA GLU A 88 8.57 45.10 35.28
C GLU A 88 9.84 45.53 36.02
N ARG A 89 10.43 44.60 36.77
CA ARG A 89 11.64 44.88 37.54
C ARG A 89 12.94 44.74 36.75
N PHE A 90 13.02 43.69 35.93
CA PHE A 90 14.23 43.42 35.17
C PHE A 90 14.15 43.62 33.65
N GLY A 91 12.95 43.64 33.10
CA GLY A 91 12.80 43.88 31.67
C GLY A 91 13.04 42.71 30.73
N ARG A 92 13.36 41.54 31.28
CA ARG A 92 13.59 40.35 30.48
C ARG A 92 13.71 39.13 31.38
N ILE A 93 13.72 37.96 30.77
CA ILE A 93 13.85 36.69 31.49
C ILE A 93 14.79 35.82 30.67
N ASP A 94 16.00 35.60 31.18
CA ASP A 94 16.99 34.82 30.47
C ASP A 94 16.95 33.33 30.85
N GLY A 95 16.58 33.04 32.09
CA GLY A 95 16.50 31.67 32.54
C GLY A 95 15.26 31.47 33.39
N PHE A 96 14.71 30.27 33.37
CA PHE A 96 13.51 29.96 34.12
C PHE A 96 13.63 28.56 34.72
N PHE A 97 13.60 28.49 36.04
CA PHE A 97 13.68 27.22 36.76
C PHE A 97 12.25 27.00 37.26
N ASN A 98 11.48 26.25 36.47
CA ASN A 98 10.07 25.92 36.70
C ASN A 98 10.13 24.76 37.68
N ASN A 99 10.24 25.11 38.94
CA ASN A 99 10.51 24.16 40.02
C ASN A 99 9.51 23.85 41.14
N ALA A 100 8.54 24.72 41.40
CA ALA A 100 7.56 24.50 42.47
C ALA A 100 6.88 23.14 42.40
N GLY A 101 6.65 22.55 43.57
CA GLY A 101 5.99 21.26 43.62
C GLY A 101 5.78 20.71 45.02
N ILE A 102 4.89 19.73 45.13
CA ILE A 102 4.58 19.07 46.39
C ILE A 102 4.62 17.57 46.12
N GLU A 103 4.74 16.75 47.16
CA GLU A 103 4.79 15.31 46.99
C GLU A 103 3.41 14.66 46.89
N GLY A 104 2.57 14.94 47.87
CA GLY A 104 1.24 14.35 47.90
C GLY A 104 1.23 13.23 48.94
N LYS A 105 0.07 13.00 49.55
CA LYS A 105 -0.06 11.95 50.56
C LYS A 105 0.10 10.55 49.94
N GLN A 106 1.04 9.78 50.48
CA GLN A 106 1.31 8.43 50.00
C GLN A 106 0.15 7.45 50.22
N ASN A 107 -0.12 6.63 49.20
CA ASN A 107 -1.20 5.63 49.27
C ASN A 107 -1.20 4.81 47.99
N PRO A 108 -1.63 3.54 48.06
CA PRO A 108 -1.67 2.71 46.86
C PRO A 108 -2.74 3.31 45.93
N THR A 109 -2.67 2.99 44.65
CA THR A 109 -3.63 3.54 43.70
C THR A 109 -5.09 3.51 44.12
N GLU A 110 -5.58 2.36 44.58
CA GLU A 110 -6.99 2.25 44.97
C GLU A 110 -7.40 3.14 46.15
N SER A 111 -6.42 3.64 46.90
CA SER A 111 -6.69 4.48 48.06
C SER A 111 -6.13 5.90 47.93
N PHE A 112 -5.59 6.25 46.78
CA PHE A 112 -4.99 7.57 46.62
C PHE A 112 -5.96 8.76 46.68
N THR A 113 -7.19 8.53 46.24
CA THR A 113 -8.28 9.52 46.20
C THR A 113 -8.14 10.55 45.08
N ALA A 114 -9.28 10.91 44.48
CA ALA A 114 -9.32 11.88 43.40
C ALA A 114 -8.93 13.28 43.89
N ALA A 115 -9.32 13.62 45.11
CA ALA A 115 -8.99 14.93 45.66
C ALA A 115 -7.48 15.16 45.71
N GLU A 116 -6.75 14.18 46.25
CA GLU A 116 -5.30 14.30 46.35
C GLU A 116 -4.67 14.26 44.97
N PHE A 117 -5.20 13.42 44.08
CA PHE A 117 -4.68 13.34 42.72
C PHE A 117 -4.77 14.71 42.05
N ASP A 118 -5.96 15.32 42.14
CA ASP A 118 -6.20 16.63 41.55
C ASP A 118 -5.28 17.70 42.13
N LYS A 119 -5.06 17.62 43.44
CA LYS A 119 -4.21 18.60 44.12
C LYS A 119 -2.78 18.57 43.60
N VAL A 120 -2.20 17.38 43.56
CA VAL A 120 -0.83 17.22 43.09
C VAL A 120 -0.70 17.62 41.62
N VAL A 121 -1.67 17.25 40.80
CA VAL A 121 -1.63 17.59 39.38
C VAL A 121 -1.74 19.11 39.18
N SER A 122 -2.60 19.77 39.93
CA SER A 122 -2.77 21.22 39.79
C SER A 122 -1.51 22.03 40.06
N ILE A 123 -0.69 21.58 41.02
CA ILE A 123 0.53 22.29 41.35
C ILE A 123 1.73 21.80 40.53
N ASN A 124 1.98 20.50 40.55
CA ASN A 124 3.13 19.93 39.85
C ASN A 124 3.08 19.93 38.33
N LEU A 125 1.89 19.74 37.77
CA LEU A 125 1.76 19.69 36.31
C LEU A 125 1.18 20.96 35.70
N ARG A 126 -0.01 21.36 36.15
CA ARG A 126 -0.64 22.56 35.61
C ARG A 126 0.24 23.79 35.90
N GLY A 127 0.86 23.83 37.08
CA GLY A 127 1.72 24.94 37.43
C GLY A 127 2.88 25.08 36.47
N VAL A 128 3.45 23.96 36.06
CA VAL A 128 4.57 23.98 35.12
C VAL A 128 4.08 24.41 33.74
N PHE A 129 2.91 23.92 33.33
CA PHE A 129 2.37 24.31 32.03
C PHE A 129 2.12 25.81 31.96
N LEU A 130 1.42 26.34 32.97
CA LEU A 130 1.12 27.77 33.02
C LEU A 130 2.38 28.63 32.97
N GLY A 131 3.42 28.20 33.69
CA GLY A 131 4.66 28.96 33.67
C GLY A 131 5.25 28.98 32.27
N LEU A 132 5.23 27.84 31.59
CA LEU A 132 5.76 27.75 30.23
C LEU A 132 4.95 28.60 29.26
N GLU A 133 3.64 28.56 29.39
CA GLU A 133 2.77 29.32 28.49
C GLU A 133 3.09 30.81 28.51
N LYS A 134 3.35 31.37 29.69
CA LYS A 134 3.65 32.78 29.80
C LYS A 134 5.11 33.13 29.50
N VAL A 135 6.04 32.34 30.04
CA VAL A 135 7.46 32.62 29.86
C VAL A 135 7.99 32.34 28.46
N LEU A 136 7.51 31.29 27.80
CA LEU A 136 8.01 30.99 26.46
C LEU A 136 7.64 32.06 25.43
N LYS A 137 6.54 32.78 25.66
CA LYS A 137 6.14 33.84 24.74
C LYS A 137 7.19 34.95 24.83
N ILE A 138 7.57 35.27 26.07
CA ILE A 138 8.58 36.31 26.32
C ILE A 138 9.94 35.91 25.75
N MET A 139 10.32 34.65 25.94
CA MET A 139 11.61 34.19 25.43
C MET A 139 11.63 34.16 23.89
N ARG A 140 10.52 33.81 23.27
CA ARG A 140 10.47 33.77 21.81
C ARG A 140 10.65 35.20 21.28
N GLU A 141 9.98 36.16 21.91
CA GLU A 141 10.07 37.56 21.48
C GLU A 141 11.50 38.08 21.67
N GLN A 142 12.21 37.55 22.67
CA GLN A 142 13.59 37.94 22.93
C GLN A 142 14.54 37.27 21.94
N GLY A 143 14.14 36.08 21.49
CA GLY A 143 14.97 35.33 20.58
C GLY A 143 16.02 34.54 21.36
N SER A 144 15.78 34.36 22.65
CA SER A 144 16.70 33.63 23.50
C SER A 144 16.06 33.26 24.83
N GLY A 145 16.61 32.23 25.47
CA GLY A 145 16.10 31.80 26.75
C GLY A 145 16.42 30.36 27.06
N MET A 146 16.59 30.06 28.35
CA MET A 146 16.89 28.70 28.81
C MET A 146 15.88 28.33 29.89
N VAL A 147 15.34 27.12 29.81
CA VAL A 147 14.35 26.67 30.77
C VAL A 147 14.67 25.29 31.34
N VAL A 148 14.47 25.13 32.64
CA VAL A 148 14.68 23.86 33.29
C VAL A 148 13.40 23.56 34.09
N ASN A 149 12.74 22.46 33.76
CA ASN A 149 11.53 22.06 34.48
C ASN A 149 11.96 20.98 35.45
N THR A 150 11.48 21.04 36.68
CA THR A 150 11.87 20.00 37.64
C THR A 150 10.93 18.82 37.60
N ALA A 151 11.45 17.70 37.10
CA ALA A 151 10.68 16.46 37.06
C ALA A 151 11.08 15.70 38.32
N SER A 152 11.50 14.45 38.14
CA SER A 152 11.89 13.59 39.25
C SER A 152 12.19 12.22 38.69
N VAL A 153 12.85 11.36 39.47
CA VAL A 153 13.10 10.01 38.99
C VAL A 153 11.71 9.36 38.91
N GLY A 154 10.76 9.94 39.64
CA GLY A 154 9.38 9.45 39.63
C GLY A 154 8.66 9.88 38.35
N GLY A 155 9.37 10.65 37.53
CA GLY A 155 8.84 11.11 36.26
C GLY A 155 9.34 10.24 35.12
N ILE A 156 10.21 9.29 35.43
CA ILE A 156 10.76 8.37 34.43
C ILE A 156 10.75 6.91 34.89
N ARG A 157 10.39 6.70 36.16
CA ARG A 157 10.33 5.35 36.73
C ARG A 157 9.17 5.27 37.71
N GLY A 158 8.82 4.07 38.13
CA GLY A 158 7.74 3.89 39.08
C GLY A 158 8.29 3.68 40.48
N ILE A 159 7.91 4.55 41.40
CA ILE A 159 8.37 4.48 42.78
C ILE A 159 7.39 3.69 43.66
N GLY A 160 6.09 3.84 43.38
CA GLY A 160 5.07 3.16 44.16
C GLY A 160 4.43 4.10 45.19
N ASN A 161 3.14 3.90 45.42
CA ASN A 161 2.37 4.69 46.39
C ASN A 161 2.32 6.18 46.10
N GLN A 162 2.51 6.58 44.85
CA GLN A 162 2.46 7.99 44.51
C GLN A 162 1.81 8.28 43.17
N SER A 163 0.58 7.80 42.98
CA SER A 163 -0.14 8.01 41.72
C SER A 163 -0.10 9.45 41.25
N GLY A 164 -0.49 10.37 42.12
CA GLY A 164 -0.50 11.78 41.76
C GLY A 164 0.85 12.32 41.32
N TYR A 165 1.87 12.05 42.13
CA TYR A 165 3.22 12.51 41.83
C TYR A 165 3.77 11.89 40.55
N ALA A 166 3.57 10.59 40.39
CA ALA A 166 4.06 9.89 39.21
C ALA A 166 3.44 10.44 37.92
N ALA A 167 2.12 10.66 37.95
CA ALA A 167 1.42 11.18 36.79
C ALA A 167 1.87 12.60 36.47
N ALA A 168 1.91 13.45 37.49
CA ALA A 168 2.31 14.84 37.29
C ALA A 168 3.76 14.99 36.83
N LYS A 169 4.69 14.26 37.45
CA LYS A 169 6.09 14.39 37.06
C LYS A 169 6.39 13.79 35.70
N HIS A 170 5.69 12.72 35.35
CA HIS A 170 5.88 12.14 34.01
C HIS A 170 5.33 13.20 33.05
N GLY A 171 4.23 13.85 33.46
CA GLY A 171 3.62 14.88 32.65
C GLY A 171 4.57 16.06 32.41
N VAL A 172 5.41 16.35 33.40
CA VAL A 172 6.37 17.44 33.28
C VAL A 172 7.40 17.10 32.20
N VAL A 173 7.79 15.83 32.12
CA VAL A 173 8.73 15.40 31.11
C VAL A 173 8.07 15.58 29.74
N GLY A 174 6.76 15.30 29.68
CA GLY A 174 6.04 15.44 28.43
C GLY A 174 5.97 16.88 27.95
N LEU A 175 5.75 17.79 28.88
CA LEU A 175 5.71 19.22 28.54
C LEU A 175 7.08 19.64 28.04
N THR A 176 8.12 19.11 28.69
CA THR A 176 9.50 19.42 28.32
C THR A 176 9.79 18.99 26.89
N ARG A 177 9.44 17.74 26.55
CA ARG A 177 9.70 17.24 25.21
C ARG A 177 8.88 17.96 24.15
N ASN A 178 7.59 18.15 24.41
CA ASN A 178 6.72 18.82 23.46
C ASN A 178 7.12 20.29 23.22
N SER A 179 7.34 21.04 24.30
CA SER A 179 7.72 22.44 24.16
C SER A 179 9.10 22.62 23.52
N ALA A 180 10.02 21.73 23.84
CA ALA A 180 11.37 21.80 23.28
C ALA A 180 11.35 21.66 21.77
N VAL A 181 10.46 20.80 21.27
CA VAL A 181 10.33 20.59 19.83
C VAL A 181 9.78 21.85 19.13
N GLU A 182 8.91 22.56 19.83
CA GLU A 182 8.29 23.77 19.28
C GLU A 182 9.21 25.00 19.29
N TYR A 183 9.89 25.23 20.40
CA TYR A 183 10.73 26.43 20.51
C TYR A 183 12.23 26.32 20.25
N GLY A 184 12.73 25.12 19.96
CA GLY A 184 14.14 24.97 19.70
C GLY A 184 14.64 25.80 18.54
N ARG A 185 13.78 26.04 17.56
CA ARG A 185 14.13 26.81 16.38
C ARG A 185 14.54 28.26 16.68
N TYR A 186 14.11 28.77 17.83
CA TYR A 186 14.44 30.14 18.20
C TYR A 186 15.75 30.25 19.00
N GLY A 187 16.38 29.11 19.27
CA GLY A 187 17.62 29.12 20.04
C GLY A 187 17.33 28.88 21.51
N ILE A 188 16.04 28.73 21.82
CA ILE A 188 15.59 28.48 23.19
C ILE A 188 15.83 26.99 23.50
N ARG A 189 16.23 26.71 24.74
CA ARG A 189 16.47 25.33 25.16
C ARG A 189 15.58 25.03 26.36
N ILE A 190 14.90 23.88 26.32
CA ILE A 190 14.01 23.46 27.40
C ILE A 190 14.37 22.03 27.78
N ASN A 191 14.83 21.85 29.01
CA ASN A 191 15.23 20.54 29.51
C ASN A 191 14.62 20.31 30.89
N ALA A 192 14.72 19.08 31.37
CA ALA A 192 14.19 18.76 32.69
C ALA A 192 15.24 18.02 33.51
N ILE A 193 15.18 18.19 34.82
CA ILE A 193 16.10 17.47 35.69
C ILE A 193 15.24 16.42 36.38
N ALA A 194 15.85 15.29 36.72
CA ALA A 194 15.13 14.21 37.39
C ALA A 194 15.88 13.87 38.67
N PRO A 195 15.72 14.70 39.70
CA PRO A 195 16.41 14.43 40.96
C PRO A 195 15.92 13.16 41.65
N GLY A 196 16.84 12.52 42.36
CA GLY A 196 16.50 11.31 43.08
C GLY A 196 16.44 11.64 44.56
N ALA A 197 17.16 10.87 45.36
CA ALA A 197 17.18 11.07 46.80
C ALA A 197 18.09 12.23 47.19
N ILE A 198 17.53 13.44 47.18
CA ILE A 198 18.27 14.65 47.55
C ILE A 198 17.69 15.08 48.90
N TRP A 199 18.53 15.33 49.90
CA TRP A 199 17.97 15.71 51.20
C TRP A 199 17.51 17.16 51.25
N THR A 200 16.21 17.33 51.12
CA THR A 200 15.55 18.63 51.14
C THR A 200 14.33 18.46 52.04
N PRO A 201 13.62 19.56 52.34
CA PRO A 201 12.44 19.44 53.19
C PRO A 201 11.38 18.49 52.62
N MET A 202 11.29 18.40 51.29
CA MET A 202 10.28 17.50 50.71
C MET A 202 10.61 16.05 51.00
N VAL A 203 11.88 15.67 50.83
CA VAL A 203 12.29 14.29 51.06
C VAL A 203 12.23 13.96 52.54
N GLU A 204 12.52 14.96 53.38
CA GLU A 204 12.46 14.77 54.82
C GLU A 204 11.04 14.40 55.21
N ASN A 205 10.06 15.12 54.66
CA ASN A 205 8.67 14.84 54.95
C ASN A 205 8.23 13.51 54.33
N SER A 206 8.82 13.17 53.19
CA SER A 206 8.48 11.92 52.52
C SER A 206 8.84 10.72 53.40
N MET A 207 10.02 10.77 54.03
CA MET A 207 10.44 9.68 54.90
C MET A 207 9.55 9.61 56.13
N LYS A 208 9.02 10.76 56.54
CA LYS A 208 8.13 10.84 57.69
C LYS A 208 6.86 10.07 57.32
N GLN A 209 6.42 10.22 56.07
CA GLN A 209 5.23 9.53 55.60
C GLN A 209 5.48 8.03 55.52
N LEU A 210 6.67 7.66 55.04
CA LEU A 210 7.05 6.26 54.88
C LEU A 210 7.02 5.51 56.21
N ASP A 211 7.58 6.10 57.25
CA ASP A 211 7.61 5.50 58.59
C ASP A 211 7.56 6.58 59.66
N PRO A 212 6.36 7.02 60.04
CA PRO A 212 6.18 8.06 61.06
C PRO A 212 6.91 7.78 62.38
N GLU A 213 6.87 6.53 62.83
CA GLU A 213 7.52 6.16 64.08
C GLU A 213 9.05 6.12 64.00
N ASN A 214 9.58 5.93 62.80
CA ASN A 214 11.03 5.87 62.62
C ASN A 214 11.43 6.37 61.23
N PRO A 215 11.30 7.68 60.98
CA PRO A 215 11.67 8.23 59.67
C PRO A 215 13.15 8.08 59.36
N ARG A 216 13.96 8.05 60.42
CA ARG A 216 15.40 7.93 60.27
C ARG A 216 15.76 6.56 59.71
N LYS A 217 15.08 5.52 60.21
CA LYS A 217 15.30 4.15 59.73
C LYS A 217 14.81 4.05 58.29
N ALA A 218 13.68 4.70 58.00
CA ALA A 218 13.12 4.67 56.66
C ALA A 218 14.11 5.27 55.67
N ALA A 219 14.71 6.40 56.02
CA ALA A 219 15.68 7.06 55.15
C ALA A 219 16.89 6.19 54.92
N GLU A 220 17.37 5.55 55.98
CA GLU A 220 18.53 4.68 55.90
C GLU A 220 18.30 3.52 54.95
N GLU A 221 17.15 2.86 55.08
CA GLU A 221 16.82 1.70 54.25
C GLU A 221 16.56 2.09 52.79
N PHE A 222 15.99 3.27 52.57
CA PHE A 222 15.68 3.71 51.21
C PHE A 222 16.92 3.91 50.34
N ILE A 223 18.01 4.39 50.94
CA ILE A 223 19.23 4.68 50.20
C ILE A 223 20.23 3.51 50.05
N GLN A 224 19.97 2.41 50.75
CA GLN A 224 20.87 1.26 50.69
C GLN A 224 21.16 0.74 49.29
N VAL A 225 20.14 0.72 48.44
CA VAL A 225 20.29 0.19 47.09
C VAL A 225 20.94 1.16 46.09
N ASN A 226 21.06 2.43 46.47
CA ASN A 226 21.65 3.43 45.58
C ASN A 226 23.11 3.15 45.27
N PRO A 227 23.49 3.19 43.98
CA PRO A 227 24.88 2.94 43.60
C PRO A 227 25.91 3.84 44.27
N SER A 228 25.54 5.09 44.56
CA SER A 228 26.47 6.03 45.19
C SER A 228 26.53 5.83 46.70
N LYS A 229 25.58 5.05 47.22
CA LYS A 229 25.49 4.73 48.65
C LYS A 229 25.31 5.94 49.57
N ARG A 230 24.73 7.02 49.05
CA ARG A 230 24.48 8.21 49.86
C ARG A 230 23.40 9.10 49.23
N TYR A 231 22.85 10.00 50.04
CA TYR A 231 21.85 10.94 49.57
C TYR A 231 22.60 12.07 48.87
N GLY A 232 21.95 12.73 47.93
CA GLY A 232 22.58 13.85 47.26
C GLY A 232 22.25 15.08 48.08
N GLU A 233 22.97 16.18 47.88
CA GLU A 233 22.67 17.42 48.61
C GLU A 233 22.17 18.46 47.62
N ALA A 234 21.40 19.43 48.12
CA ALA A 234 20.82 20.47 47.29
C ALA A 234 21.78 21.20 46.35
N PRO A 235 23.00 21.53 46.84
CA PRO A 235 23.95 22.23 45.95
C PRO A 235 24.38 21.39 44.75
N GLU A 236 24.24 20.06 44.85
CA GLU A 236 24.62 19.18 43.75
C GLU A 236 23.58 19.29 42.62
N ILE A 237 22.36 19.67 42.99
CA ILE A 237 21.30 19.84 41.99
C ILE A 237 21.49 21.23 41.39
N ALA A 238 21.76 22.21 42.25
CA ALA A 238 21.98 23.59 41.80
C ALA A 238 23.06 23.65 40.73
N ALA A 239 24.10 22.83 40.88
CA ALA A 239 25.21 22.81 39.93
C ALA A 239 24.75 22.36 38.53
N VAL A 240 23.87 21.36 38.49
CA VAL A 240 23.37 20.87 37.22
C VAL A 240 22.42 21.88 36.59
N VAL A 241 21.57 22.50 37.41
CA VAL A 241 20.65 23.50 36.90
C VAL A 241 21.40 24.71 36.36
N ALA A 242 22.48 25.10 37.02
CA ALA A 242 23.28 26.24 36.57
C ALA A 242 23.85 25.90 35.18
N PHE A 243 24.26 24.66 35.01
CA PHE A 243 24.80 24.20 33.72
C PHE A 243 23.72 24.31 32.66
N LEU A 244 22.54 23.76 32.94
CA LEU A 244 21.43 23.76 31.98
C LEU A 244 20.83 25.13 31.66
N LEU A 245 21.03 26.12 32.54
CA LEU A 245 20.51 27.45 32.28
C LEU A 245 21.56 28.36 31.67
N SER A 246 22.77 27.83 31.48
CA SER A 246 23.88 28.61 30.92
C SER A 246 24.14 28.33 29.44
N ASP A 247 25.08 29.08 28.86
CA ASP A 247 25.44 28.90 27.46
C ASP A 247 26.13 27.56 27.22
N ASP A 248 26.56 26.90 28.29
CA ASP A 248 27.22 25.60 28.14
C ASP A 248 26.23 24.54 27.66
N ALA A 249 24.94 24.82 27.82
CA ALA A 249 23.90 23.89 27.38
C ALA A 249 23.28 24.36 26.06
N SER A 250 24.03 25.15 25.30
CA SER A 250 23.51 25.69 24.05
C SER A 250 23.02 24.69 22.99
N TYR A 251 23.44 23.42 23.08
CA TYR A 251 22.95 22.44 22.11
C TYR A 251 22.26 21.25 22.80
N VAL A 252 21.94 21.43 24.08
CA VAL A 252 21.23 20.41 24.85
C VAL A 252 19.77 20.85 24.86
N ASN A 253 18.88 20.00 24.35
CA ASN A 253 17.46 20.34 24.28
C ASN A 253 16.56 19.11 24.41
N ALA A 254 15.40 19.30 25.04
CA ALA A 254 14.41 18.24 25.23
C ALA A 254 14.89 17.03 26.03
N THR A 255 15.95 17.18 26.80
CA THR A 255 16.49 16.06 27.57
C THR A 255 16.02 16.01 29.01
N VAL A 256 16.17 14.84 29.61
CA VAL A 256 15.84 14.63 31.03
C VAL A 256 17.18 14.19 31.61
N VAL A 257 17.66 14.93 32.60
CA VAL A 257 18.93 14.60 33.22
C VAL A 257 18.73 14.08 34.63
N PRO A 258 18.91 12.78 34.84
CA PRO A 258 18.73 12.25 36.20
C PRO A 258 19.91 12.67 37.07
N ILE A 259 19.61 13.03 38.32
CA ILE A 259 20.64 13.42 39.27
C ILE A 259 20.26 12.56 40.46
N ASP A 260 20.63 11.27 40.36
CA ASP A 260 20.24 10.28 41.35
C ASP A 260 21.30 9.27 41.77
N GLY A 261 22.57 9.59 41.57
CA GLY A 261 23.61 8.66 41.97
C GLY A 261 23.70 7.43 41.09
N GLY A 262 22.83 7.37 40.07
CA GLY A 262 22.82 6.26 39.14
C GLY A 262 21.74 5.20 39.33
N GLN A 263 20.80 5.44 40.23
CA GLN A 263 19.78 4.42 40.48
C GLN A 263 18.77 4.16 39.37
N SER A 264 18.39 5.17 38.60
CA SER A 264 17.42 4.95 37.55
C SER A 264 17.98 4.07 36.43
N ALA A 265 19.31 4.07 36.28
CA ALA A 265 19.96 3.27 35.25
C ALA A 265 20.25 1.85 35.72
N ALA A 266 20.22 1.63 37.03
CA ALA A 266 20.51 0.32 37.61
C ALA A 266 19.31 -0.62 37.57
N TYR A 267 19.55 -1.89 37.29
CA TYR A 267 18.46 -2.86 37.26
C TYR A 267 18.07 -3.22 38.70
N ARG B 10 -1.30 -19.59 14.86
CA ARG B 10 -0.77 -18.41 14.11
C ARG B 10 0.45 -18.79 13.28
N PHE B 11 0.92 -20.02 13.43
CA PHE B 11 2.11 -20.47 12.72
C PHE B 11 1.97 -21.66 11.79
N THR B 12 0.76 -21.97 11.38
CA THR B 12 0.54 -23.11 10.49
C THR B 12 1.40 -23.00 9.23
N ASP B 13 2.25 -24.00 9.03
CA ASP B 13 3.16 -24.07 7.89
C ASP B 13 4.23 -22.98 7.81
N ARG B 14 4.38 -22.19 8.87
CA ARG B 14 5.39 -21.13 8.88
C ARG B 14 6.71 -21.69 9.38
N VAL B 15 7.81 -21.28 8.75
CA VAL B 15 9.13 -21.77 9.13
C VAL B 15 9.87 -20.83 10.08
N VAL B 16 10.21 -21.34 11.25
CA VAL B 16 10.92 -20.51 12.24
C VAL B 16 12.29 -21.10 12.56
N LEU B 17 13.30 -20.26 12.45
CA LEU B 17 14.69 -20.61 12.73
C LEU B 17 15.06 -20.10 14.11
N ILE B 18 15.59 -20.98 14.96
CA ILE B 18 15.97 -20.62 16.32
C ILE B 18 17.40 -20.98 16.70
N THR B 19 18.22 -20.00 17.06
CA THR B 19 19.59 -20.30 17.48
C THR B 19 19.53 -20.46 19.00
N GLY B 20 20.43 -21.27 19.54
CA GLY B 20 20.40 -21.54 20.97
C GLY B 20 19.15 -22.37 21.24
N GLY B 21 18.72 -23.11 20.23
CA GLY B 21 17.52 -23.92 20.35
C GLY B 21 17.67 -25.23 21.09
N GLY B 22 18.85 -25.49 21.65
CA GLY B 22 19.05 -26.73 22.37
C GLY B 22 18.83 -26.64 23.86
N SER B 23 18.32 -25.50 24.34
CA SER B 23 18.09 -25.33 25.77
C SER B 23 17.28 -24.08 26.13
N GLY B 24 16.93 -23.97 27.40
CA GLY B 24 16.21 -22.82 27.93
C GLY B 24 15.14 -22.14 27.11
N LEU B 25 15.33 -20.84 26.87
CA LEU B 25 14.37 -20.05 26.11
C LEU B 25 14.20 -20.56 24.68
N GLY B 26 15.28 -20.99 24.06
CA GLY B 26 15.20 -21.50 22.70
C GLY B 26 14.31 -22.72 22.61
N ARG B 27 14.44 -23.62 23.59
CA ARG B 27 13.65 -24.84 23.62
C ARG B 27 12.19 -24.54 23.93
N ALA B 28 11.94 -23.70 24.95
CA ALA B 28 10.57 -23.35 25.31
C ALA B 28 9.86 -22.69 24.14
N THR B 29 10.57 -21.86 23.41
CA THR B 29 9.99 -21.17 22.26
C THR B 29 9.68 -22.19 21.16
N ALA B 30 10.56 -23.17 20.98
CA ALA B 30 10.36 -24.21 19.96
C ALA B 30 9.07 -24.96 20.25
N VAL B 31 8.88 -25.31 21.51
CA VAL B 31 7.69 -26.04 21.93
C VAL B 31 6.41 -25.24 21.71
N ARG B 32 6.42 -23.95 22.08
CA ARG B 32 5.25 -23.09 21.92
C ARG B 32 4.90 -22.90 20.44
N LEU B 33 5.92 -22.65 19.62
CA LEU B 33 5.70 -22.45 18.20
C LEU B 33 5.19 -23.72 17.53
N ALA B 34 5.70 -24.87 17.96
CA ALA B 34 5.27 -26.15 17.39
C ALA B 34 3.79 -26.36 17.72
N ALA B 35 3.39 -25.99 18.94
CA ALA B 35 2.00 -26.11 19.34
C ALA B 35 1.12 -25.25 18.44
N GLU B 36 1.69 -24.18 17.91
CA GLU B 36 0.93 -23.29 17.03
C GLU B 36 1.04 -23.66 15.55
N GLY B 37 1.62 -24.83 15.28
CA GLY B 37 1.74 -25.32 13.92
C GLY B 37 3.01 -25.05 13.13
N ALA B 38 4.00 -24.42 13.76
CA ALA B 38 5.23 -24.09 13.05
C ALA B 38 6.14 -25.25 12.64
N LYS B 39 6.93 -25.00 11.60
CA LYS B 39 7.94 -25.94 11.12
C LYS B 39 9.18 -25.31 11.76
N LEU B 40 10.07 -26.13 12.29
CA LEU B 40 11.24 -25.60 13.00
C LEU B 40 12.62 -26.01 12.52
N SER B 41 13.56 -25.09 12.64
CA SER B 41 14.96 -25.32 12.32
C SER B 41 15.70 -24.85 13.56
N LEU B 42 16.25 -25.79 14.32
CA LEU B 42 16.95 -25.46 15.55
C LEU B 42 18.46 -25.52 15.38
N VAL B 43 19.16 -24.52 15.90
CA VAL B 43 20.61 -24.43 15.79
C VAL B 43 21.26 -24.28 17.17
N ASP B 44 22.35 -24.99 17.41
CA ASP B 44 23.05 -24.94 18.69
C ASP B 44 24.40 -25.62 18.55
N VAL B 45 25.32 -25.35 19.48
CA VAL B 45 26.63 -25.99 19.44
C VAL B 45 26.52 -27.38 20.06
N SER B 46 25.47 -27.60 20.84
CA SER B 46 25.25 -28.88 21.53
C SER B 46 24.27 -29.81 20.81
N SER B 47 24.77 -30.92 20.29
CA SER B 47 23.93 -31.90 19.61
C SER B 47 23.04 -32.59 20.64
N GLU B 48 23.54 -32.69 21.87
CA GLU B 48 22.79 -33.31 22.95
C GLU B 48 21.57 -32.46 23.27
N GLY B 49 21.77 -31.14 23.32
CA GLY B 49 20.67 -30.23 23.60
C GLY B 49 19.65 -30.24 22.48
N LEU B 50 20.14 -30.24 21.24
CA LEU B 50 19.24 -30.24 20.09
C LEU B 50 18.36 -31.49 20.09
N GLU B 51 18.94 -32.64 20.42
CA GLU B 51 18.20 -33.90 20.47
C GLU B 51 17.07 -33.84 21.50
N ALA B 52 17.37 -33.26 22.67
CA ALA B 52 16.38 -33.13 23.73
C ALA B 52 15.28 -32.14 23.38
N SER B 53 15.63 -31.06 22.68
CA SER B 53 14.64 -30.06 22.29
C SER B 53 13.68 -30.62 21.25
N LYS B 54 14.21 -31.42 20.32
CA LYS B 54 13.37 -32.02 19.29
C LYS B 54 12.39 -33.00 19.95
N ALA B 55 12.88 -33.75 20.93
CA ALA B 55 12.06 -34.71 21.65
C ALA B 55 10.96 -33.98 22.42
N ALA B 56 11.31 -32.84 23.01
CA ALA B 56 10.35 -32.05 23.77
C ALA B 56 9.27 -31.53 22.83
N VAL B 57 9.68 -31.13 21.63
CA VAL B 57 8.75 -30.62 20.63
C VAL B 57 7.75 -31.70 20.19
N LEU B 58 8.28 -32.87 19.86
CA LEU B 58 7.42 -33.97 19.41
C LEU B 58 6.43 -34.46 20.47
N GLU B 59 6.72 -34.19 21.74
CA GLU B 59 5.82 -34.59 22.82
C GLU B 59 4.56 -33.71 22.78
N THR B 60 4.73 -32.48 22.34
CA THR B 60 3.65 -31.51 22.25
C THR B 60 2.99 -31.55 20.86
N ALA B 61 3.80 -31.74 19.83
CA ALA B 61 3.31 -31.79 18.46
C ALA B 61 3.95 -32.95 17.71
N PRO B 62 3.35 -34.16 17.82
CA PRO B 62 3.84 -35.37 17.17
C PRO B 62 4.13 -35.28 15.66
N ASP B 63 3.36 -34.46 14.95
CA ASP B 63 3.54 -34.32 13.50
C ASP B 63 4.46 -33.18 13.10
N ALA B 64 5.01 -32.48 14.08
CA ALA B 64 5.89 -31.35 13.80
C ALA B 64 7.15 -31.73 13.02
N GLU B 65 7.54 -30.87 12.09
CA GLU B 65 8.73 -31.07 11.28
C GLU B 65 9.84 -30.26 11.93
N VAL B 66 10.85 -30.96 12.44
CA VAL B 66 11.97 -30.31 13.14
C VAL B 66 13.33 -30.67 12.57
N LEU B 67 14.07 -29.65 12.15
CA LEU B 67 15.42 -29.86 11.63
C LEU B 67 16.38 -29.36 12.70
N THR B 68 17.49 -30.08 12.89
CA THR B 68 18.49 -29.67 13.87
C THR B 68 19.84 -29.56 13.17
N THR B 69 20.59 -28.52 13.53
CA THR B 69 21.90 -28.27 12.94
C THR B 69 22.88 -27.79 14.01
N VAL B 70 24.08 -28.38 14.01
CA VAL B 70 25.10 -27.98 14.97
C VAL B 70 25.94 -26.88 14.33
N ALA B 71 26.02 -25.73 14.99
CA ALA B 71 26.77 -24.60 14.46
C ALA B 71 27.14 -23.61 15.55
N ASP B 72 28.29 -22.96 15.38
CA ASP B 72 28.80 -21.96 16.31
C ASP B 72 28.47 -20.59 15.69
N VAL B 73 27.56 -19.85 16.33
CA VAL B 73 27.13 -18.56 15.81
C VAL B 73 28.21 -17.48 15.68
N SER B 74 29.34 -17.67 16.34
CA SER B 74 30.43 -16.70 16.26
C SER B 74 31.29 -16.90 15.01
N ASP B 75 31.04 -18.00 14.29
CA ASP B 75 31.80 -18.35 13.09
C ASP B 75 30.92 -18.08 11.86
N GLU B 76 31.31 -17.08 11.06
CA GLU B 76 30.54 -16.71 9.88
C GLU B 76 30.25 -17.87 8.92
N ALA B 77 31.22 -18.73 8.71
CA ALA B 77 31.04 -19.87 7.82
C ALA B 77 29.96 -20.81 8.34
N GLN B 78 29.92 -20.98 9.66
CA GLN B 78 28.91 -21.85 10.27
C GLN B 78 27.53 -21.20 10.29
N VAL B 79 27.50 -19.87 10.28
CA VAL B 79 26.22 -19.17 10.26
C VAL B 79 25.62 -19.39 8.87
N GLU B 80 26.44 -19.22 7.83
CA GLU B 80 25.94 -19.44 6.48
C GLU B 80 25.46 -20.90 6.36
N ALA B 81 26.16 -21.79 7.04
CA ALA B 81 25.83 -23.21 7.03
C ALA B 81 24.45 -23.52 7.61
N TYR B 82 24.11 -22.92 8.76
CA TYR B 82 22.80 -23.20 9.34
C TYR B 82 21.68 -22.52 8.57
N VAL B 83 21.99 -21.41 7.89
CA VAL B 83 20.99 -20.72 7.11
C VAL B 83 20.71 -21.55 5.85
N THR B 84 21.76 -22.06 5.21
CA THR B 84 21.64 -22.89 4.02
C THR B 84 20.87 -24.18 4.34
N ALA B 85 21.19 -24.79 5.48
CA ALA B 85 20.53 -26.02 5.89
C ALA B 85 19.02 -25.80 6.03
N THR B 86 18.65 -24.65 6.56
CA THR B 86 17.25 -24.29 6.78
C THR B 86 16.49 -24.07 5.48
N THR B 87 17.08 -23.31 4.57
CA THR B 87 16.43 -23.02 3.28
C THR B 87 16.37 -24.24 2.37
N GLU B 88 17.35 -25.13 2.45
CA GLU B 88 17.33 -26.33 1.61
C GLU B 88 16.24 -27.28 2.09
N ARG B 89 15.98 -27.27 3.39
CA ARG B 89 14.96 -28.15 3.97
C ARG B 89 13.55 -27.60 3.84
N PHE B 90 13.38 -26.32 4.15
CA PHE B 90 12.07 -25.69 4.12
C PHE B 90 11.77 -24.69 3.00
N GLY B 91 12.80 -24.24 2.31
CA GLY B 91 12.59 -23.30 1.21
C GLY B 91 12.33 -21.84 1.52
N ARG B 92 12.31 -21.50 2.80
CA ARG B 92 12.06 -20.12 3.20
C ARG B 92 12.28 -19.97 4.71
N ILE B 93 12.28 -18.72 5.18
CA ILE B 93 12.43 -18.43 6.61
C ILE B 93 11.43 -17.34 6.96
N ASP B 94 10.38 -17.70 7.72
CA ASP B 94 9.34 -16.76 8.11
C ASP B 94 9.62 -16.07 9.43
N GLY B 95 10.23 -16.79 10.37
CA GLY B 95 10.55 -16.23 11.66
C GLY B 95 11.98 -16.58 12.06
N PHE B 96 12.63 -15.66 12.78
CA PHE B 96 14.00 -15.88 13.22
C PHE B 96 14.17 -15.42 14.67
N PHE B 97 14.47 -16.37 15.55
CA PHE B 97 14.70 -16.08 16.97
C PHE B 97 16.23 -16.16 17.11
N ASN B 98 16.85 -14.99 17.03
CA ASN B 98 18.32 -14.77 17.12
C ASN B 98 18.56 -14.75 18.63
N ASN B 99 18.72 -15.95 19.19
CA ASN B 99 18.78 -16.14 20.62
C ASN B 99 20.03 -16.67 21.36
N ALA B 100 20.94 -17.35 20.66
CA ALA B 100 22.13 -17.92 21.30
C ALA B 100 22.94 -16.91 22.12
N GLY B 101 23.47 -17.35 23.26
CA GLY B 101 24.27 -16.47 24.09
C GLY B 101 24.83 -17.12 25.35
N ILE B 102 25.85 -16.48 25.93
CA ILE B 102 26.48 -16.95 27.18
C ILE B 102 26.54 -15.76 28.15
N GLU B 103 26.77 -16.04 29.43
CA GLU B 103 26.83 -14.96 30.41
C GLU B 103 28.21 -14.33 30.53
N GLY B 104 29.22 -15.16 30.71
CA GLY B 104 30.57 -14.65 30.89
C GLY B 104 30.88 -14.67 32.38
N LYS B 105 32.16 -14.78 32.73
CA LYS B 105 32.57 -14.82 34.13
C LYS B 105 32.40 -13.46 34.80
N GLN B 106 31.68 -13.44 35.92
CA GLN B 106 31.42 -12.22 36.68
C GLN B 106 32.68 -11.62 37.30
N ASN B 107 32.83 -10.31 37.20
CA ASN B 107 33.99 -9.59 37.73
C ASN B 107 33.79 -8.10 37.51
N PRO B 108 34.31 -7.26 38.42
CA PRO B 108 34.19 -5.81 38.29
C PRO B 108 34.95 -5.42 37.02
N THR B 109 34.66 -4.24 36.48
CA THR B 109 35.32 -3.81 35.24
C THR B 109 36.84 -3.94 35.21
N GLU B 110 37.52 -3.50 36.26
CA GLU B 110 38.99 -3.56 36.29
C GLU B 110 39.58 -4.97 36.31
N SER B 111 38.75 -5.97 36.58
CA SER B 111 39.20 -7.36 36.65
C SER B 111 38.47 -8.28 35.67
N PHE B 112 37.68 -7.72 34.76
CA PHE B 112 36.91 -8.54 33.83
C PHE B 112 37.75 -9.30 32.79
N THR B 113 38.87 -8.68 32.40
CA THR B 113 39.82 -9.20 31.41
C THR B 113 39.36 -9.05 29.97
N ALA B 114 40.29 -8.70 29.09
CA ALA B 114 40.01 -8.54 27.67
C ALA B 114 39.62 -9.85 27.02
N ALA B 115 40.23 -10.94 27.45
CA ALA B 115 39.93 -12.25 26.89
C ALA B 115 38.46 -12.61 27.09
N GLU B 116 37.96 -12.43 28.31
CA GLU B 116 36.57 -12.74 28.59
C GLU B 116 35.62 -11.77 27.87
N PHE B 117 36.02 -10.50 27.80
CA PHE B 117 35.21 -9.50 27.12
C PHE B 117 35.06 -9.90 25.65
N ASP B 118 36.18 -10.27 25.03
CA ASP B 118 36.17 -10.67 23.62
C ASP B 118 35.33 -11.92 23.38
N LYS B 119 35.37 -12.85 24.33
CA LYS B 119 34.60 -14.09 24.22
C LYS B 119 33.10 -13.83 24.23
N VAL B 120 32.64 -13.04 25.20
CA VAL B 120 31.22 -12.73 25.31
C VAL B 120 30.74 -11.93 24.11
N VAL B 121 31.54 -10.98 23.64
CA VAL B 121 31.16 -10.16 22.51
C VAL B 121 31.05 -10.97 21.22
N SER B 122 31.97 -11.92 21.03
CA SER B 122 31.98 -12.74 19.82
C SER B 122 30.72 -13.58 19.65
N ILE B 123 30.20 -14.11 20.76
CA ILE B 123 29.00 -14.95 20.70
C ILE B 123 27.71 -14.13 20.78
N ASN B 124 27.58 -13.33 21.82
CA ASN B 124 26.39 -12.53 22.06
C ASN B 124 26.11 -11.37 21.11
N LEU B 125 27.15 -10.71 20.64
CA LEU B 125 26.95 -9.57 19.73
C LEU B 125 27.25 -9.94 18.29
N ARG B 126 28.47 -10.40 18.03
CA ARG B 126 28.84 -10.76 16.66
C ARG B 126 27.93 -11.84 16.09
N GLY B 127 27.59 -12.82 16.92
CA GLY B 127 26.71 -13.89 16.47
C GLY B 127 25.36 -13.35 16.02
N VAL B 128 24.83 -12.41 16.77
CA VAL B 128 23.55 -11.80 16.43
C VAL B 128 23.68 -11.01 15.13
N PHE B 129 24.79 -10.28 14.98
CA PHE B 129 25.02 -9.52 13.75
C PHE B 129 25.05 -10.46 12.54
N LEU B 130 25.85 -11.52 12.65
CA LEU B 130 25.99 -12.47 11.54
C LEU B 130 24.65 -13.07 11.15
N GLY B 131 23.85 -13.46 12.15
CA GLY B 131 22.55 -14.04 11.86
C GLY B 131 21.69 -13.06 11.06
N LEU B 132 21.70 -11.80 11.49
CA LEU B 132 20.92 -10.77 10.81
C LEU B 132 21.43 -10.55 9.39
N GLU B 133 22.75 -10.48 9.24
CA GLU B 133 23.34 -10.26 7.92
C GLU B 133 22.90 -11.31 6.91
N LYS B 134 22.86 -12.57 7.32
CA LYS B 134 22.49 -13.64 6.41
C LYS B 134 20.97 -13.82 6.24
N VAL B 135 20.22 -13.76 7.35
CA VAL B 135 18.78 -13.94 7.27
C VAL B 135 17.99 -12.78 6.67
N LEU B 136 18.40 -11.55 6.93
CA LEU B 136 17.67 -10.41 6.39
C LEU B 136 17.69 -10.34 4.86
N LYS B 137 18.74 -10.88 4.24
CA LYS B 137 18.81 -10.88 2.78
C LYS B 137 17.67 -11.74 2.25
N ILE B 138 17.52 -12.92 2.83
CA ILE B 138 16.47 -13.86 2.44
C ILE B 138 15.08 -13.28 2.70
N MET B 139 14.89 -12.64 3.86
CA MET B 139 13.59 -12.06 4.16
C MET B 139 13.25 -10.92 3.21
N ARG B 140 14.24 -10.11 2.84
CA ARG B 140 13.97 -9.00 1.92
C ARG B 140 13.52 -9.55 0.57
N GLU B 141 14.16 -10.63 0.12
CA GLU B 141 13.80 -11.24 -1.15
C GLU B 141 12.39 -11.81 -1.08
N GLN B 142 12.00 -12.28 0.10
CA GLN B 142 10.68 -12.84 0.33
C GLN B 142 9.62 -11.75 0.42
N GLY B 143 10.06 -10.56 0.84
CA GLY B 143 9.12 -9.46 1.02
C GLY B 143 8.38 -9.64 2.33
N SER B 144 8.91 -10.48 3.21
CA SER B 144 8.28 -10.73 4.51
C SER B 144 9.23 -11.41 5.48
N GLY B 145 8.89 -11.32 6.77
CA GLY B 145 9.72 -11.94 7.79
C GLY B 145 9.63 -11.23 9.13
N MET B 146 9.77 -12.00 10.21
CA MET B 146 9.73 -11.46 11.55
C MET B 146 10.98 -11.91 12.29
N VAL B 147 11.61 -11.00 13.02
CA VAL B 147 12.83 -11.34 13.75
C VAL B 147 12.76 -10.87 15.20
N VAL B 148 13.29 -11.70 16.10
CA VAL B 148 13.35 -11.35 17.51
C VAL B 148 14.78 -11.62 17.97
N ASN B 149 15.46 -10.58 18.44
CA ASN B 149 16.82 -10.74 18.93
C ASN B 149 16.71 -10.79 20.45
N THR B 150 17.42 -11.71 21.06
CA THR B 150 17.37 -11.81 22.52
C THR B 150 18.40 -10.89 23.17
N ALA B 151 17.92 -9.85 23.82
CA ALA B 151 18.79 -8.93 24.54
C ALA B 151 18.74 -9.41 25.98
N SER B 152 18.44 -8.50 26.90
CA SER B 152 18.37 -8.79 28.33
C SER B 152 18.08 -7.49 29.04
N VAL B 153 17.68 -7.56 30.31
CA VAL B 153 17.44 -6.32 31.06
C VAL B 153 18.83 -5.68 31.18
N GLY B 154 19.87 -6.50 31.07
CA GLY B 154 21.23 -6.01 31.15
C GLY B 154 21.62 -5.31 29.85
N GLY B 155 20.67 -5.28 28.93
CA GLY B 155 20.87 -4.62 27.65
C GLY B 155 20.21 -3.25 27.63
N ILE B 156 19.52 -2.90 28.72
CA ILE B 156 18.87 -1.60 28.84
C ILE B 156 19.11 -0.96 30.20
N ARG B 157 19.75 -1.72 31.10
CA ARG B 157 20.06 -1.24 32.45
C ARG B 157 21.42 -1.79 32.88
N GLY B 158 21.95 -1.28 33.98
CA GLY B 158 23.23 -1.74 34.48
C GLY B 158 23.05 -2.71 35.64
N ILE B 159 23.50 -3.95 35.46
CA ILE B 159 23.39 -4.96 36.50
C ILE B 159 24.60 -4.98 37.43
N GLY B 160 25.78 -4.76 36.85
CA GLY B 160 27.00 -4.77 37.63
C GLY B 160 27.75 -6.09 37.50
N ASN B 161 29.08 -6.01 37.48
CA ASN B 161 29.96 -7.17 37.38
C ASN B 161 29.84 -7.96 36.07
N GLN B 162 29.29 -7.33 35.04
CA GLN B 162 29.14 -8.01 33.76
C GLN B 162 29.47 -7.11 32.56
N SER B 163 30.68 -6.57 32.54
CA SER B 163 31.12 -5.70 31.46
C SER B 163 30.84 -6.27 30.07
N GLY B 164 31.25 -7.51 29.84
CA GLY B 164 31.05 -8.13 28.54
C GLY B 164 29.60 -8.30 28.16
N TYR B 165 28.81 -8.84 29.09
CA TYR B 165 27.39 -9.07 28.85
C TYR B 165 26.64 -7.76 28.61
N ALA B 166 26.90 -6.77 29.47
CA ALA B 166 26.26 -5.47 29.35
C ALA B 166 26.56 -4.81 28.01
N ALA B 167 27.82 -4.86 27.60
CA ALA B 167 28.22 -4.27 26.33
C ALA B 167 27.57 -5.03 25.16
N ALA B 168 27.64 -6.36 25.21
CA ALA B 168 27.09 -7.17 24.14
C ALA B 168 25.57 -7.07 24.02
N LYS B 169 24.86 -7.16 25.14
CA LYS B 169 23.41 -7.09 25.10
C LYS B 169 22.88 -5.70 24.75
N HIS B 170 23.61 -4.65 25.14
CA HIS B 170 23.18 -3.30 24.75
C HIS B 170 23.40 -3.24 23.24
N GLY B 171 24.49 -3.88 22.80
CA GLY B 171 24.82 -3.92 21.38
C GLY B 171 23.72 -4.57 20.57
N VAL B 172 23.10 -5.62 21.13
CA VAL B 172 22.01 -6.31 20.45
C VAL B 172 20.82 -5.37 20.26
N VAL B 173 20.57 -4.52 21.24
CA VAL B 173 19.47 -3.56 21.15
C VAL B 173 19.80 -2.60 20.00
N GLY B 174 21.08 -2.21 19.90
CA GLY B 174 21.50 -1.32 18.84
C GLY B 174 21.28 -1.93 17.47
N LEU B 175 21.63 -3.20 17.32
CA LEU B 175 21.45 -3.89 16.03
C LEU B 175 19.97 -3.96 15.70
N THR B 176 19.15 -4.18 16.73
CA THR B 176 17.71 -4.26 16.56
C THR B 176 17.16 -2.94 16.03
N ARG B 177 17.53 -1.83 16.67
CA ARG B 177 17.05 -0.52 16.24
C ARG B 177 17.55 -0.12 14.85
N ASN B 178 18.83 -0.32 14.59
CA ASN B 178 19.40 0.06 13.29
C ASN B 178 18.82 -0.79 12.15
N SER B 179 18.79 -2.11 12.32
CA SER B 179 18.25 -2.98 11.28
C SER B 179 16.76 -2.74 11.06
N ALA B 180 16.02 -2.52 12.13
CA ALA B 180 14.58 -2.27 12.03
C ALA B 180 14.29 -1.04 11.17
N VAL B 181 15.12 -0.02 11.30
CA VAL B 181 14.93 1.21 10.53
C VAL B 181 15.19 0.96 9.05
N GLU B 182 16.15 0.07 8.76
CA GLU B 182 16.50 -0.25 7.38
C GLU B 182 15.50 -1.15 6.65
N TYR B 183 15.04 -2.20 7.32
CA TYR B 183 14.13 -3.18 6.71
C TYR B 183 12.63 -3.06 6.92
N GLY B 184 12.20 -2.12 7.76
CA GLY B 184 10.78 -1.96 7.99
C GLY B 184 9.97 -1.69 6.74
N ARG B 185 10.59 -1.08 5.75
CA ARG B 185 9.89 -0.73 4.51
C ARG B 185 9.45 -1.94 3.68
N TYR B 186 10.04 -3.10 3.95
CA TYR B 186 9.70 -4.32 3.22
C TYR B 186 8.61 -5.14 3.93
N GLY B 187 8.15 -4.66 5.07
CA GLY B 187 7.13 -5.38 5.82
C GLY B 187 7.75 -6.25 6.89
N ILE B 188 9.09 -6.26 6.92
CA ILE B 188 9.83 -7.04 7.89
C ILE B 188 9.80 -6.31 9.23
N ARG B 189 9.73 -7.05 10.32
CA ARG B 189 9.72 -6.46 11.65
C ARG B 189 10.85 -7.10 12.45
N ILE B 190 11.62 -6.25 13.13
CA ILE B 190 12.74 -6.69 13.94
C ILE B 190 12.59 -6.05 15.31
N ASN B 191 12.47 -6.90 16.32
CA ASN B 191 12.30 -6.43 17.70
C ASN B 191 13.20 -7.22 18.62
N ALA B 192 13.31 -6.78 19.86
CA ALA B 192 14.15 -7.47 20.82
C ALA B 192 13.38 -7.73 22.11
N ILE B 193 13.72 -8.81 22.80
CA ILE B 193 13.11 -9.08 24.09
C ILE B 193 14.20 -8.83 25.12
N ALA B 194 13.79 -8.36 26.29
CA ALA B 194 14.74 -8.08 27.37
C ALA B 194 14.33 -8.88 28.59
N PRO B 195 14.61 -10.19 28.59
CA PRO B 195 14.22 -11.00 29.74
C PRO B 195 14.97 -10.63 31.01
N GLY B 196 14.28 -10.77 32.15
CA GLY B 196 14.89 -10.50 33.44
C GLY B 196 15.25 -11.82 34.10
N ALA B 197 14.84 -11.98 35.35
CA ALA B 197 15.13 -13.19 36.10
C ALA B 197 14.20 -14.33 35.70
N ILE B 198 14.60 -15.10 34.70
CA ILE B 198 13.84 -16.24 34.22
C ILE B 198 14.62 -17.48 34.66
N TRP B 199 13.95 -18.45 35.25
CA TRP B 199 14.66 -19.64 35.71
C TRP B 199 15.03 -20.58 34.57
N THR B 200 16.23 -20.38 34.03
CA THR B 200 16.77 -21.18 32.93
C THR B 200 18.16 -21.65 33.34
N PRO B 201 18.80 -22.50 32.52
CA PRO B 201 20.14 -22.97 32.88
C PRO B 201 21.17 -21.84 33.06
N MET B 202 21.07 -20.80 32.23
CA MET B 202 22.01 -19.69 32.34
C MET B 202 21.85 -18.96 33.67
N VAL B 203 20.61 -18.66 34.03
CA VAL B 203 20.35 -17.96 35.29
C VAL B 203 20.71 -18.82 36.50
N GLU B 204 20.47 -20.12 36.41
CA GLU B 204 20.82 -21.01 37.52
C GLU B 204 22.33 -20.94 37.73
N ASN B 205 23.08 -20.99 36.62
CA ASN B 205 24.53 -20.93 36.69
C ASN B 205 25.00 -19.55 37.15
N SER B 206 24.25 -18.52 36.78
CA SER B 206 24.59 -17.15 37.17
C SER B 206 24.56 -17.03 38.69
N MET B 207 23.55 -17.63 39.31
CA MET B 207 23.43 -17.58 40.77
C MET B 207 24.56 -18.38 41.41
N LYS B 208 25.04 -19.39 40.69
CA LYS B 208 26.14 -20.23 41.14
C LYS B 208 27.39 -19.35 41.22
N GLN B 209 27.53 -18.43 40.27
CA GLN B 209 28.67 -17.52 40.24
C GLN B 209 28.59 -16.51 41.38
N LEU B 210 27.39 -15.96 41.56
CA LEU B 210 27.14 -14.95 42.58
C LEU B 210 27.53 -15.43 43.97
N ASP B 211 27.14 -16.66 44.30
CA ASP B 211 27.47 -17.25 45.61
C ASP B 211 27.68 -18.75 45.45
N PRO B 212 28.93 -19.15 45.15
CA PRO B 212 29.27 -20.57 44.97
C PRO B 212 28.92 -21.45 46.17
N GLU B 213 29.02 -20.87 47.37
CA GLU B 213 28.74 -21.61 48.59
C GLU B 213 27.24 -21.80 48.86
N ASN B 214 26.42 -20.86 48.39
CA ASN B 214 24.98 -20.97 48.60
C ASN B 214 24.21 -20.33 47.44
N PRO B 215 24.14 -21.03 46.30
CA PRO B 215 23.40 -20.46 45.16
C PRO B 215 21.91 -20.26 45.42
N ARG B 216 21.33 -21.08 46.29
CA ARG B 216 19.90 -20.93 46.60
C ARG B 216 19.66 -19.59 47.28
N LYS B 217 20.51 -19.25 48.24
CA LYS B 217 20.40 -18.00 48.96
C LYS B 217 20.57 -16.82 48.01
N ALA B 218 21.51 -16.93 47.08
CA ALA B 218 21.77 -15.87 46.11
C ALA B 218 20.52 -15.64 45.25
N ALA B 219 19.92 -16.73 44.80
CA ALA B 219 18.72 -16.67 43.97
C ALA B 219 17.56 -16.02 44.71
N GLU B 220 17.33 -16.44 45.95
CA GLU B 220 16.24 -15.90 46.75
C GLU B 220 16.42 -14.41 47.02
N GLU B 221 17.65 -14.02 47.32
CA GLU B 221 17.97 -12.63 47.62
C GLU B 221 17.80 -11.74 46.39
N PHE B 222 18.21 -12.25 45.23
CA PHE B 222 18.13 -11.49 43.98
C PHE B 222 16.71 -11.09 43.60
N ILE B 223 15.76 -11.99 43.82
CA ILE B 223 14.38 -11.75 43.42
C ILE B 223 13.51 -10.98 44.43
N GLN B 224 14.03 -10.73 45.62
CA GLN B 224 13.27 -10.02 46.64
C GLN B 224 12.73 -8.66 46.22
N VAL B 225 13.52 -7.89 45.47
CA VAL B 225 13.12 -6.55 45.05
C VAL B 225 12.20 -6.50 43.82
N ASN B 226 12.02 -7.62 43.14
CA ASN B 226 11.17 -7.64 41.95
C ASN B 226 9.70 -7.39 42.28
N PRO B 227 9.04 -6.47 41.53
CA PRO B 227 7.64 -6.13 41.76
C PRO B 227 6.68 -7.33 41.73
N SER B 228 7.00 -8.33 40.91
CA SER B 228 6.16 -9.52 40.80
C SER B 228 6.46 -10.55 41.88
N LYS B 229 7.54 -10.33 42.63
CA LYS B 229 7.96 -11.20 43.74
C LYS B 229 8.21 -12.66 43.38
N ARG B 230 8.57 -12.92 42.13
CA ARG B 230 8.86 -14.29 41.71
C ARG B 230 9.68 -14.29 40.43
N TYR B 231 10.30 -15.45 40.16
CA TYR B 231 11.09 -15.64 38.96
C TYR B 231 10.10 -15.93 37.84
N GLY B 232 10.49 -15.62 36.61
CA GLY B 232 9.62 -15.94 35.49
C GLY B 232 10.01 -17.33 35.02
N GLU B 233 9.16 -17.96 34.21
CA GLU B 233 9.45 -19.30 33.70
C GLU B 233 9.64 -19.20 32.19
N ALA B 234 10.38 -20.15 31.62
CA ALA B 234 10.67 -20.15 30.18
C ALA B 234 9.45 -20.01 29.26
N PRO B 235 8.35 -20.73 29.56
CA PRO B 235 7.18 -20.61 28.69
C PRO B 235 6.60 -19.19 28.66
N GLU B 236 6.86 -18.40 29.70
CA GLU B 236 6.37 -17.03 29.76
C GLU B 236 7.13 -16.16 28.75
N ILE B 237 8.36 -16.56 28.44
CA ILE B 237 9.17 -15.84 27.46
C ILE B 237 8.73 -16.31 26.08
N ALA B 238 8.52 -17.62 25.96
CA ALA B 238 8.10 -18.20 24.70
C ALA B 238 6.80 -17.58 24.20
N ALA B 239 5.90 -17.27 25.13
CA ALA B 239 4.62 -16.66 24.78
C ALA B 239 4.79 -15.27 24.16
N VAL B 240 5.78 -14.53 24.63
CA VAL B 240 6.03 -13.18 24.11
C VAL B 240 6.72 -13.30 22.75
N VAL B 241 7.65 -14.24 22.62
CA VAL B 241 8.36 -14.41 21.37
C VAL B 241 7.38 -14.87 20.28
N ALA B 242 6.43 -15.73 20.66
CA ALA B 242 5.44 -16.21 19.70
C ALA B 242 4.63 -15.03 19.19
N PHE B 243 4.29 -14.10 20.08
CA PHE B 243 3.55 -12.91 19.69
C PHE B 243 4.35 -12.08 18.68
N LEU B 244 5.60 -11.78 19.04
CA LEU B 244 6.47 -10.97 18.19
C LEU B 244 6.87 -11.59 16.86
N LEU B 245 6.71 -12.90 16.72
CA LEU B 245 7.04 -13.55 15.44
C LEU B 245 5.79 -13.80 14.59
N SER B 246 4.63 -13.48 15.16
CA SER B 246 3.34 -13.68 14.48
C SER B 246 2.81 -12.42 13.78
N ASP B 247 1.70 -12.57 13.08
CA ASP B 247 1.08 -11.43 12.39
C ASP B 247 0.54 -10.42 13.40
N ASP B 248 0.39 -10.84 14.65
CA ASP B 248 -0.12 -9.94 15.67
C ASP B 248 0.84 -8.76 15.93
N ALA B 249 2.09 -8.92 15.54
CA ALA B 249 3.10 -7.88 15.73
C ALA B 249 3.38 -7.16 14.41
N SER B 250 2.42 -7.20 13.49
CA SER B 250 2.59 -6.58 12.18
C SER B 250 2.95 -5.10 12.14
N TYR B 251 2.67 -4.36 13.22
CA TYR B 251 3.04 -2.94 13.23
C TYR B 251 3.97 -2.61 14.40
N VAL B 252 4.54 -3.63 15.01
CA VAL B 252 5.49 -3.44 16.12
C VAL B 252 6.89 -3.58 15.50
N ASN B 253 7.71 -2.55 15.63
CA ASN B 253 9.04 -2.60 15.02
C ASN B 253 10.04 -1.78 15.82
N ALA B 254 11.30 -2.24 15.84
CA ALA B 254 12.39 -1.59 16.54
C ALA B 254 12.21 -1.47 18.05
N THR B 255 11.31 -2.26 18.61
CA THR B 255 11.05 -2.18 20.05
C THR B 255 11.86 -3.15 20.89
N VAL B 256 11.89 -2.88 22.20
CA VAL B 256 12.56 -3.72 23.17
C VAL B 256 11.46 -4.01 24.17
N VAL B 257 11.10 -5.28 24.33
CA VAL B 257 10.03 -5.64 25.26
C VAL B 257 10.61 -6.31 26.50
N PRO B 258 10.62 -5.60 27.64
CA PRO B 258 11.14 -6.24 28.84
C PRO B 258 10.14 -7.30 29.33
N ILE B 259 10.66 -8.42 29.81
CA ILE B 259 9.82 -9.49 30.35
C ILE B 259 10.54 -9.75 31.65
N ASP B 260 10.26 -8.88 32.62
CA ASP B 260 10.95 -8.91 33.90
C ASP B 260 10.10 -8.66 35.14
N GLY B 261 8.79 -8.86 35.03
CA GLY B 261 7.94 -8.65 36.19
C GLY B 261 7.80 -7.19 36.58
N GLY B 262 8.42 -6.31 35.81
CA GLY B 262 8.33 -4.87 36.05
C GLY B 262 9.53 -4.19 36.68
N GLN B 263 10.61 -4.92 36.94
CA GLN B 263 11.78 -4.33 37.60
C GLN B 263 12.54 -3.24 36.84
N SER B 264 12.66 -3.35 35.53
CA SER B 264 13.40 -2.31 34.81
C SER B 264 12.71 -0.96 34.87
N ALA B 265 11.39 -0.96 35.07
CA ALA B 265 10.63 0.29 35.15
C ALA B 265 10.56 0.84 36.58
N ALA B 266 10.94 0.01 37.54
CA ALA B 266 10.92 0.39 38.95
C ALA B 266 12.15 1.18 39.35
N TYR B 267 11.97 2.19 40.19
CA TYR B 267 13.11 2.98 40.65
C TYR B 267 13.81 2.18 41.74
N ARG C 10 -7.92 -17.44 23.91
CA ARG C 10 -7.25 -17.08 25.19
C ARG C 10 -8.19 -16.34 26.14
N PHE C 11 -9.39 -16.03 25.67
CA PHE C 11 -10.33 -15.27 26.49
C PHE C 11 -11.68 -15.94 26.77
N THR C 12 -11.76 -17.25 26.58
CA THR C 12 -13.00 -17.96 26.84
C THR C 12 -13.56 -17.61 28.21
N ASP C 13 -14.76 -17.03 28.21
CA ASP C 13 -15.46 -16.61 29.41
C ASP C 13 -14.73 -15.63 30.32
N ARG C 14 -13.80 -14.89 29.75
CA ARG C 14 -13.07 -13.89 30.52
C ARG C 14 -13.76 -12.55 30.29
N VAL C 15 -13.94 -11.78 31.36
CA VAL C 15 -14.61 -10.50 31.28
C VAL C 15 -13.64 -9.35 31.06
N VAL C 16 -13.84 -8.62 29.96
CA VAL C 16 -12.98 -7.48 29.65
C VAL C 16 -13.80 -6.19 29.57
N LEU C 17 -13.35 -5.19 30.32
CA LEU C 17 -13.98 -3.88 30.37
C LEU C 17 -13.16 -2.95 29.48
N ILE C 18 -13.83 -2.26 28.56
CA ILE C 18 -13.15 -1.36 27.62
C ILE C 18 -13.77 0.03 27.64
N THR C 19 -12.98 1.07 27.91
CA THR C 19 -13.51 2.42 27.86
C THR C 19 -13.14 2.96 26.48
N GLY C 20 -13.97 3.86 25.95
CA GLY C 20 -13.73 4.37 24.62
C GLY C 20 -14.09 3.24 23.66
N GLY C 21 -14.99 2.37 24.12
CA GLY C 21 -15.39 1.23 23.31
C GLY C 21 -16.37 1.48 22.18
N GLY C 22 -16.71 2.75 21.96
CA GLY C 22 -17.66 3.06 20.90
C GLY C 22 -17.06 3.42 19.56
N SER C 23 -15.74 3.32 19.43
CA SER C 23 -15.08 3.67 18.19
C SER C 23 -13.60 3.24 18.16
N GLY C 24 -12.99 3.41 17.00
CA GLY C 24 -11.57 3.12 16.80
C GLY C 24 -10.91 1.92 17.45
N LEU C 25 -9.86 2.19 18.22
CA LEU C 25 -9.11 1.14 18.89
C LEU C 25 -9.96 0.34 19.87
N GLY C 26 -10.87 1.03 20.56
CA GLY C 26 -11.73 0.36 21.51
C GLY C 26 -12.62 -0.66 20.80
N ARG C 27 -13.19 -0.26 19.68
CA ARG C 27 -14.06 -1.13 18.91
C ARG C 27 -13.30 -2.31 18.32
N ALA C 28 -12.13 -2.03 17.74
CA ALA C 28 -11.32 -3.08 17.14
C ALA C 28 -10.88 -4.12 18.17
N THR C 29 -10.57 -3.65 19.38
CA THR C 29 -10.15 -4.56 20.43
C THR C 29 -11.33 -5.40 20.89
N ALA C 30 -12.50 -4.78 20.97
CA ALA C 30 -13.71 -5.51 21.37
C ALA C 30 -13.94 -6.68 20.39
N VAL C 31 -13.83 -6.39 19.10
CA VAL C 31 -14.02 -7.42 18.07
C VAL C 31 -13.01 -8.56 18.20
N ARG C 32 -11.74 -8.22 18.35
CA ARG C 32 -10.70 -9.23 18.48
C ARG C 32 -10.87 -10.09 19.74
N LEU C 33 -11.20 -9.46 20.86
CA LEU C 33 -11.38 -10.20 22.11
C LEU C 33 -12.59 -11.12 22.04
N ALA C 34 -13.67 -10.65 21.42
CA ALA C 34 -14.87 -11.47 21.28
C ALA C 34 -14.58 -12.69 20.41
N ALA C 35 -13.74 -12.50 19.40
CA ALA C 35 -13.37 -13.59 18.51
C ALA C 35 -12.61 -14.64 19.30
N GLU C 36 -11.98 -14.21 20.40
CA GLU C 36 -11.23 -15.12 21.25
C GLU C 36 -12.05 -15.63 22.44
N GLY C 37 -13.37 -15.39 22.39
CA GLY C 37 -14.28 -15.87 23.41
C GLY C 37 -14.60 -15.01 24.63
N ALA C 38 -14.18 -13.75 24.62
CA ALA C 38 -14.41 -12.90 25.78
C ALA C 38 -15.84 -12.40 25.96
N LYS C 39 -16.16 -12.02 27.19
CA LYS C 39 -17.44 -11.41 27.54
C LYS C 39 -17.00 -9.94 27.61
N LEU C 40 -17.82 -9.02 27.13
CA LEU C 40 -17.43 -7.62 27.11
C LEU C 40 -18.32 -6.60 27.80
N SER C 41 -17.69 -5.55 28.31
CA SER C 41 -18.40 -4.45 28.95
C SER C 41 -17.78 -3.22 28.28
N LEU C 42 -18.54 -2.60 27.39
CA LEU C 42 -18.07 -1.43 26.65
C LEU C 42 -18.59 -0.14 27.27
N VAL C 43 -17.70 0.84 27.43
CA VAL C 43 -18.07 2.12 28.02
C VAL C 43 -17.66 3.28 27.11
N ASP C 44 -18.55 4.27 26.98
CA ASP C 44 -18.29 5.42 26.12
C ASP C 44 -19.31 6.52 26.38
N VAL C 45 -19.00 7.75 25.97
CA VAL C 45 -19.94 8.85 26.17
C VAL C 45 -20.98 8.82 25.06
N SER C 46 -20.67 8.11 23.99
CA SER C 46 -21.56 8.00 22.84
C SER C 46 -22.36 6.71 22.79
N SER C 47 -23.68 6.82 23.04
CA SER C 47 -24.56 5.66 23.00
C SER C 47 -24.58 5.08 21.59
N GLU C 48 -24.62 5.97 20.59
CA GLU C 48 -24.65 5.55 19.19
C GLU C 48 -23.40 4.75 18.80
N GLY C 49 -22.24 5.19 19.28
CA GLY C 49 -21.01 4.49 18.99
C GLY C 49 -21.00 3.13 19.66
N LEU C 50 -21.50 3.06 20.88
CA LEU C 50 -21.57 1.80 21.62
C LEU C 50 -22.44 0.80 20.88
N GLU C 51 -23.55 1.28 20.31
CA GLU C 51 -24.48 0.45 19.54
C GLU C 51 -23.77 -0.17 18.34
N ALA C 52 -23.01 0.66 17.63
CA ALA C 52 -22.27 0.22 16.45
C ALA C 52 -21.18 -0.79 16.79
N SER C 53 -20.51 -0.58 17.92
CA SER C 53 -19.46 -1.49 18.33
C SER C 53 -20.05 -2.85 18.68
N LYS C 54 -21.18 -2.85 19.37
CA LYS C 54 -21.84 -4.09 19.75
C LYS C 54 -22.28 -4.87 18.50
N ALA C 55 -22.82 -4.15 17.51
CA ALA C 55 -23.24 -4.80 16.28
C ALA C 55 -22.03 -5.42 15.58
N ALA C 56 -20.92 -4.69 15.58
CA ALA C 56 -19.69 -5.16 14.97
C ALA C 56 -19.21 -6.44 15.66
N VAL C 57 -19.29 -6.44 16.98
CA VAL C 57 -18.88 -7.61 17.75
C VAL C 57 -19.75 -8.81 17.42
N LEU C 58 -21.06 -8.59 17.37
CA LEU C 58 -22.00 -9.67 17.08
C LEU C 58 -21.89 -10.22 15.66
N GLU C 59 -21.26 -9.49 14.76
CA GLU C 59 -21.09 -9.97 13.39
C GLU C 59 -19.96 -10.99 13.35
N THR C 60 -18.95 -10.77 14.20
CA THR C 60 -17.80 -11.66 14.28
C THR C 60 -18.06 -12.81 15.26
N ALA C 61 -18.75 -12.50 16.36
CA ALA C 61 -19.06 -13.48 17.40
C ALA C 61 -20.54 -13.38 17.76
N PRO C 62 -21.42 -14.06 17.02
CA PRO C 62 -22.87 -14.04 17.26
C PRO C 62 -23.35 -14.35 18.67
N ASP C 63 -22.60 -15.19 19.40
CA ASP C 63 -22.99 -15.56 20.76
C ASP C 63 -22.32 -14.76 21.86
N ALA C 64 -21.61 -13.70 21.49
CA ALA C 64 -20.92 -12.89 22.48
C ALA C 64 -21.85 -12.12 23.41
N GLU C 65 -21.46 -12.04 24.67
CA GLU C 65 -22.21 -11.30 25.68
C GLU C 65 -21.58 -9.92 25.76
N VAL C 66 -22.35 -8.90 25.37
CA VAL C 66 -21.85 -7.52 25.35
C VAL C 66 -22.73 -6.54 26.12
N LEU C 67 -22.18 -5.95 27.17
CA LEU C 67 -22.88 -4.97 27.97
C LEU C 67 -22.38 -3.61 27.50
N THR C 68 -23.27 -2.63 27.44
CA THR C 68 -22.87 -1.28 27.04
C THR C 68 -23.32 -0.28 28.12
N THR C 69 -22.48 0.71 28.39
CA THR C 69 -22.80 1.70 29.41
C THR C 69 -22.31 3.08 28.99
N VAL C 70 -23.20 4.06 29.05
CA VAL C 70 -22.86 5.44 28.69
C VAL C 70 -22.28 6.10 29.94
N ALA C 71 -21.06 6.63 29.81
CA ALA C 71 -20.40 7.27 30.94
C ALA C 71 -19.24 8.14 30.48
N ASP C 72 -19.08 9.28 31.16
CA ASP C 72 -18.01 10.25 30.90
C ASP C 72 -16.93 9.91 31.92
N VAL C 73 -15.77 9.47 31.44
CA VAL C 73 -14.67 9.08 32.32
C VAL C 73 -14.08 10.17 33.20
N SER C 74 -14.34 11.43 32.87
CA SER C 74 -13.80 12.53 33.66
C SER C 74 -14.64 12.78 34.92
N ASP C 75 -15.77 12.09 35.02
CA ASP C 75 -16.67 12.25 36.16
C ASP C 75 -16.53 11.01 37.05
N GLU C 76 -16.02 11.20 38.27
CA GLU C 76 -15.82 10.08 39.18
C GLU C 76 -17.11 9.28 39.45
N ALA C 77 -18.24 9.97 39.58
CA ALA C 77 -19.51 9.29 39.84
C ALA C 77 -19.86 8.35 38.69
N GLN C 78 -19.61 8.79 37.46
CA GLN C 78 -19.91 7.98 36.28
C GLN C 78 -18.92 6.84 36.12
N VAL C 79 -17.70 7.01 36.60
CA VAL C 79 -16.71 5.94 36.53
C VAL C 79 -17.16 4.83 37.47
N GLU C 80 -17.56 5.20 38.68
CA GLU C 80 -18.02 4.21 39.63
C GLU C 80 -19.24 3.50 39.07
N ALA C 81 -20.05 4.24 38.31
CA ALA C 81 -21.25 3.68 37.71
C ALA C 81 -20.96 2.60 36.68
N TYR C 82 -19.97 2.81 35.80
CA TYR C 82 -19.68 1.80 34.80
C TYR C 82 -18.99 0.58 35.40
N VAL C 83 -18.23 0.78 36.48
CA VAL C 83 -17.57 -0.34 37.11
C VAL C 83 -18.64 -1.19 37.82
N THR C 84 -19.58 -0.53 38.50
CA THR C 84 -20.65 -1.22 39.20
C THR C 84 -21.54 -1.97 38.21
N ALA C 85 -21.85 -1.33 37.09
CA ALA C 85 -22.69 -1.95 36.07
C ALA C 85 -22.01 -3.23 35.57
N THR C 86 -20.68 -3.18 35.45
CA THR C 86 -19.92 -4.32 34.97
C THR C 86 -19.91 -5.50 35.95
N THR C 87 -19.69 -5.22 37.23
CA THR C 87 -19.65 -6.29 38.22
C THR C 87 -21.04 -6.86 38.52
N GLU C 88 -22.08 -6.03 38.42
CA GLU C 88 -23.43 -6.53 38.68
C GLU C 88 -23.86 -7.47 37.55
N ARG C 89 -23.36 -7.20 36.35
CA ARG C 89 -23.67 -8.02 35.18
C ARG C 89 -22.82 -9.28 35.04
N PHE C 90 -21.51 -9.14 35.23
CA PHE C 90 -20.59 -10.26 35.08
C PHE C 90 -19.95 -10.84 36.34
N GLY C 91 -20.02 -10.11 37.45
CA GLY C 91 -19.46 -10.62 38.70
C GLY C 91 -17.95 -10.55 38.89
N ARG C 92 -17.24 -10.07 37.87
CA ARG C 92 -15.79 -9.97 37.95
C ARG C 92 -15.25 -9.16 36.76
N ILE C 93 -13.98 -8.81 36.83
CA ILE C 93 -13.30 -8.08 35.76
C ILE C 93 -11.92 -8.71 35.58
N ASP C 94 -11.74 -9.40 34.47
CA ASP C 94 -10.48 -10.08 34.18
C ASP C 94 -9.50 -9.22 33.40
N GLY C 95 -10.04 -8.36 32.54
CA GLY C 95 -9.19 -7.48 31.74
C GLY C 95 -9.76 -6.08 31.71
N PHE C 96 -8.89 -5.09 31.59
CA PHE C 96 -9.31 -3.70 31.56
C PHE C 96 -8.49 -2.91 30.54
N PHE C 97 -9.15 -2.39 29.50
CA PHE C 97 -8.48 -1.60 28.48
C PHE C 97 -8.94 -0.17 28.77
N ASN C 98 -8.09 0.55 29.51
CA ASN C 98 -8.30 1.94 29.96
C ASN C 98 -7.85 2.77 28.77
N ASN C 99 -8.78 2.94 27.82
CA ASN C 99 -8.53 3.54 26.52
C ASN C 99 -9.15 4.87 26.07
N ALA C 100 -10.22 5.31 26.73
CA ALA C 100 -10.88 6.57 26.34
C ALA C 100 -9.94 7.76 26.28
N GLY C 101 -10.15 8.64 25.31
CA GLY C 101 -9.33 9.83 25.19
C GLY C 101 -9.68 10.75 24.03
N ILE C 102 -9.16 11.98 24.09
CA ILE C 102 -9.37 12.97 23.03
C ILE C 102 -8.00 13.55 22.69
N GLU C 103 -7.88 14.21 21.55
CA GLU C 103 -6.60 14.80 21.15
C GLU C 103 -6.37 16.19 21.73
N GLY C 104 -7.37 17.05 21.58
CA GLY C 104 -7.25 18.43 22.04
C GLY C 104 -6.91 19.31 20.85
N LYS C 105 -7.28 20.58 20.91
CA LYS C 105 -6.99 21.50 19.82
C LYS C 105 -5.50 21.82 19.73
N GLN C 106 -4.93 21.62 18.56
CA GLN C 106 -3.50 21.87 18.32
C GLN C 106 -3.13 23.35 18.44
N ASN C 107 -1.99 23.62 19.08
CA ASN C 107 -1.49 25.00 19.27
C ASN C 107 -0.14 24.96 19.96
N PRO C 108 0.73 25.95 19.68
CA PRO C 108 2.04 25.97 20.34
C PRO C 108 1.78 26.23 21.82
N THR C 109 2.76 25.94 22.67
CA THR C 109 2.57 26.10 24.10
C THR C 109 2.01 27.45 24.56
N GLU C 110 2.54 28.54 24.02
CA GLU C 110 2.07 29.86 24.44
C GLU C 110 0.62 30.18 24.09
N SER C 111 0.02 29.41 23.18
CA SER C 111 -1.36 29.65 22.80
C SER C 111 -2.27 28.44 23.01
N PHE C 112 -1.80 27.45 23.75
CA PHE C 112 -2.61 26.24 23.96
C PHE C 112 -3.85 26.46 24.84
N THR C 113 -3.73 27.40 25.79
CA THR C 113 -4.78 27.79 26.75
C THR C 113 -4.99 26.82 27.90
N ALA C 114 -5.23 27.39 29.07
CA ALA C 114 -5.48 26.61 30.28
C ALA C 114 -6.76 25.79 30.13
N ALA C 115 -7.76 26.36 29.49
CA ALA C 115 -9.03 25.67 29.30
C ALA C 115 -8.85 24.36 28.54
N GLU C 116 -8.11 24.40 27.44
CA GLU C 116 -7.90 23.19 26.64
C GLU C 116 -6.97 22.22 27.38
N PHE C 117 -5.98 22.75 28.09
CA PHE C 117 -5.07 21.89 28.85
C PHE C 117 -5.87 21.11 29.89
N ASP C 118 -6.69 21.82 30.65
CA ASP C 118 -7.50 21.19 31.69
C ASP C 118 -8.47 20.16 31.11
N LYS C 119 -9.03 20.45 29.95
CA LYS C 119 -9.97 19.53 29.31
C LYS C 119 -9.31 18.20 28.96
N VAL C 120 -8.19 18.28 28.25
CA VAL C 120 -7.47 17.07 27.84
C VAL C 120 -6.97 16.27 29.04
N VAL C 121 -6.47 16.96 30.07
CA VAL C 121 -5.98 16.28 31.25
C VAL C 121 -7.11 15.57 32.01
N SER C 122 -8.27 16.20 32.10
CA SER C 122 -9.40 15.60 32.82
C SER C 122 -9.86 14.28 32.20
N ILE C 123 -9.82 14.18 30.89
CA ILE C 123 -10.25 12.97 30.21
C ILE C 123 -9.15 11.93 30.03
N ASN C 124 -8.03 12.36 29.44
CA ASN C 124 -6.91 11.47 29.15
C ASN C 124 -6.09 11.00 30.35
N LEU C 125 -5.97 11.84 31.37
CA LEU C 125 -5.18 11.48 32.54
C LEU C 125 -6.03 11.16 33.77
N ARG C 126 -6.91 12.08 34.15
CA ARG C 126 -7.76 11.84 35.31
C ARG C 126 -8.66 10.64 35.06
N GLY C 127 -9.18 10.53 33.83
CA GLY C 127 -10.05 9.41 33.51
C GLY C 127 -9.35 8.08 33.70
N VAL C 128 -8.09 8.02 33.29
CA VAL C 128 -7.31 6.79 33.43
C VAL C 128 -7.05 6.48 34.91
N PHE C 129 -6.74 7.52 35.69
CA PHE C 129 -6.49 7.34 37.11
C PHE C 129 -7.73 6.78 37.81
N LEU C 130 -8.87 7.42 37.60
CA LEU C 130 -10.12 6.99 38.22
C LEU C 130 -10.44 5.54 37.85
N GLY C 131 -10.21 5.17 36.60
CA GLY C 131 -10.46 3.80 36.18
C GLY C 131 -9.60 2.85 36.99
N LEU C 132 -8.31 3.16 37.11
CA LEU C 132 -7.39 2.32 37.87
C LEU C 132 -7.79 2.26 39.33
N GLU C 133 -8.15 3.40 39.91
CA GLU C 133 -8.51 3.45 41.32
C GLU C 133 -9.65 2.49 41.65
N LYS C 134 -10.67 2.43 40.79
CA LYS C 134 -11.81 1.55 41.03
C LYS C 134 -11.58 0.09 40.64
N VAL C 135 -11.01 -0.14 39.47
CA VAL C 135 -10.78 -1.50 38.99
C VAL C 135 -9.69 -2.29 39.72
N LEU C 136 -8.58 -1.65 40.07
CA LEU C 136 -7.50 -2.35 40.75
C LEU C 136 -7.92 -2.91 42.11
N LYS C 137 -8.89 -2.29 42.75
CA LYS C 137 -9.36 -2.79 44.05
C LYS C 137 -10.03 -4.14 43.80
N ILE C 138 -10.86 -4.19 42.78
CA ILE C 138 -11.58 -5.41 42.41
C ILE C 138 -10.62 -6.52 41.99
N MET C 139 -9.59 -6.17 41.23
CA MET C 139 -8.63 -7.16 40.78
C MET C 139 -7.77 -7.69 41.94
N ARG C 140 -7.42 -6.81 42.87
CA ARG C 140 -6.62 -7.26 44.02
C ARG C 140 -7.44 -8.27 44.82
N GLU C 141 -8.73 -7.99 45.00
CA GLU C 141 -9.62 -8.89 45.74
C GLU C 141 -9.76 -10.23 45.03
N GLN C 142 -9.69 -10.20 43.69
CA GLN C 142 -9.79 -11.42 42.88
C GLN C 142 -8.48 -12.20 42.92
N GLY C 143 -7.37 -11.48 43.08
CA GLY C 143 -6.08 -12.12 43.09
C GLY C 143 -5.61 -12.30 41.65
N SER C 144 -6.23 -11.57 40.73
CA SER C 144 -5.87 -11.66 39.31
C SER C 144 -6.44 -10.50 38.51
N GLY C 145 -5.80 -10.23 37.37
CA GLY C 145 -6.26 -9.15 36.52
C GLY C 145 -5.17 -8.62 35.60
N MET C 146 -5.57 -8.21 34.39
CA MET C 146 -4.64 -7.65 33.42
C MET C 146 -5.18 -6.29 32.99
N VAL C 147 -4.30 -5.29 32.93
CA VAL C 147 -4.70 -3.93 32.56
C VAL C 147 -3.80 -3.36 31.47
N VAL C 148 -4.41 -2.68 30.51
CA VAL C 148 -3.67 -2.02 29.45
C VAL C 148 -4.15 -0.58 29.38
N ASN C 149 -3.25 0.37 29.61
CA ASN C 149 -3.60 1.78 29.56
C ASN C 149 -3.14 2.29 28.20
N THR C 150 -3.98 3.08 27.54
CA THR C 150 -3.59 3.60 26.24
C THR C 150 -2.83 4.91 26.37
N ALA C 151 -1.54 4.86 26.06
CA ALA C 151 -0.71 6.07 26.09
C ALA C 151 -0.68 6.54 24.65
N SER C 152 0.53 6.75 24.13
CA SER C 152 0.73 7.22 22.76
C SER C 152 2.22 7.42 22.55
N VAL C 153 2.65 7.55 21.31
CA VAL C 153 4.07 7.81 21.09
C VAL C 153 4.30 9.22 21.66
N GLY C 154 3.22 9.97 21.79
CA GLY C 154 3.28 11.31 22.34
C GLY C 154 3.42 11.24 23.86
N GLY C 155 3.40 10.01 24.37
CA GLY C 155 3.55 9.79 25.79
C GLY C 155 4.99 9.42 26.13
N ILE C 156 5.81 9.27 25.09
CA ILE C 156 7.23 8.92 25.29
C ILE C 156 8.15 9.80 24.45
N ARG C 157 7.57 10.62 23.58
CA ARG C 157 8.34 11.52 22.71
C ARG C 157 7.59 12.84 22.54
N GLY C 158 8.27 13.83 21.97
CA GLY C 158 7.66 15.13 21.75
C GLY C 158 7.21 15.30 20.30
N ILE C 159 5.91 15.48 20.10
CA ILE C 159 5.35 15.64 18.76
C ILE C 159 5.25 17.11 18.37
N GLY C 160 4.94 17.96 19.34
CA GLY C 160 4.82 19.38 19.08
C GLY C 160 3.37 19.81 18.86
N ASN C 161 3.06 21.00 19.36
CA ASN C 161 1.73 21.60 19.25
C ASN C 161 0.65 20.86 20.02
N GLN C 162 1.05 20.06 21.01
CA GLN C 162 0.08 19.32 21.80
C GLN C 162 0.40 19.25 23.30
N SER C 163 0.61 20.41 23.91
CA SER C 163 0.92 20.47 25.34
C SER C 163 0.03 19.57 26.19
N GLY C 164 -1.28 19.74 26.03
CA GLY C 164 -2.24 18.94 26.79
C GLY C 164 -2.12 17.45 26.59
N TYR C 165 -2.06 17.03 25.32
CA TYR C 165 -1.96 15.61 24.99
C TYR C 165 -0.63 15.02 25.46
N ALA C 166 0.46 15.74 25.24
CA ALA C 166 1.78 15.27 25.64
C ALA C 166 1.87 15.09 27.15
N ALA C 167 1.36 16.06 27.90
CA ALA C 167 1.38 15.99 29.35
C ALA C 167 0.51 14.85 29.85
N ALA C 168 -0.70 14.76 29.32
CA ALA C 168 -1.63 13.71 29.74
C ALA C 168 -1.12 12.31 29.39
N LYS C 169 -0.66 12.12 28.16
CA LYS C 169 -0.21 10.78 27.77
C LYS C 169 1.07 10.34 28.47
N HIS C 170 1.96 11.29 28.78
CA HIS C 170 3.17 10.95 29.50
C HIS C 170 2.71 10.55 30.91
N GLY C 171 1.67 11.25 31.38
CA GLY C 171 1.11 10.97 32.69
C GLY C 171 0.54 9.57 32.79
N VAL C 172 -0.08 9.11 31.69
CA VAL C 172 -0.64 7.77 31.64
C VAL C 172 0.48 6.73 31.80
N VAL C 173 1.65 7.02 31.25
CA VAL C 173 2.79 6.12 31.37
C VAL C 173 3.23 6.10 32.83
N GLY C 174 3.16 7.26 33.48
CA GLY C 174 3.53 7.34 34.89
C GLY C 174 2.61 6.52 35.76
N LEU C 175 1.31 6.59 35.50
CA LEU C 175 0.33 5.82 36.25
C LEU C 175 0.59 4.34 36.04
N THR C 176 0.91 3.99 34.80
CA THR C 176 1.20 2.60 34.47
C THR C 176 2.38 2.06 35.29
N ARG C 177 3.49 2.79 35.28
CA ARG C 177 4.68 2.38 36.01
C ARG C 177 4.47 2.33 37.52
N ASN C 178 3.88 3.38 38.07
CA ASN C 178 3.66 3.44 39.52
C ASN C 178 2.70 2.34 40.00
N SER C 179 1.55 2.19 39.33
CA SER C 179 0.58 1.17 39.72
C SER C 179 1.11 -0.25 39.52
N ALA C 180 1.89 -0.46 38.47
CA ALA C 180 2.45 -1.78 38.21
C ALA C 180 3.39 -2.21 39.33
N VAL C 181 4.13 -1.26 39.88
CA VAL C 181 5.06 -1.56 40.97
C VAL C 181 4.30 -1.92 42.24
N GLU C 182 3.11 -1.36 42.40
CA GLU C 182 2.28 -1.61 43.59
C GLU C 182 1.50 -2.92 43.53
N TYR C 183 0.92 -3.22 42.37
CA TYR C 183 0.08 -4.42 42.24
C TYR C 183 0.68 -5.69 41.65
N GLY C 184 1.92 -5.63 41.18
CA GLY C 184 2.54 -6.81 40.58
C GLY C 184 2.59 -8.01 41.51
N ARG C 185 2.70 -7.74 42.81
CA ARG C 185 2.80 -8.80 43.80
C ARG C 185 1.55 -9.68 43.90
N TYR C 186 0.43 -9.20 43.35
CA TYR C 186 -0.82 -9.96 43.38
C TYR C 186 -1.02 -10.81 42.12
N GLY C 187 -0.09 -10.70 41.18
CA GLY C 187 -0.19 -11.44 39.94
C GLY C 187 -0.83 -10.57 38.86
N ILE C 188 -1.22 -9.37 39.28
CA ILE C 188 -1.84 -8.40 38.37
C ILE C 188 -0.75 -7.78 37.50
N ARG C 189 -1.06 -7.57 36.22
CA ARG C 189 -0.11 -6.95 35.31
C ARG C 189 -0.73 -5.68 34.73
N ILE C 190 0.05 -4.61 34.73
CA ILE C 190 -0.40 -3.32 34.22
C ILE C 190 0.65 -2.83 33.23
N ASN C 191 0.23 -2.63 31.98
CA ASN C 191 1.13 -2.19 30.92
C ASN C 191 0.45 -1.11 30.10
N ALA C 192 1.22 -0.45 29.24
CA ALA C 192 0.68 0.60 28.38
C ALA C 192 1.09 0.37 26.93
N ILE C 193 0.23 0.79 26.02
CA ILE C 193 0.58 0.69 24.61
C ILE C 193 0.83 2.14 24.19
N ALA C 194 1.71 2.32 23.23
CA ALA C 194 2.03 3.65 22.74
C ALA C 194 1.80 3.64 21.24
N PRO C 195 0.54 3.74 20.82
CA PRO C 195 0.27 3.72 19.38
C PRO C 195 0.81 4.96 18.66
N GLY C 196 1.21 4.75 17.40
CA GLY C 196 1.72 5.84 16.60
C GLY C 196 0.67 6.23 15.57
N ALA C 197 1.07 6.29 14.31
CA ALA C 197 0.16 6.66 13.24
C ALA C 197 -0.76 5.52 12.84
N ILE C 198 -1.88 5.40 13.55
CA ILE C 198 -2.88 4.36 13.28
C ILE C 198 -4.10 5.08 12.69
N TRP C 199 -4.64 4.59 11.58
CA TRP C 199 -5.78 5.28 10.99
C TRP C 199 -7.10 5.01 11.70
N THR C 200 -7.48 5.96 12.56
CA THR C 200 -8.71 5.90 13.34
C THR C 200 -9.35 7.27 13.24
N PRO C 201 -10.58 7.41 13.76
CA PRO C 201 -11.24 8.72 13.70
C PRO C 201 -10.43 9.85 14.34
N MET C 202 -9.71 9.54 15.42
CA MET C 202 -8.92 10.59 16.07
C MET C 202 -7.79 11.07 15.18
N VAL C 203 -7.09 10.13 14.54
CA VAL C 203 -5.98 10.49 13.67
C VAL C 203 -6.48 11.21 12.42
N GLU C 204 -7.63 10.78 11.92
CA GLU C 204 -8.21 11.42 10.75
C GLU C 204 -8.49 12.88 11.09
N ASN C 205 -9.08 13.12 12.26
CA ASN C 205 -9.39 14.48 12.68
C ASN C 205 -8.11 15.26 12.98
N SER C 206 -7.07 14.57 13.44
CA SER C 206 -5.81 15.23 13.74
C SER C 206 -5.20 15.82 12.47
N MET C 207 -5.27 15.07 11.37
CA MET C 207 -4.73 15.54 10.11
C MET C 207 -5.54 16.70 9.57
N LYS C 208 -6.83 16.72 9.92
CA LYS C 208 -7.71 17.81 9.49
C LYS C 208 -7.25 19.08 10.21
N GLN C 209 -6.83 18.95 11.47
CA GLN C 209 -6.34 20.10 12.24
C GLN C 209 -5.01 20.59 11.67
N LEU C 210 -4.14 19.64 11.34
CA LEU C 210 -2.82 19.94 10.82
C LEU C 210 -2.89 20.78 9.55
N ASP C 211 -3.81 20.44 8.66
CA ASP C 211 -3.99 21.19 7.42
C ASP C 211 -5.45 21.10 6.98
N PRO C 212 -6.30 22.01 7.47
CA PRO C 212 -7.72 22.01 7.12
C PRO C 212 -7.95 22.08 5.62
N GLU C 213 -7.04 22.75 4.92
CA GLU C 213 -7.14 22.92 3.48
C GLU C 213 -6.82 21.67 2.67
N ASN C 214 -5.93 20.82 3.18
CA ASN C 214 -5.55 19.60 2.48
C ASN C 214 -5.19 18.53 3.51
N PRO C 215 -6.21 17.91 4.13
CA PRO C 215 -5.93 16.87 5.14
C PRO C 215 -5.24 15.62 4.61
N ARG C 216 -5.45 15.29 3.34
CA ARG C 216 -4.82 14.11 2.77
C ARG C 216 -3.32 14.35 2.55
N LYS C 217 -2.99 15.57 2.16
CA LYS C 217 -1.59 15.94 1.95
C LYS C 217 -0.88 15.86 3.29
N ALA C 218 -1.54 16.34 4.35
CA ALA C 218 -0.97 16.32 5.68
C ALA C 218 -0.68 14.89 6.13
N ALA C 219 -1.66 14.01 5.93
CA ALA C 219 -1.51 12.60 6.30
C ALA C 219 -0.34 11.95 5.55
N GLU C 220 -0.23 12.23 4.25
CA GLU C 220 0.84 11.67 3.45
C GLU C 220 2.22 12.16 3.88
N GLU C 221 2.32 13.45 4.16
CA GLU C 221 3.59 14.03 4.57
C GLU C 221 4.04 13.52 5.94
N PHE C 222 3.09 13.36 6.86
CA PHE C 222 3.38 12.89 8.22
C PHE C 222 3.99 11.50 8.27
N ILE C 223 3.51 10.61 7.41
CA ILE C 223 3.96 9.22 7.39
C ILE C 223 5.22 8.94 6.56
N GLN C 224 5.65 9.91 5.76
CA GLN C 224 6.82 9.73 4.90
C GLN C 224 8.10 9.30 5.62
N VAL C 225 8.29 9.80 6.83
CA VAL C 225 9.50 9.47 7.59
C VAL C 225 9.43 8.15 8.37
N ASN C 226 8.24 7.54 8.47
CA ASN C 226 8.08 6.29 9.20
C ASN C 226 8.84 5.12 8.58
N PRO C 227 9.56 4.34 9.40
CA PRO C 227 10.33 3.20 8.88
C PRO C 227 9.50 2.17 8.12
N SER C 228 8.24 1.97 8.51
CA SER C 228 7.38 1.02 7.84
C SER C 228 6.72 1.60 6.58
N LYS C 229 6.88 2.90 6.40
CA LYS C 229 6.33 3.62 5.25
C LYS C 229 4.83 3.55 5.08
N ARG C 230 4.11 3.21 6.15
CA ARG C 230 2.66 3.14 6.08
C ARG C 230 2.01 3.38 7.43
N TYR C 231 0.73 3.71 7.40
CA TYR C 231 -0.06 3.92 8.62
C TYR C 231 -0.40 2.53 9.14
N GLY C 232 -0.64 2.43 10.44
CA GLY C 232 -1.04 1.17 11.01
C GLY C 232 -2.56 1.13 10.97
N GLU C 233 -3.15 -0.04 11.15
CA GLU C 233 -4.61 -0.16 11.15
C GLU C 233 -5.08 -0.60 12.53
N ALA C 234 -6.32 -0.29 12.86
CA ALA C 234 -6.88 -0.63 14.18
C ALA C 234 -6.69 -2.08 14.63
N PRO C 235 -6.93 -3.07 13.74
CA PRO C 235 -6.76 -4.46 14.15
C PRO C 235 -5.32 -4.79 14.60
N GLU C 236 -4.35 -4.01 14.13
CA GLU C 236 -2.96 -4.25 14.49
C GLU C 236 -2.71 -3.81 15.92
N ILE C 237 -3.54 -2.91 16.42
CA ILE C 237 -3.41 -2.46 17.80
C ILE C 237 -4.13 -3.50 18.66
N ALA C 238 -5.31 -3.91 18.20
CA ALA C 238 -6.12 -4.88 18.92
C ALA C 238 -5.35 -6.17 19.17
N ALA C 239 -4.51 -6.56 18.22
CA ALA C 239 -3.73 -7.78 18.36
C ALA C 239 -2.74 -7.68 19.51
N VAL C 240 -2.17 -6.48 19.69
CA VAL C 240 -1.21 -6.28 20.77
C VAL C 240 -1.91 -6.20 22.11
N VAL C 241 -3.07 -5.55 22.13
CA VAL C 241 -3.84 -5.43 23.36
C VAL C 241 -4.33 -6.81 23.80
N ALA C 242 -4.70 -7.66 22.85
CA ALA C 242 -5.16 -9.01 23.19
C ALA C 242 -4.01 -9.77 23.84
N PHE C 243 -2.80 -9.58 23.33
CA PHE C 243 -1.63 -10.24 23.90
C PHE C 243 -1.43 -9.77 25.35
N LEU C 244 -1.42 -8.46 25.55
CA LEU C 244 -1.21 -7.87 26.88
C LEU C 244 -2.30 -8.12 27.90
N LEU C 245 -3.49 -8.55 27.46
CA LEU C 245 -4.58 -8.83 28.39
C LEU C 245 -4.73 -10.33 28.64
N SER C 246 -3.92 -11.13 27.94
CA SER C 246 -3.97 -12.58 28.06
C SER C 246 -2.88 -13.14 28.98
N ASP C 247 -2.94 -14.46 29.19
CA ASP C 247 -1.95 -15.15 30.03
C ASP C 247 -0.58 -15.12 29.37
N ASP C 248 -0.52 -14.81 28.08
CA ASP C 248 0.75 -14.75 27.37
C ASP C 248 1.63 -13.62 27.90
N ALA C 249 1.02 -12.64 28.58
CA ALA C 249 1.75 -11.51 29.14
C ALA C 249 1.92 -11.68 30.66
N SER C 250 1.87 -12.92 31.12
CA SER C 250 1.97 -13.20 32.56
C SER C 250 3.22 -12.70 33.29
N TYR C 251 4.31 -12.39 32.56
CA TYR C 251 5.50 -11.87 33.24
C TYR C 251 5.90 -10.51 32.66
N VAL C 252 4.99 -9.90 31.90
CA VAL C 252 5.23 -8.58 31.32
C VAL C 252 4.53 -7.56 32.23
N ASN C 253 5.28 -6.62 32.78
CA ASN C 253 4.68 -5.66 33.72
C ASN C 253 5.39 -4.30 33.69
N ALA C 254 4.61 -3.24 33.87
CA ALA C 254 5.11 -1.86 33.91
C ALA C 254 5.81 -1.43 32.62
N THR C 255 5.50 -2.11 31.52
CA THR C 255 6.14 -1.77 30.26
C THR C 255 5.30 -0.87 29.35
N VAL C 256 5.97 -0.25 28.39
CA VAL C 256 5.30 0.60 27.41
C VAL C 256 5.68 -0.05 26.08
N VAL C 257 4.67 -0.46 25.31
CA VAL C 257 4.93 -1.09 24.02
C VAL C 257 4.54 -0.17 22.88
N PRO C 258 5.53 0.38 22.16
CA PRO C 258 5.19 1.26 21.04
C PRO C 258 4.66 0.41 19.89
N ILE C 259 3.65 0.90 19.19
CA ILE C 259 3.07 0.21 18.04
C ILE C 259 3.06 1.34 17.02
N ASP C 260 4.24 1.58 16.45
CA ASP C 260 4.42 2.70 15.55
C ASP C 260 5.27 2.45 14.32
N GLY C 261 5.43 1.20 13.92
CA GLY C 261 6.23 0.92 12.73
C GLY C 261 7.71 1.15 12.93
N GLY C 262 8.11 1.53 14.15
CA GLY C 262 9.51 1.76 14.48
C GLY C 262 9.99 3.20 14.60
N GLN C 263 9.11 4.16 14.42
CA GLN C 263 9.51 5.56 14.46
C GLN C 263 10.04 6.12 15.78
N SER C 264 9.52 5.68 16.92
CA SER C 264 10.00 6.23 18.18
C SER C 264 11.44 5.82 18.46
N ALA C 265 11.89 4.71 17.87
CA ALA C 265 13.24 4.21 18.07
C ALA C 265 14.22 4.79 17.04
N ALA C 266 13.70 5.39 15.98
CA ALA C 266 14.54 5.97 14.93
C ALA C 266 15.03 7.37 15.29
N TYR C 267 16.26 7.69 14.91
CA TYR C 267 16.77 9.03 15.20
C TYR C 267 16.20 10.00 14.17
N ARG D 10 37.23 25.28 37.42
CA ARG D 10 36.80 24.01 38.08
C ARG D 10 37.84 22.89 37.92
N PHE D 11 38.89 23.15 37.14
CA PHE D 11 39.91 22.13 36.90
C PHE D 11 41.34 22.49 37.27
N THR D 12 41.51 23.49 38.13
CA THR D 12 42.85 23.89 38.54
C THR D 12 43.68 22.71 39.02
N ASP D 13 44.77 22.43 38.30
CA ASP D 13 45.70 21.35 38.61
C ASP D 13 45.13 19.93 38.57
N ARG D 14 43.93 19.78 38.00
CA ARG D 14 43.32 18.46 37.87
C ARG D 14 43.81 17.82 36.58
N VAL D 15 44.15 16.54 36.63
CA VAL D 15 44.66 15.82 35.47
C VAL D 15 43.55 15.13 34.69
N VAL D 16 43.41 15.48 33.42
CA VAL D 16 42.39 14.88 32.57
C VAL D 16 43.03 14.19 31.36
N LEU D 17 42.69 12.92 31.18
CA LEU D 17 43.19 12.09 30.10
C LEU D 17 42.13 12.04 28.99
N ILE D 18 42.53 12.30 27.75
CA ILE D 18 41.59 12.33 26.62
C ILE D 18 42.05 11.47 25.45
N THR D 19 41.27 10.46 25.07
CA THR D 19 41.63 9.65 23.91
C THR D 19 40.93 10.31 22.72
N GLY D 20 41.51 10.16 21.53
CA GLY D 20 40.95 10.82 20.37
C GLY D 20 41.20 12.31 20.56
N GLY D 21 42.27 12.63 21.28
CA GLY D 21 42.60 14.02 21.55
C GLY D 21 43.26 14.81 20.43
N GLY D 22 43.52 14.16 19.30
CA GLY D 22 44.16 14.86 18.20
C GLY D 22 43.25 15.53 17.20
N SER D 23 41.94 15.56 17.47
CA SER D 23 41.00 16.18 16.55
C SER D 23 39.61 16.33 17.14
N GLY D 24 38.74 16.98 16.38
CA GLY D 24 37.34 17.18 16.76
C GLY D 24 36.94 17.43 18.20
N LEU D 25 36.08 16.56 18.73
CA LEU D 25 35.58 16.71 20.10
C LEU D 25 36.67 16.60 21.14
N GLY D 26 37.65 15.74 20.90
CA GLY D 26 38.76 15.57 21.83
C GLY D 26 39.56 16.84 21.97
N ARG D 27 39.86 17.46 20.82
CA ARG D 27 40.63 18.70 20.82
C ARG D 27 39.85 19.84 21.46
N ALA D 28 38.57 20.00 21.10
CA ALA D 28 37.75 21.07 21.65
C ALA D 28 37.64 20.93 23.17
N THR D 29 37.54 19.69 23.65
CA THR D 29 37.43 19.46 25.08
C THR D 29 38.75 19.81 25.77
N ALA D 30 39.86 19.50 25.12
CA ALA D 30 41.19 19.80 25.67
C ALA D 30 41.31 21.31 25.86
N VAL D 31 40.89 22.06 24.85
CA VAL D 31 40.95 23.51 24.90
C VAL D 31 40.12 24.09 26.04
N ARG D 32 38.87 23.64 26.17
CA ARG D 32 37.98 24.11 27.22
C ARG D 32 38.51 23.77 28.61
N LEU D 33 38.98 22.54 28.79
CA LEU D 33 39.52 22.13 30.09
C LEU D 33 40.77 22.90 30.45
N ALA D 34 41.61 23.19 29.47
CA ALA D 34 42.84 23.93 29.72
C ALA D 34 42.49 25.35 30.17
N ALA D 35 41.41 25.88 29.60
CA ALA D 35 40.95 27.22 29.96
C ALA D 35 40.49 27.25 31.40
N GLU D 36 40.08 26.09 31.92
CA GLU D 36 39.63 25.99 33.31
C GLU D 36 40.75 25.53 34.25
N GLY D 37 41.98 25.55 33.76
CA GLY D 37 43.12 25.18 34.60
C GLY D 37 43.64 23.76 34.64
N ALA D 38 43.08 22.87 33.84
CA ALA D 38 43.49 21.46 33.84
C ALA D 38 44.87 21.15 33.27
N LYS D 39 45.40 20.01 33.69
CA LYS D 39 46.67 19.47 33.19
C LYS D 39 46.11 18.42 32.24
N LEU D 40 46.71 18.26 31.07
CA LEU D 40 46.19 17.32 30.09
C LEU D 40 47.13 16.23 29.57
N SER D 41 46.55 15.08 29.26
CA SER D 41 47.27 13.96 28.68
C SER D 41 46.41 13.57 27.48
N LEU D 42 46.90 13.85 26.28
CA LEU D 42 46.17 13.58 25.04
C LEU D 42 46.69 12.32 24.34
N VAL D 43 45.76 11.46 23.91
CA VAL D 43 46.11 10.21 23.25
C VAL D 43 45.44 10.08 21.89
N ASP D 44 46.19 9.66 20.87
CA ASP D 44 45.63 9.52 19.53
C ASP D 44 46.59 8.70 18.66
N VAL D 45 46.10 8.17 17.54
CA VAL D 45 46.98 7.41 16.65
C VAL D 45 47.73 8.37 15.73
N SER D 46 47.24 9.59 15.63
CA SER D 46 47.85 10.61 14.78
C SER D 46 48.78 11.57 15.51
N SER D 47 50.08 11.50 15.20
CA SER D 47 51.05 12.38 15.82
C SER D 47 50.86 13.83 15.38
N GLU D 48 50.49 14.02 14.11
CA GLU D 48 50.26 15.37 13.60
C GLU D 48 49.07 15.96 14.34
N GLY D 49 48.04 15.14 14.52
CA GLY D 49 46.84 15.59 15.21
C GLY D 49 47.17 16.03 16.62
N LEU D 50 47.95 15.23 17.32
CA LEU D 50 48.33 15.56 18.69
C LEU D 50 49.11 16.87 18.75
N GLU D 51 50.04 17.06 17.81
CA GLU D 51 50.83 18.28 17.78
C GLU D 51 49.94 19.51 17.61
N ALA D 52 48.99 19.42 16.69
CA ALA D 52 48.06 20.50 16.42
C ALA D 52 47.15 20.79 17.61
N SER D 53 46.72 19.73 18.30
CA SER D 53 45.85 19.89 19.46
C SER D 53 46.58 20.57 20.61
N LYS D 54 47.82 20.17 20.85
CA LYS D 54 48.60 20.78 21.93
C LYS D 54 48.84 22.26 21.60
N ALA D 55 49.11 22.56 20.35
CA ALA D 55 49.35 23.94 19.95
C ALA D 55 48.09 24.76 20.20
N ALA D 56 46.93 24.20 19.85
CA ALA D 56 45.67 24.87 20.06
C ALA D 56 45.43 25.15 21.55
N VAL D 57 45.76 24.17 22.38
CA VAL D 57 45.59 24.31 23.82
C VAL D 57 46.48 25.45 24.35
N LEU D 58 47.75 25.42 23.98
CA LEU D 58 48.69 26.44 24.44
C LEU D 58 48.34 27.86 24.00
N GLU D 59 47.60 27.99 22.89
CA GLU D 59 47.21 29.32 22.43
C GLU D 59 46.16 29.91 23.38
N THR D 60 45.32 29.05 23.93
CA THR D 60 44.29 29.47 24.87
C THR D 60 44.84 29.56 26.29
N ALA D 61 45.70 28.61 26.65
CA ALA D 61 46.30 28.58 27.98
C ALA D 61 47.79 28.29 27.88
N PRO D 62 48.61 29.35 27.72
CA PRO D 62 50.06 29.18 27.60
C PRO D 62 50.74 28.50 28.79
N ASP D 63 50.11 28.54 29.95
CA ASP D 63 50.70 27.94 31.15
C ASP D 63 50.27 26.48 31.38
N ALA D 64 49.51 25.93 30.45
CA ALA D 64 49.04 24.56 30.59
C ALA D 64 50.13 23.51 30.38
N GLU D 65 50.03 22.42 31.13
CA GLU D 65 50.96 21.31 31.00
C GLU D 65 50.21 20.29 30.15
N VAL D 66 50.76 19.96 28.99
CA VAL D 66 50.13 19.01 28.08
C VAL D 66 51.07 17.89 27.63
N LEU D 67 50.67 16.66 27.89
CA LEU D 67 51.43 15.48 27.48
C LEU D 67 50.70 14.86 26.30
N THR D 68 51.46 14.37 25.32
CA THR D 68 50.86 13.73 24.15
C THR D 68 51.46 12.33 23.98
N THR D 69 50.61 11.37 23.62
CA THR D 69 51.07 9.99 23.43
C THR D 69 50.37 9.36 22.23
N VAL D 70 51.16 8.74 21.35
CA VAL D 70 50.62 8.06 20.19
C VAL D 70 50.27 6.64 20.61
N ALA D 71 49.01 6.26 20.43
CA ALA D 71 48.56 4.93 20.80
C ALA D 71 47.27 4.52 20.09
N ASP D 72 47.14 3.24 19.81
CA ASP D 72 45.96 2.68 19.16
C ASP D 72 45.14 2.04 20.27
N VAL D 73 43.98 2.61 20.57
CA VAL D 73 43.12 2.12 21.65
C VAL D 73 42.62 0.68 21.53
N SER D 74 42.70 0.11 20.33
CA SER D 74 42.23 -1.27 20.15
C SER D 74 43.28 -2.27 20.63
N ASP D 75 44.50 -1.79 20.88
CA ASP D 75 45.60 -2.65 21.32
C ASP D 75 45.80 -2.48 22.83
N GLU D 76 45.54 -3.55 23.59
CA GLU D 76 45.65 -3.51 25.04
C GLU D 76 47.02 -3.04 25.55
N ALA D 77 48.09 -3.47 24.90
CA ALA D 77 49.43 -3.08 25.30
C ALA D 77 49.62 -1.57 25.16
N GLN D 78 49.04 -0.99 24.11
CA GLN D 78 49.16 0.44 23.90
C GLN D 78 48.25 1.23 24.85
N VAL D 79 47.16 0.61 25.30
CA VAL D 79 46.28 1.28 26.25
C VAL D 79 47.02 1.37 27.58
N GLU D 80 47.63 0.25 27.98
CA GLU D 80 48.37 0.24 29.23
C GLU D 80 49.52 1.24 29.15
N ALA D 81 50.08 1.39 27.96
CA ALA D 81 51.18 2.33 27.74
C ALA D 81 50.76 3.79 27.92
N TYR D 82 49.58 4.16 27.40
CA TYR D 82 49.16 5.55 27.54
C TYR D 82 48.72 5.88 28.96
N VAL D 83 48.22 4.89 29.68
CA VAL D 83 47.81 5.11 31.07
C VAL D 83 49.08 5.29 31.91
N THR D 84 50.06 4.43 31.69
CA THR D 84 51.32 4.50 32.43
C THR D 84 52.04 5.82 32.13
N ALA D 85 52.01 6.25 30.88
CA ALA D 85 52.66 7.50 30.49
C ALA D 85 52.04 8.66 31.27
N THR D 86 50.73 8.61 31.44
CA THR D 86 49.99 9.65 32.14
C THR D 86 50.30 9.69 33.64
N THR D 87 50.36 8.52 34.27
CA THR D 87 50.64 8.48 35.70
C THR D 87 52.10 8.80 36.02
N GLU D 88 53.02 8.45 35.13
CA GLU D 88 54.42 8.74 35.38
C GLU D 88 54.70 10.23 35.24
N ARG D 89 53.88 10.90 34.42
CA ARG D 89 54.05 12.33 34.20
C ARG D 89 53.29 13.18 35.22
N PHE D 90 52.07 12.77 35.57
CA PHE D 90 51.24 13.52 36.50
C PHE D 90 50.94 12.90 37.86
N GLY D 91 51.18 11.61 38.01
CA GLY D 91 50.95 10.94 39.29
C GLY D 91 49.52 10.59 39.66
N ARG D 92 48.57 10.91 38.79
CA ARG D 92 47.16 10.63 39.05
C ARG D 92 46.32 10.92 37.81
N ILE D 93 45.05 10.51 37.84
CA ILE D 93 44.12 10.74 36.74
C ILE D 93 42.81 11.15 37.39
N ASP D 94 42.46 12.43 37.29
CA ASP D 94 41.23 12.93 37.90
C ASP D 94 40.03 12.84 36.97
N GLY D 95 40.28 13.00 35.67
CA GLY D 95 39.21 12.93 34.68
C GLY D 95 39.64 12.10 33.49
N PHE D 96 38.67 11.47 32.83
CA PHE D 96 38.95 10.62 31.67
C PHE D 96 37.83 10.77 30.64
N PHE D 97 38.20 11.25 29.46
CA PHE D 97 37.26 11.41 28.35
C PHE D 97 37.66 10.29 27.38
N ASN D 98 36.93 9.17 27.51
CA ASN D 98 37.10 7.93 26.74
C ASN D 98 36.34 8.22 25.45
N ASN D 99 37.03 8.86 24.53
CA ASN D 99 36.43 9.40 23.31
C ASN D 99 36.79 8.90 21.90
N ALA D 100 37.94 8.27 21.72
CA ALA D 100 38.34 7.81 20.38
C ALA D 100 37.29 6.96 19.69
N GLY D 101 37.14 7.15 18.37
CA GLY D 101 36.18 6.37 17.62
C GLY D 101 36.23 6.63 16.13
N ILE D 102 35.61 5.74 15.36
CA ILE D 102 35.53 5.86 13.91
C ILE D 102 34.08 5.58 13.51
N GLU D 103 33.68 5.98 12.31
CA GLU D 103 32.30 5.76 11.88
C GLU D 103 32.05 4.37 11.30
N GLY D 104 32.87 4.00 10.32
CA GLY D 104 32.69 2.72 9.65
C GLY D 104 31.98 2.97 8.33
N LYS D 105 32.25 2.14 7.32
CA LYS D 105 31.64 2.30 6.01
C LYS D 105 30.13 2.03 6.05
N GLN D 106 29.34 3.00 5.58
CA GLN D 106 27.88 2.87 5.54
C GLN D 106 27.40 1.77 4.61
N ASN D 107 26.41 1.00 5.06
CA ASN D 107 25.83 -0.09 4.28
C ASN D 107 24.70 -0.73 5.06
N PRO D 108 23.67 -1.26 4.37
CA PRO D 108 22.55 -1.91 5.04
C PRO D 108 23.11 -3.16 5.70
N THR D 109 22.41 -3.69 6.70
CA THR D 109 22.87 -4.86 7.42
C THR D 109 23.37 -6.02 6.57
N GLU D 110 22.59 -6.44 5.58
CA GLU D 110 22.99 -7.56 4.75
C GLU D 110 24.26 -7.34 3.94
N SER D 111 24.70 -6.09 3.84
CA SER D 111 25.91 -5.75 3.07
C SER D 111 27.01 -5.09 3.90
N PHE D 112 26.84 -5.02 5.21
CA PHE D 112 27.82 -4.35 6.05
C PHE D 112 29.18 -5.02 6.15
N THR D 113 29.18 -6.35 6.12
CA THR D 113 30.36 -7.22 6.19
C THR D 113 30.89 -7.43 7.61
N ALA D 114 31.35 -8.64 7.88
CA ALA D 114 31.88 -8.99 9.19
C ALA D 114 33.18 -8.22 9.47
N ALA D 115 33.98 -8.01 8.43
CA ALA D 115 35.25 -7.31 8.59
C ALA D 115 35.07 -5.89 9.10
N GLU D 116 34.14 -5.15 8.49
CA GLU D 116 33.89 -3.78 8.90
C GLU D 116 33.23 -3.74 10.27
N PHE D 117 32.38 -4.73 10.54
CA PHE D 117 31.71 -4.80 11.84
C PHE D 117 32.76 -4.96 12.93
N ASP D 118 33.67 -5.90 12.73
CA ASP D 118 34.74 -6.19 13.68
C ASP D 118 35.67 -4.98 13.89
N LYS D 119 35.92 -4.23 12.83
CA LYS D 119 36.80 -3.07 12.91
C LYS D 119 36.20 -1.96 13.77
N VAL D 120 34.94 -1.64 13.53
CA VAL D 120 34.26 -0.60 14.30
C VAL D 120 34.13 -1.01 15.78
N VAL D 121 33.80 -2.27 16.03
CA VAL D 121 33.67 -2.76 17.40
C VAL D 121 35.02 -2.73 18.14
N SER D 122 36.10 -3.11 17.46
CA SER D 122 37.41 -3.14 18.09
C SER D 122 37.86 -1.77 18.61
N ILE D 123 37.55 -0.72 17.87
CA ILE D 123 37.95 0.63 18.26
C ILE D 123 36.91 1.31 19.17
N ASN D 124 35.68 1.40 18.68
CA ASN D 124 34.60 2.07 19.42
C ASN D 124 34.11 1.41 20.70
N LEU D 125 34.11 0.09 20.74
CA LEU D 125 33.63 -0.62 21.92
C LEU D 125 34.75 -1.23 22.76
N ARG D 126 35.60 -2.05 22.15
CA ARG D 126 36.70 -2.67 22.89
C ARG D 126 37.64 -1.60 23.43
N GLY D 127 37.89 -0.56 22.64
CA GLY D 127 38.78 0.51 23.07
C GLY D 127 38.27 1.20 24.33
N VAL D 128 36.95 1.41 24.39
CA VAL D 128 36.35 2.05 25.54
C VAL D 128 36.43 1.11 26.76
N PHE D 129 36.21 -0.18 26.54
CA PHE D 129 36.30 -1.13 27.63
C PHE D 129 37.73 -1.18 28.21
N LEU D 130 38.72 -1.27 27.32
CA LEU D 130 40.12 -1.33 27.76
C LEU D 130 40.48 -0.09 28.56
N GLY D 131 40.02 1.06 28.11
CA GLY D 131 40.30 2.29 28.83
C GLY D 131 39.72 2.26 30.23
N LEU D 132 38.46 1.84 30.34
CA LEU D 132 37.80 1.77 31.64
C LEU D 132 38.50 0.76 32.54
N GLU D 133 38.86 -0.39 31.99
CA GLU D 133 39.53 -1.43 32.78
C GLU D 133 40.79 -0.92 33.46
N LYS D 134 41.60 -0.16 32.74
CA LYS D 134 42.86 0.35 33.30
C LYS D 134 42.70 1.60 34.18
N VAL D 135 41.90 2.55 33.73
CA VAL D 135 41.70 3.79 34.47
C VAL D 135 40.85 3.69 35.73
N LEU D 136 39.81 2.86 35.72
CA LEU D 136 38.97 2.75 36.91
C LEU D 136 39.72 2.17 38.11
N LYS D 137 40.73 1.34 37.84
CA LYS D 137 41.53 0.76 38.92
C LYS D 137 42.27 1.90 39.62
N ILE D 138 42.86 2.79 38.82
CA ILE D 138 43.60 3.93 39.35
C ILE D 138 42.68 4.87 40.14
N MET D 139 41.50 5.13 39.60
CA MET D 139 40.55 6.00 40.26
C MET D 139 40.03 5.41 41.57
N ARG D 140 39.82 4.10 41.60
CA ARG D 140 39.35 3.47 42.83
C ARG D 140 40.41 3.62 43.91
N GLU D 141 41.67 3.38 43.55
CA GLU D 141 42.77 3.52 44.49
C GLU D 141 42.85 4.94 45.02
N GLN D 142 42.53 5.91 44.15
CA GLN D 142 42.54 7.33 44.51
C GLN D 142 41.36 7.71 45.39
N GLY D 143 40.25 7.00 45.22
CA GLY D 143 39.06 7.30 45.98
C GLY D 143 38.31 8.44 45.30
N SER D 144 38.61 8.67 44.02
CA SER D 144 37.94 9.74 43.27
C SER D 144 38.23 9.64 41.78
N GLY D 145 37.37 10.26 40.98
CA GLY D 145 37.56 10.25 39.54
C GLY D 145 36.25 10.43 38.81
N MET D 146 36.32 11.10 37.65
CA MET D 146 35.16 11.36 36.82
C MET D 146 35.44 10.83 35.42
N VAL D 147 34.47 10.15 34.82
CA VAL D 147 34.64 9.57 33.49
C VAL D 147 33.49 9.89 32.55
N VAL D 148 33.81 10.23 31.31
CA VAL D 148 32.79 10.48 30.30
C VAL D 148 33.14 9.61 29.10
N ASN D 149 32.22 8.72 28.72
CA ASN D 149 32.44 7.87 27.56
C ASN D 149 31.65 8.49 26.42
N THR D 150 32.25 8.53 25.23
CA THR D 150 31.53 9.11 24.11
C THR D 150 30.69 8.07 23.39
N ALA D 151 29.38 8.22 23.48
CA ALA D 151 28.47 7.31 22.79
C ALA D 151 28.07 8.07 21.53
N SER D 152 26.76 8.18 21.31
CA SER D 152 26.23 8.86 20.14
C SER D 152 24.72 8.74 20.18
N VAL D 153 24.01 9.51 19.36
CA VAL D 153 22.56 9.37 19.33
C VAL D 153 22.32 7.98 18.73
N GLY D 154 23.30 7.49 17.97
CA GLY D 154 23.22 6.16 17.38
C GLY D 154 23.45 5.09 18.44
N GLY D 155 23.69 5.53 19.66
CA GLY D 155 23.90 4.61 20.78
C GLY D 155 22.62 4.49 21.58
N ILE D 156 21.60 5.27 21.20
CA ILE D 156 20.32 5.23 21.90
C ILE D 156 19.13 5.18 20.92
N ARG D 157 19.42 5.32 19.63
CA ARG D 157 18.39 5.30 18.59
C ARG D 157 18.94 4.60 17.36
N GLY D 158 18.08 4.31 16.40
CA GLY D 158 18.52 3.66 15.18
C GLY D 158 18.63 4.68 14.06
N ILE D 159 19.84 4.83 13.52
CA ILE D 159 20.08 5.79 12.43
C ILE D 159 19.90 5.14 11.07
N GLY D 160 20.33 3.89 10.94
CA GLY D 160 20.22 3.18 9.68
C GLY D 160 21.55 3.16 8.94
N ASN D 161 21.82 2.04 8.28
CA ASN D 161 23.04 1.84 7.50
C ASN D 161 24.33 1.87 8.30
N GLN D 162 24.24 1.65 9.61
CA GLN D 162 25.44 1.64 10.44
C GLN D 162 25.45 0.55 11.52
N SER D 163 25.29 -0.69 11.08
CA SER D 163 25.29 -1.82 12.02
C SER D 163 26.45 -1.78 13.00
N GLY D 164 27.65 -1.61 12.49
CA GLY D 164 28.83 -1.57 13.34
C GLY D 164 28.80 -0.47 14.38
N TYR D 165 28.54 0.75 13.94
CA TYR D 165 28.49 1.91 14.82
C TYR D 165 27.37 1.80 15.85
N ALA D 166 26.17 1.43 15.40
CA ALA D 166 25.02 1.29 16.30
C ALA D 166 25.29 0.26 17.39
N ALA D 167 25.85 -0.88 17.01
CA ALA D 167 26.16 -1.93 17.97
C ALA D 167 27.21 -1.46 18.96
N ALA D 168 28.29 -0.87 18.42
CA ALA D 168 29.38 -0.40 19.26
C ALA D 168 28.99 0.74 20.20
N LYS D 169 28.29 1.74 19.68
CA LYS D 169 27.89 2.88 20.52
C LYS D 169 26.81 2.50 21.55
N HIS D 170 25.95 1.56 21.22
CA HIS D 170 24.95 1.12 22.20
C HIS D 170 25.75 0.39 23.28
N GLY D 171 26.77 -0.34 22.84
CA GLY D 171 27.64 -1.07 23.76
C GLY D 171 28.35 -0.14 24.73
N VAL D 172 28.71 1.05 24.25
CA VAL D 172 29.39 2.03 25.09
C VAL D 172 28.45 2.49 26.21
N VAL D 173 27.17 2.62 25.88
CA VAL D 173 26.17 3.00 26.88
C VAL D 173 26.07 1.88 27.91
N GLY D 174 26.16 0.64 27.45
CA GLY D 174 26.10 -0.52 28.34
C GLY D 174 27.24 -0.53 29.33
N LEU D 175 28.45 -0.27 28.85
CA LEU D 175 29.64 -0.22 29.71
C LEU D 175 29.50 0.91 30.72
N THR D 176 28.93 2.02 30.27
CA THR D 176 28.72 3.18 31.11
C THR D 176 27.80 2.84 32.28
N ARG D 177 26.67 2.22 31.98
CA ARG D 177 25.72 1.84 33.02
C ARG D 177 26.26 0.76 33.96
N ASN D 178 26.85 -0.29 33.41
CA ASN D 178 27.40 -1.37 34.23
C ASN D 178 28.52 -0.88 35.15
N SER D 179 29.50 -0.19 34.58
CA SER D 179 30.61 0.33 35.38
C SER D 179 30.15 1.34 36.44
N ALA D 180 29.21 2.20 36.07
CA ALA D 180 28.70 3.21 36.99
C ALA D 180 28.07 2.60 38.22
N VAL D 181 27.41 1.45 38.05
CA VAL D 181 26.78 0.78 39.17
C VAL D 181 27.84 0.14 40.06
N GLU D 182 28.96 -0.25 39.46
CA GLU D 182 30.05 -0.88 40.20
C GLU D 182 30.89 0.10 41.01
N TYR D 183 31.27 1.22 40.38
CA TYR D 183 32.15 2.18 41.02
C TYR D 183 31.56 3.42 41.70
N GLY D 184 30.25 3.59 41.65
CA GLY D 184 29.65 4.76 42.29
C GLY D 184 29.90 4.84 43.78
N ARG D 185 30.07 3.68 44.41
CA ARG D 185 30.29 3.60 45.86
C ARG D 185 31.57 4.27 46.31
N TYR D 186 32.51 4.46 45.38
CA TYR D 186 33.79 5.09 45.70
C TYR D 186 33.77 6.61 45.46
N GLY D 187 32.64 7.13 45.01
CA GLY D 187 32.54 8.55 44.73
C GLY D 187 32.86 8.83 43.27
N ILE D 188 33.21 7.78 42.54
CA ILE D 188 33.54 7.88 41.12
C ILE D 188 32.24 8.02 40.33
N ARG D 189 32.27 8.83 39.27
CA ARG D 189 31.07 9.01 38.45
C ARG D 189 31.42 8.67 37.00
N ILE D 190 30.56 7.87 36.37
CA ILE D 190 30.75 7.45 34.99
C ILE D 190 29.48 7.75 34.21
N ASN D 191 29.61 8.61 33.21
CA ASN D 191 28.47 9.00 32.39
C ASN D 191 28.86 8.96 30.92
N ALA D 192 27.87 9.08 30.06
CA ALA D 192 28.11 9.07 28.62
C ALA D 192 27.44 10.26 27.96
N ILE D 193 28.04 10.73 26.86
CA ILE D 193 27.42 11.80 26.10
C ILE D 193 26.94 11.17 24.80
N ALA D 194 25.85 11.69 24.28
CA ALA D 194 25.30 11.18 23.03
C ALA D 194 25.19 12.33 22.03
N PRO D 195 26.32 12.69 21.40
CA PRO D 195 26.29 13.78 20.43
C PRO D 195 25.49 13.45 19.18
N GLY D 196 24.86 14.47 18.62
CA GLY D 196 24.09 14.31 17.41
C GLY D 196 24.89 14.89 16.26
N ALA D 197 24.24 15.70 15.44
CA ALA D 197 24.92 16.32 14.30
C ALA D 197 25.82 17.48 14.74
N ILE D 198 27.06 17.16 15.07
CA ILE D 198 28.05 18.16 15.46
C ILE D 198 29.00 18.27 14.27
N TRP D 199 29.31 19.49 13.83
CA TRP D 199 30.20 19.64 12.68
C TRP D 199 31.67 19.41 13.04
N THR D 200 32.10 18.16 12.90
CA THR D 200 33.48 17.75 13.19
C THR D 200 33.97 16.97 11.97
N PRO D 201 35.25 16.59 11.94
CA PRO D 201 35.76 15.84 10.79
C PRO D 201 35.02 14.51 10.52
N MET D 202 34.59 13.82 11.58
CA MET D 202 33.86 12.56 11.39
C MET D 202 32.52 12.78 10.70
N VAL D 203 31.80 13.81 11.11
CA VAL D 203 30.50 14.09 10.54
C VAL D 203 30.62 14.62 9.12
N GLU D 204 31.67 15.40 8.85
CA GLU D 204 31.88 15.92 7.50
C GLU D 204 32.12 14.74 6.57
N ASN D 205 32.90 13.75 7.04
CA ASN D 205 33.19 12.57 6.23
C ASN D 205 31.96 11.70 6.07
N SER D 206 31.11 11.67 7.10
CA SER D 206 29.88 10.88 7.07
C SER D 206 28.96 11.38 5.97
N MET D 207 28.87 12.70 5.82
CA MET D 207 28.03 13.30 4.80
C MET D 207 28.58 13.00 3.41
N LYS D 208 29.91 12.86 3.32
CA LYS D 208 30.55 12.54 2.05
C LYS D 208 30.19 11.11 1.66
N GLN D 209 30.02 10.24 2.66
CA GLN D 209 29.63 8.85 2.41
C GLN D 209 28.19 8.81 1.92
N LEU D 210 27.36 9.63 2.55
CA LEU D 210 25.94 9.69 2.22
C LEU D 210 25.73 10.10 0.75
N ASP D 211 26.42 11.15 0.32
CA ASP D 211 26.31 11.62 -1.06
C ASP D 211 27.66 12.15 -1.52
N PRO D 212 28.51 11.27 -2.08
CA PRO D 212 29.84 11.64 -2.56
C PRO D 212 29.79 12.77 -3.60
N GLU D 213 28.74 12.78 -4.41
CA GLU D 213 28.57 13.79 -5.46
C GLU D 213 28.28 15.17 -4.88
N ASN D 214 27.39 15.23 -3.89
CA ASN D 214 27.01 16.50 -3.29
C ASN D 214 26.92 16.37 -1.77
N PRO D 215 28.06 16.43 -1.06
CA PRO D 215 28.04 16.32 0.40
C PRO D 215 27.34 17.48 1.09
N ARG D 216 27.38 18.65 0.47
CA ARG D 216 26.74 19.84 1.03
C ARG D 216 25.22 19.65 1.06
N LYS D 217 24.67 19.11 -0.02
CA LYS D 217 23.24 18.84 -0.11
C LYS D 217 22.86 17.83 0.96
N ALA D 218 23.69 16.80 1.11
CA ALA D 218 23.45 15.75 2.10
C ALA D 218 23.37 16.34 3.50
N ALA D 219 24.34 17.20 3.83
CA ALA D 219 24.39 17.82 5.15
C ALA D 219 23.19 18.72 5.42
N GLU D 220 22.82 19.53 4.44
CA GLU D 220 21.68 20.44 4.59
C GLU D 220 20.40 19.65 4.80
N GLU D 221 20.23 18.59 4.02
CA GLU D 221 19.06 17.74 4.08
C GLU D 221 18.94 17.02 5.43
N PHE D 222 20.07 16.52 5.92
CA PHE D 222 20.11 15.79 7.18
C PHE D 222 19.64 16.60 8.39
N ILE D 223 20.01 17.88 8.43
CA ILE D 223 19.67 18.74 9.57
C ILE D 223 18.29 19.40 9.53
N GLN D 224 17.61 19.32 8.39
CA GLN D 224 16.28 19.93 8.24
C GLN D 224 15.27 19.56 9.33
N VAL D 225 15.25 18.28 9.70
CA VAL D 225 14.31 17.80 10.70
C VAL D 225 14.68 18.10 12.16
N ASN D 226 15.90 18.58 12.39
CA ASN D 226 16.34 18.86 13.75
C ASN D 226 15.56 20.02 14.39
N PRO D 227 15.10 19.86 15.64
CA PRO D 227 14.34 20.92 16.32
C PRO D 227 15.06 22.26 16.41
N SER D 228 16.38 22.22 16.56
CA SER D 228 17.18 23.44 16.68
C SER D 228 17.51 24.06 15.33
N LYS D 229 17.17 23.34 14.26
CA LYS D 229 17.38 23.79 12.89
C LYS D 229 18.82 24.13 12.53
N ARG D 230 19.78 23.56 13.26
CA ARG D 230 21.19 23.81 12.97
C ARG D 230 22.07 22.71 13.50
N TYR D 231 23.30 22.66 13.00
CA TYR D 231 24.30 21.70 13.43
C TYR D 231 24.90 22.23 14.72
N GLY D 232 25.41 21.33 15.56
CA GLY D 232 26.05 21.76 16.79
C GLY D 232 27.51 21.99 16.46
N GLU D 233 28.24 22.67 17.34
CA GLU D 233 29.65 22.93 17.13
C GLU D 233 30.44 22.24 18.24
N ALA D 234 31.69 21.88 17.94
CA ALA D 234 32.53 21.18 18.91
C ALA D 234 32.60 21.81 20.30
N PRO D 235 32.73 23.14 20.39
CA PRO D 235 32.80 23.75 21.72
C PRO D 235 31.55 23.51 22.56
N GLU D 236 30.42 23.28 21.89
CA GLU D 236 29.17 23.02 22.58
C GLU D 236 29.18 21.64 23.25
N ILE D 237 30.00 20.74 22.70
CA ILE D 237 30.13 19.40 23.28
C ILE D 237 31.12 19.51 24.43
N ALA D 238 32.22 20.22 24.18
CA ALA D 238 33.27 20.40 25.18
C ALA D 238 32.71 21.00 26.47
N ALA D 239 31.71 21.87 26.34
CA ALA D 239 31.09 22.52 27.49
C ALA D 239 30.34 21.51 28.36
N VAL D 240 29.72 20.52 27.71
CA VAL D 240 28.98 19.49 28.45
C VAL D 240 29.95 18.52 29.10
N VAL D 241 31.02 18.17 28.38
CA VAL D 241 32.01 17.25 28.92
C VAL D 241 32.71 17.90 30.11
N ALA D 242 32.97 19.20 30.04
CA ALA D 242 33.61 19.91 31.15
C ALA D 242 32.72 19.82 32.38
N PHE D 243 31.41 19.95 32.18
CA PHE D 243 30.45 19.85 33.28
C PHE D 243 30.51 18.45 33.90
N LEU D 244 30.40 17.43 33.06
CA LEU D 244 30.42 16.04 33.50
C LEU D 244 31.73 15.56 34.14
N LEU D 245 32.83 16.25 33.88
CA LEU D 245 34.12 15.84 34.46
C LEU D 245 34.46 16.66 35.69
N SER D 246 33.59 17.63 36.03
CA SER D 246 33.81 18.51 37.17
C SER D 246 33.02 18.12 38.42
N ASP D 247 33.25 18.84 39.51
CA ASP D 247 32.55 18.60 40.76
C ASP D 247 31.06 18.90 40.61
N ASP D 248 30.70 19.67 39.59
CA ASP D 248 29.30 20.01 39.37
C ASP D 248 28.45 18.78 39.06
N ALA D 249 29.08 17.70 38.64
CA ALA D 249 28.36 16.47 38.33
C ALA D 249 28.57 15.43 39.44
N SER D 250 28.83 15.90 40.65
CA SER D 250 29.09 15.00 41.78
C SER D 250 27.98 14.01 42.13
N TYR D 251 26.74 14.26 41.66
CA TYR D 251 25.69 13.29 41.97
C TYR D 251 25.04 12.77 40.68
N VAL D 252 25.70 13.00 39.55
CA VAL D 252 25.21 12.54 38.26
C VAL D 252 26.00 11.27 37.94
N ASN D 253 25.31 10.15 37.75
CA ASN D 253 26.00 8.89 37.51
C ASN D 253 25.18 7.95 36.62
N ALA D 254 25.87 7.20 35.76
CA ALA D 254 25.23 6.22 34.86
C ALA D 254 24.24 6.82 33.86
N THR D 255 24.36 8.11 33.58
CA THR D 255 23.43 8.75 32.65
C THR D 255 23.99 8.88 31.24
N VAL D 256 23.08 9.11 30.30
CA VAL D 256 23.44 9.34 28.91
C VAL D 256 22.85 10.72 28.63
N VAL D 257 23.70 11.67 28.29
CA VAL D 257 23.25 13.03 28.02
C VAL D 257 23.27 13.33 26.52
N PRO D 258 22.09 13.38 25.88
CA PRO D 258 22.09 13.68 24.44
C PRO D 258 22.44 15.15 24.22
N ILE D 259 23.26 15.42 23.22
CA ILE D 259 23.64 16.79 22.88
C ILE D 259 23.32 16.79 21.39
N ASP D 260 22.04 16.94 21.10
CA ASP D 260 21.56 16.84 19.73
C ASP D 260 20.49 17.84 19.28
N GLY D 261 20.39 18.97 19.96
CA GLY D 261 19.38 19.94 19.57
C GLY D 261 17.95 19.52 19.87
N GLY D 262 17.80 18.31 20.42
CA GLY D 262 16.47 17.81 20.78
C GLY D 262 15.89 16.73 19.89
N GLN D 263 16.62 16.31 18.86
CA GLN D 263 16.09 15.32 17.93
C GLN D 263 15.79 13.91 18.48
N SER D 264 16.59 13.41 19.42
CA SER D 264 16.31 12.07 19.91
C SER D 264 15.02 12.02 20.73
N ALA D 265 14.60 13.16 21.27
CA ALA D 265 13.37 13.22 22.06
C ALA D 265 12.16 13.47 21.17
N ALA D 266 12.41 13.91 19.94
CA ALA D 266 11.34 14.21 19.00
C ALA D 266 10.79 12.96 18.30
N TYR D 267 9.47 12.90 18.11
CA TYR D 267 8.89 11.75 17.42
C TYR D 267 9.11 11.93 15.92
N ARG E 10 -35.21 -29.48 -27.94
CA ARG E 10 -34.50 -28.93 -26.75
C ARG E 10 -35.44 -28.14 -25.83
N PHE E 11 -36.68 -27.95 -26.27
CA PHE E 11 -37.64 -27.17 -25.49
C PHE E 11 -38.94 -27.85 -25.11
N THR E 12 -38.96 -29.18 -25.16
CA THR E 12 -40.17 -29.90 -24.81
C THR E 12 -40.77 -29.46 -23.47
N ASP E 13 -41.97 -28.87 -23.54
CA ASP E 13 -42.70 -28.38 -22.37
C ASP E 13 -42.02 -27.27 -21.57
N ARG E 14 -41.02 -26.62 -22.17
CA ARG E 14 -40.34 -25.52 -21.50
C ARG E 14 -41.09 -24.26 -21.84
N VAL E 15 -41.31 -23.41 -20.84
CA VAL E 15 -42.05 -22.16 -21.03
C VAL E 15 -41.14 -21.00 -21.40
N VAL E 16 -41.41 -20.39 -22.56
CA VAL E 16 -40.61 -19.25 -23.00
C VAL E 16 -41.48 -18.02 -23.20
N LEU E 17 -41.09 -16.92 -22.55
CA LEU E 17 -41.79 -15.64 -22.61
C LEU E 17 -41.08 -14.74 -23.63
N ILE E 18 -41.83 -14.20 -24.58
CA ILE E 18 -41.26 -13.35 -25.63
C ILE E 18 -41.95 -11.99 -25.74
N THR E 19 -41.20 -10.89 -25.58
CA THR E 19 -41.81 -9.57 -25.75
C THR E 19 -41.55 -9.17 -27.20
N GLY E 20 -42.45 -8.38 -27.78
CA GLY E 20 -42.31 -8.00 -29.18
C GLY E 20 -42.60 -9.26 -29.99
N GLY E 21 -43.41 -10.14 -29.42
CA GLY E 21 -43.73 -11.41 -30.08
C GLY E 21 -44.74 -11.35 -31.22
N GLY E 22 -45.26 -10.17 -31.51
CA GLY E 22 -46.24 -10.04 -32.57
C GLY E 22 -45.70 -9.76 -33.96
N SER E 23 -44.37 -9.76 -34.11
CA SER E 23 -43.78 -9.49 -35.42
C SER E 23 -42.30 -9.83 -35.48
N GLY E 24 -41.75 -9.71 -36.69
CA GLY E 24 -40.33 -9.94 -36.93
C GLY E 24 -39.57 -11.00 -36.17
N LEU E 25 -38.50 -10.59 -35.50
CA LEU E 25 -37.67 -11.51 -34.74
C LEU E 25 -38.43 -12.25 -33.64
N GLY E 26 -39.34 -11.56 -32.98
CA GLY E 26 -40.12 -12.19 -31.93
C GLY E 26 -40.98 -13.31 -32.47
N ARG E 27 -41.61 -13.08 -33.61
CA ARG E 27 -42.47 -14.09 -34.23
C ARG E 27 -41.67 -15.27 -34.74
N ALA E 28 -40.54 -15.00 -35.41
CA ALA E 28 -39.70 -16.05 -35.95
C ALA E 28 -39.16 -16.93 -34.83
N THR E 29 -38.84 -16.32 -33.70
CA THR E 29 -38.32 -17.07 -32.57
C THR E 29 -39.43 -17.94 -31.98
N ALA E 30 -40.64 -17.41 -31.94
CA ALA E 30 -41.79 -18.17 -31.42
C ALA E 30 -41.98 -19.43 -32.26
N VAL E 31 -41.94 -19.27 -33.58
CA VAL E 31 -42.11 -20.40 -34.48
C VAL E 31 -41.05 -21.46 -34.26
N ARG E 32 -39.77 -21.05 -34.23
CA ARG E 32 -38.66 -21.98 -34.03
C ARG E 32 -38.75 -22.71 -32.70
N LEU E 33 -39.06 -21.99 -31.62
CA LEU E 33 -39.16 -22.61 -30.31
C LEU E 33 -40.34 -23.59 -30.24
N ALA E 34 -41.43 -23.24 -30.91
CA ALA E 34 -42.61 -24.12 -30.92
C ALA E 34 -42.26 -25.42 -31.65
N ALA E 35 -41.45 -25.32 -32.70
CA ALA E 35 -41.04 -26.49 -33.47
C ALA E 35 -40.19 -27.40 -32.58
N GLU E 36 -39.56 -26.81 -31.56
CA GLU E 36 -38.74 -27.58 -30.64
C GLU E 36 -39.49 -28.01 -29.38
N GLY E 37 -40.82 -27.83 -29.40
CA GLY E 37 -41.65 -28.25 -28.28
C GLY E 37 -42.01 -27.28 -27.18
N ALA E 38 -41.61 -26.02 -27.30
CA ALA E 38 -41.90 -25.05 -26.24
C ALA E 38 -43.35 -24.63 -26.07
N LYS E 39 -43.66 -24.16 -24.86
CA LYS E 39 -44.96 -23.59 -24.52
C LYS E 39 -44.62 -22.11 -24.59
N LEU E 40 -45.49 -21.30 -25.18
CA LEU E 40 -45.16 -19.90 -25.36
C LEU E 40 -46.10 -18.85 -24.75
N SER E 41 -45.50 -17.74 -24.36
CA SER E 41 -46.23 -16.60 -23.84
C SER E 41 -45.71 -15.43 -24.65
N LEU E 42 -46.54 -14.92 -25.55
CA LEU E 42 -46.15 -13.81 -26.41
C LEU E 42 -46.74 -12.49 -25.90
N VAL E 43 -45.90 -11.46 -25.85
CA VAL E 43 -46.33 -10.15 -25.36
C VAL E 43 -46.04 -9.07 -26.40
N ASP E 44 -47.00 -8.17 -26.62
CA ASP E 44 -46.84 -7.10 -27.61
C ASP E 44 -47.93 -6.05 -27.40
N VAL E 45 -47.73 -4.86 -27.97
CA VAL E 45 -48.75 -3.82 -27.87
C VAL E 45 -49.81 -4.03 -28.95
N SER E 46 -49.45 -4.82 -29.97
CA SER E 46 -50.35 -5.10 -31.08
C SER E 46 -51.08 -6.44 -30.97
N SER E 47 -52.40 -6.39 -30.76
CA SER E 47 -53.19 -7.62 -30.65
C SER E 47 -53.28 -8.31 -32.01
N GLU E 48 -53.23 -7.53 -33.08
CA GLU E 48 -53.30 -8.06 -34.43
C GLU E 48 -52.02 -8.82 -34.73
N GLY E 49 -50.89 -8.28 -34.29
CA GLY E 49 -49.61 -8.95 -34.50
C GLY E 49 -49.55 -10.24 -33.71
N LEU E 50 -50.06 -10.21 -32.49
CA LEU E 50 -50.06 -11.40 -31.65
C LEU E 50 -50.90 -12.50 -32.30
N GLU E 51 -52.01 -12.10 -32.89
CA GLU E 51 -52.91 -13.04 -33.57
C GLU E 51 -52.20 -13.74 -34.71
N ALA E 52 -51.53 -12.95 -35.55
CA ALA E 52 -50.81 -13.47 -36.69
C ALA E 52 -49.62 -14.34 -36.27
N SER E 53 -48.98 -13.97 -35.18
CA SER E 53 -47.83 -14.73 -34.69
C SER E 53 -48.28 -16.10 -34.17
N LYS E 54 -49.37 -16.11 -33.41
CA LYS E 54 -49.88 -17.37 -32.88
C LYS E 54 -50.32 -18.27 -34.03
N ALA E 55 -50.95 -17.69 -35.05
CA ALA E 55 -51.39 -18.46 -36.20
C ALA E 55 -50.18 -19.11 -36.89
N ALA E 56 -49.11 -18.34 -37.03
CA ALA E 56 -47.89 -18.84 -37.65
C ALA E 56 -47.31 -20.00 -36.84
N VAL E 57 -47.32 -19.85 -35.53
CA VAL E 57 -46.80 -20.89 -34.65
C VAL E 57 -47.60 -22.18 -34.80
N LEU E 58 -48.92 -22.07 -34.80
CA LEU E 58 -49.79 -23.24 -34.91
C LEU E 58 -49.71 -23.95 -36.26
N GLU E 59 -49.25 -23.27 -37.30
CA GLU E 59 -49.12 -23.91 -38.60
C GLU E 59 -47.92 -24.85 -38.57
N THR E 60 -46.93 -24.48 -37.78
CA THR E 60 -45.71 -25.27 -37.61
C THR E 60 -45.89 -26.34 -36.54
N ALA E 61 -46.56 -25.98 -35.45
CA ALA E 61 -46.80 -26.89 -34.33
C ALA E 61 -48.24 -26.77 -33.85
N PRO E 62 -49.17 -27.51 -34.49
CA PRO E 62 -50.59 -27.49 -34.14
C PRO E 62 -50.90 -27.80 -32.68
N ASP E 63 -50.05 -28.56 -32.02
CA ASP E 63 -50.28 -28.94 -30.63
C ASP E 63 -49.65 -27.99 -29.60
N ALA E 64 -49.09 -26.89 -30.06
CA ALA E 64 -48.46 -25.93 -29.17
C ALA E 64 -49.45 -25.10 -28.36
N GLU E 65 -49.07 -24.80 -27.12
CA GLU E 65 -49.90 -23.96 -26.26
C GLU E 65 -49.30 -22.57 -26.37
N VAL E 66 -50.11 -21.61 -26.80
CA VAL E 66 -49.63 -20.24 -26.97
C VAL E 66 -50.52 -19.22 -26.28
N LEU E 67 -49.96 -18.53 -25.28
CA LEU E 67 -50.68 -17.49 -24.56
C LEU E 67 -50.27 -16.15 -25.19
N THR E 68 -51.22 -15.23 -25.31
CA THR E 68 -50.91 -13.91 -25.86
C THR E 68 -51.42 -12.85 -24.88
N THR E 69 -50.63 -11.79 -24.71
CA THR E 69 -50.99 -10.72 -23.79
C THR E 69 -50.61 -9.37 -24.37
N VAL E 70 -51.55 -8.42 -24.34
CA VAL E 70 -51.28 -7.08 -24.86
C VAL E 70 -50.72 -6.24 -23.71
N ALA E 71 -49.53 -5.69 -23.92
CA ALA E 71 -48.89 -4.87 -22.90
C ALA E 71 -47.81 -3.99 -23.49
N ASP E 72 -47.64 -2.81 -22.90
CA ASP E 72 -46.64 -1.82 -23.31
C ASP E 72 -45.48 -1.96 -22.31
N VAL E 73 -44.34 -2.45 -22.79
CA VAL E 73 -43.17 -2.70 -21.95
C VAL E 73 -42.56 -1.51 -21.23
N SER E 74 -42.96 -0.29 -21.60
CA SER E 74 -42.42 0.91 -20.96
C SER E 74 -43.20 1.25 -19.68
N ASP E 75 -44.29 0.53 -19.46
CA ASP E 75 -45.16 0.75 -18.31
C ASP E 75 -44.95 -0.37 -17.29
N GLU E 76 -44.40 -0.03 -16.12
CA GLU E 76 -44.12 -1.02 -15.09
C GLU E 76 -45.32 -1.87 -14.68
N ALA E 77 -46.49 -1.26 -14.56
CA ALA E 77 -47.67 -2.01 -14.18
C ALA E 77 -48.03 -3.05 -15.23
N GLN E 78 -47.85 -2.70 -16.50
CA GLN E 78 -48.16 -3.61 -17.58
C GLN E 78 -47.13 -4.74 -17.68
N VAL E 79 -45.89 -4.46 -17.29
CA VAL E 79 -44.86 -5.48 -17.31
C VAL E 79 -45.19 -6.52 -16.24
N GLU E 80 -45.57 -6.05 -15.05
CA GLU E 80 -45.93 -6.97 -13.98
C GLU E 80 -47.13 -7.79 -14.44
N ALA E 81 -48.01 -7.17 -15.21
CA ALA E 81 -49.19 -7.85 -15.72
C ALA E 81 -48.86 -8.98 -16.69
N TYR E 82 -47.90 -8.77 -17.60
CA TYR E 82 -47.59 -9.86 -18.53
C TYR E 82 -46.83 -10.99 -17.87
N VAL E 83 -46.06 -10.66 -16.83
CA VAL E 83 -45.31 -11.67 -16.10
C VAL E 83 -46.32 -12.51 -15.32
N THR E 84 -47.24 -11.84 -14.62
CA THR E 84 -48.27 -12.53 -13.84
C THR E 84 -49.16 -13.40 -14.71
N ALA E 85 -49.51 -12.90 -15.90
CA ALA E 85 -50.35 -13.66 -16.81
C ALA E 85 -49.62 -14.95 -17.19
N THR E 86 -48.31 -14.84 -17.37
CA THR E 86 -47.49 -15.98 -17.75
C THR E 86 -47.36 -17.03 -16.65
N THR E 87 -47.12 -16.60 -15.42
CA THR E 87 -46.97 -17.55 -14.32
C THR E 87 -48.31 -18.18 -13.91
N GLU E 88 -49.40 -17.43 -14.01
CA GLU E 88 -50.71 -17.98 -13.64
C GLU E 88 -51.13 -19.05 -14.64
N ARG E 89 -50.73 -18.88 -15.90
CA ARG E 89 -51.07 -19.83 -16.95
C ARG E 89 -50.14 -21.03 -16.99
N PHE E 90 -48.83 -20.79 -16.92
CA PHE E 90 -47.85 -21.87 -17.01
C PHE E 90 -47.13 -22.28 -15.72
N GLY E 91 -47.18 -21.44 -14.70
CA GLY E 91 -46.55 -21.79 -13.44
C GLY E 91 -45.04 -21.62 -13.33
N ARG E 92 -44.39 -21.20 -14.41
CA ARG E 92 -42.93 -21.01 -14.41
C ARG E 92 -42.49 -20.30 -15.68
N ILE E 93 -41.22 -19.88 -15.71
CA ILE E 93 -40.65 -19.22 -16.87
C ILE E 93 -39.25 -19.78 -17.07
N ASP E 94 -39.07 -20.58 -18.10
CA ASP E 94 -37.78 -21.23 -18.38
C ASP E 94 -36.88 -20.39 -19.29
N GLY E 95 -37.50 -19.63 -20.19
CA GLY E 95 -36.75 -18.79 -21.11
C GLY E 95 -37.42 -17.44 -21.27
N PHE E 96 -36.62 -16.41 -21.49
CA PHE E 96 -37.15 -15.06 -21.66
C PHE E 96 -36.40 -14.33 -22.78
N PHE E 97 -37.13 -13.97 -23.83
CA PHE E 97 -36.57 -13.23 -24.96
C PHE E 97 -37.06 -11.79 -24.81
N ASN E 98 -36.22 -10.97 -24.15
CA ASN E 98 -36.46 -9.55 -23.84
C ASN E 98 -36.14 -8.82 -25.15
N ASN E 99 -37.13 -8.79 -26.04
CA ASN E 99 -36.97 -8.31 -27.40
C ASN E 99 -37.69 -7.06 -27.93
N ALA E 100 -38.77 -6.62 -27.28
CA ALA E 100 -39.51 -5.44 -27.75
C ALA E 100 -38.62 -4.22 -27.99
N GLY E 101 -38.87 -3.49 -29.08
CA GLY E 101 -38.09 -2.30 -29.37
C GLY E 101 -38.58 -1.50 -30.56
N ILE E 102 -38.12 -0.25 -30.67
CA ILE E 102 -38.47 0.64 -31.78
C ILE E 102 -37.16 1.30 -32.25
N GLU E 103 -37.16 1.84 -33.46
CA GLU E 103 -35.95 2.48 -33.98
C GLU E 103 -35.79 3.94 -33.54
N GLY E 104 -36.85 4.72 -33.72
CA GLY E 104 -36.78 6.14 -33.39
C GLY E 104 -36.50 6.91 -34.66
N LYS E 105 -36.93 8.16 -34.72
CA LYS E 105 -36.71 8.99 -35.91
C LYS E 105 -35.24 9.36 -36.12
N GLN E 106 -34.72 9.06 -37.30
CA GLN E 106 -33.32 9.36 -37.63
C GLN E 106 -33.06 10.87 -37.68
N ASN E 107 -31.92 11.28 -37.14
CA ASN E 107 -31.53 12.70 -37.10
C ASN E 107 -30.15 12.80 -36.46
N PRO E 108 -29.34 13.79 -36.88
CA PRO E 108 -28.00 13.95 -36.30
C PRO E 108 -28.19 14.33 -34.83
N THR E 109 -27.16 14.17 -34.00
CA THR E 109 -27.31 14.46 -32.57
C THR E 109 -27.92 15.82 -32.23
N GLU E 110 -27.45 16.88 -32.86
CA GLU E 110 -27.96 18.22 -32.55
C GLU E 110 -29.44 18.44 -32.83
N SER E 111 -30.05 17.57 -33.62
CA SER E 111 -31.46 17.71 -33.93
C SER E 111 -32.31 16.47 -33.61
N PHE E 112 -31.75 15.55 -32.83
CA PHE E 112 -32.48 14.33 -32.50
C PHE E 112 -33.71 14.57 -31.60
N THR E 113 -33.61 15.59 -30.75
CA THR E 113 -34.63 16.03 -29.78
C THR E 113 -34.72 15.17 -28.53
N ALA E 114 -34.90 15.83 -27.39
CA ALA E 114 -35.03 15.14 -26.11
C ALA E 114 -36.28 14.28 -26.06
N ALA E 115 -37.34 14.73 -26.72
CA ALA E 115 -38.60 13.99 -26.73
C ALA E 115 -38.42 12.62 -27.38
N GLU E 116 -37.73 12.58 -28.52
CA GLU E 116 -37.52 11.31 -29.22
C GLU E 116 -36.52 10.45 -28.45
N PHE E 117 -35.51 11.09 -27.85
CA PHE E 117 -34.50 10.37 -27.09
C PHE E 117 -35.19 9.66 -25.93
N ASP E 118 -36.03 10.39 -25.22
CA ASP E 118 -36.76 9.84 -24.08
C ASP E 118 -37.69 8.70 -24.49
N LYS E 119 -38.34 8.85 -25.64
CA LYS E 119 -39.25 7.80 -26.12
C LYS E 119 -38.52 6.48 -26.40
N VAL E 120 -37.42 6.55 -27.14
CA VAL E 120 -36.66 5.36 -27.49
C VAL E 120 -36.07 4.69 -26.24
N VAL E 121 -35.56 5.51 -25.33
CA VAL E 121 -34.99 4.98 -24.09
C VAL E 121 -36.05 4.28 -23.22
N SER E 122 -37.25 4.86 -23.14
CA SER E 122 -38.30 4.28 -22.32
C SER E 122 -38.71 2.88 -22.77
N ILE E 123 -38.71 2.66 -24.09
CA ILE E 123 -39.10 1.35 -24.61
C ILE E 123 -37.94 0.37 -24.74
N ASN E 124 -36.89 0.79 -25.43
CA ASN E 124 -35.72 -0.06 -25.68
C ASN E 124 -34.84 -0.37 -24.48
N LEU E 125 -34.71 0.57 -23.56
CA LEU E 125 -33.85 0.35 -22.40
C LEU E 125 -34.63 0.11 -21.12
N ARG E 126 -35.52 1.03 -20.78
CA ARG E 126 -36.31 0.86 -19.56
C ARG E 126 -37.15 -0.41 -19.62
N GLY E 127 -37.73 -0.69 -20.78
CA GLY E 127 -38.52 -1.91 -20.92
C GLY E 127 -37.72 -3.16 -20.67
N VAL E 128 -36.48 -3.18 -21.14
CA VAL E 128 -35.61 -4.33 -20.95
C VAL E 128 -35.27 -4.45 -19.46
N PHE E 129 -35.01 -3.32 -18.80
CA PHE E 129 -34.71 -3.35 -17.38
C PHE E 129 -35.90 -3.88 -16.58
N LEU E 130 -37.10 -3.35 -16.84
CA LEU E 130 -38.28 -3.79 -16.12
C LEU E 130 -38.53 -5.29 -16.30
N GLY E 131 -38.31 -5.79 -17.51
CA GLY E 131 -38.50 -7.20 -17.76
C GLY E 131 -37.56 -8.03 -16.91
N LEU E 132 -36.30 -7.60 -16.86
CA LEU E 132 -35.30 -8.31 -16.06
C LEU E 132 -35.61 -8.25 -14.57
N GLU E 133 -36.02 -7.08 -14.09
CA GLU E 133 -36.34 -6.92 -12.68
C GLU E 133 -37.39 -7.92 -12.21
N LYS E 134 -38.44 -8.10 -13.01
CA LYS E 134 -39.52 -9.02 -12.64
C LYS E 134 -39.22 -10.49 -12.92
N VAL E 135 -38.66 -10.79 -14.09
CA VAL E 135 -38.38 -12.18 -14.45
C VAL E 135 -37.22 -12.84 -13.70
N LEU E 136 -36.15 -12.09 -13.47
CA LEU E 136 -35.00 -12.65 -12.77
C LEU E 136 -35.32 -13.09 -11.35
N LYS E 137 -36.32 -12.46 -10.73
CA LYS E 137 -36.71 -12.85 -9.38
C LYS E 137 -37.30 -14.27 -9.45
N ILE E 138 -38.19 -14.47 -10.42
CA ILE E 138 -38.83 -15.77 -10.61
C ILE E 138 -37.82 -16.86 -10.97
N MET E 139 -36.86 -16.54 -11.84
CA MET E 139 -35.86 -17.53 -12.22
C MET E 139 -34.95 -17.89 -11.05
N ARG E 140 -34.59 -16.91 -10.22
CA ARG E 140 -33.73 -17.18 -9.07
C ARG E 140 -34.45 -18.13 -8.11
N GLU E 141 -35.74 -17.88 -7.89
CA GLU E 141 -36.54 -18.73 -7.00
C GLU E 141 -36.63 -20.15 -7.56
N GLN E 142 -36.62 -20.26 -8.89
CA GLN E 142 -36.68 -21.55 -9.57
C GLN E 142 -35.33 -22.26 -9.54
N GLY E 143 -34.27 -21.47 -9.49
CA GLY E 143 -32.94 -22.04 -9.50
C GLY E 143 -32.55 -22.37 -10.94
N SER E 144 -33.21 -21.71 -11.89
CA SER E 144 -32.90 -21.95 -13.30
C SER E 144 -33.56 -20.93 -14.22
N GLY E 145 -33.00 -20.75 -15.41
CA GLY E 145 -33.55 -19.81 -16.35
C GLY E 145 -32.54 -19.32 -17.36
N MET E 146 -32.99 -19.05 -18.57
CA MET E 146 -32.13 -18.54 -19.64
C MET E 146 -32.77 -17.26 -20.18
N VAL E 147 -31.94 -16.22 -20.37
CA VAL E 147 -32.45 -14.94 -20.85
C VAL E 147 -31.63 -14.41 -22.03
N VAL E 148 -32.33 -13.85 -23.02
CA VAL E 148 -31.67 -13.25 -24.17
C VAL E 148 -32.26 -11.86 -24.35
N ASN E 149 -31.41 -10.85 -24.28
CA ASN E 149 -31.84 -9.47 -24.46
C ASN E 149 -31.47 -9.09 -25.89
N THR E 150 -32.37 -8.41 -26.58
CA THR E 150 -32.06 -8.00 -27.95
C THR E 150 -31.38 -6.65 -27.99
N ALA E 151 -30.10 -6.64 -28.35
CA ALA E 151 -29.37 -5.39 -28.47
C ALA E 151 -29.43 -5.07 -29.97
N SER E 152 -28.26 -4.87 -30.57
CA SER E 152 -28.15 -4.53 -31.99
C SER E 152 -26.69 -4.26 -32.28
N VAL E 153 -26.32 -4.22 -33.56
CA VAL E 153 -24.93 -3.89 -33.87
C VAL E 153 -24.76 -2.42 -33.45
N GLY E 154 -25.89 -1.73 -33.32
CA GLY E 154 -25.87 -0.33 -32.90
C GLY E 154 -25.67 -0.25 -31.40
N GLY E 155 -25.57 -1.42 -30.77
CA GLY E 155 -25.35 -1.49 -29.33
C GLY E 155 -23.89 -1.76 -29.01
N ILE E 156 -23.07 -1.94 -30.06
CA ILE E 156 -21.65 -2.19 -29.90
C ILE E 156 -20.81 -1.36 -30.89
N ARG E 157 -21.48 -0.69 -31.82
CA ARG E 157 -20.81 0.15 -32.82
C ARG E 157 -21.63 1.41 -33.07
N GLY E 158 -21.04 2.37 -33.76
CA GLY E 158 -21.74 3.60 -34.08
C GLY E 158 -22.28 3.59 -35.51
N ILE E 159 -23.60 3.66 -35.65
CA ILE E 159 -24.22 3.66 -36.97
C ILE E 159 -24.40 5.07 -37.52
N GLY E 160 -24.71 6.01 -36.63
CA GLY E 160 -24.90 7.39 -37.04
C GLY E 160 -26.38 7.72 -37.21
N ASN E 161 -26.73 8.96 -36.86
CA ASN E 161 -28.10 9.46 -36.94
C ASN E 161 -29.12 8.74 -36.05
N GLN E 162 -28.63 8.07 -35.01
CA GLN E 162 -29.54 7.36 -34.11
C GLN E 162 -29.15 7.46 -32.62
N SER E 163 -29.02 8.69 -32.13
CA SER E 163 -28.65 8.91 -30.73
C SER E 163 -29.47 8.07 -29.75
N GLY E 164 -30.79 8.12 -29.86
CA GLY E 164 -31.65 7.36 -28.98
C GLY E 164 -31.44 5.86 -29.01
N TYR E 165 -31.39 5.31 -30.21
CA TYR E 165 -31.21 3.88 -30.39
C TYR E 165 -29.82 3.45 -29.94
N ALA E 166 -28.80 4.22 -30.31
CA ALA E 166 -27.44 3.87 -29.94
C ALA E 166 -27.27 3.84 -28.43
N ALA E 167 -27.81 4.85 -27.74
CA ALA E 167 -27.70 4.92 -26.29
C ALA E 167 -28.49 3.77 -25.64
N ALA E 168 -29.71 3.55 -26.08
CA ALA E 168 -30.55 2.51 -25.51
C ALA E 168 -29.99 1.11 -25.75
N LYS E 169 -29.58 0.81 -26.97
CA LYS E 169 -29.05 -0.53 -27.27
C LYS E 169 -27.71 -0.81 -26.60
N HIS E 170 -26.90 0.23 -26.42
CA HIS E 170 -25.63 0.04 -25.72
C HIS E 170 -26.03 -0.23 -24.28
N GLY E 171 -27.05 0.48 -23.81
CA GLY E 171 -27.55 0.30 -22.46
C GLY E 171 -28.02 -1.13 -22.22
N VAL E 172 -28.63 -1.74 -23.23
CA VAL E 172 -29.11 -3.11 -23.12
C VAL E 172 -27.93 -4.06 -22.91
N VAL E 173 -26.81 -3.77 -23.58
CA VAL E 173 -25.61 -4.58 -23.44
C VAL E 173 -25.13 -4.43 -21.99
N GLY E 174 -25.25 -3.22 -21.45
CA GLY E 174 -24.82 -2.98 -20.08
C GLY E 174 -25.64 -3.78 -19.08
N LEU E 175 -26.96 -3.81 -19.27
CA LEU E 175 -27.84 -4.56 -18.38
C LEU E 175 -27.50 -6.05 -18.47
N THR E 176 -27.19 -6.50 -19.67
CA THR E 176 -26.83 -7.89 -19.88
C THR E 176 -25.60 -8.26 -19.07
N ARG E 177 -24.54 -7.47 -19.20
CA ARG E 177 -23.29 -7.74 -18.48
C ARG E 177 -23.45 -7.64 -16.98
N ASN E 178 -24.07 -6.56 -16.51
CA ASN E 178 -24.25 -6.39 -15.07
C ASN E 178 -25.13 -7.48 -14.45
N SER E 179 -26.29 -7.76 -15.04
CA SER E 179 -27.18 -8.78 -14.51
C SER E 179 -26.58 -10.18 -14.58
N ALA E 180 -25.83 -10.45 -15.64
CA ALA E 180 -25.20 -11.76 -15.81
C ALA E 180 -24.18 -12.03 -14.69
N VAL E 181 -23.45 -10.99 -14.29
CA VAL E 181 -22.47 -11.15 -13.22
C VAL E 181 -23.17 -11.42 -11.89
N GLU E 182 -24.37 -10.88 -11.74
CA GLU E 182 -25.16 -11.05 -10.52
C GLU E 182 -25.84 -12.41 -10.38
N TYR E 183 -26.47 -12.86 -11.45
CA TYR E 183 -27.24 -14.10 -11.39
C TYR E 183 -26.59 -15.39 -11.88
N GLY E 184 -25.38 -15.31 -12.44
CA GLY E 184 -24.72 -16.50 -12.92
C GLY E 184 -24.54 -17.59 -11.87
N ARG E 185 -24.41 -17.18 -10.62
CA ARG E 185 -24.22 -18.12 -9.52
C ARG E 185 -25.37 -19.09 -9.30
N TYR E 186 -26.56 -18.71 -9.77
CA TYR E 186 -27.75 -19.55 -9.62
C TYR E 186 -27.96 -20.51 -10.79
N GLY E 187 -27.08 -20.46 -11.78
CA GLY E 187 -27.21 -21.33 -12.93
C GLY E 187 -27.92 -20.61 -14.07
N ILE E 188 -28.37 -19.40 -13.78
CA ILE E 188 -29.08 -18.58 -14.75
C ILE E 188 -28.07 -18.00 -15.74
N ARG E 189 -28.45 -17.94 -17.01
CA ARG E 189 -27.57 -17.38 -18.03
C ARG E 189 -28.29 -16.21 -18.69
N ILE E 190 -27.56 -15.12 -18.89
CA ILE E 190 -28.10 -13.92 -19.50
C ILE E 190 -27.14 -13.45 -20.59
N ASN E 191 -27.63 -13.42 -21.83
CA ASN E 191 -26.79 -13.01 -22.96
C ASN E 191 -27.58 -12.07 -23.85
N ALA E 192 -26.89 -11.45 -24.79
CA ALA E 192 -27.57 -10.53 -25.71
C ALA E 192 -27.21 -10.88 -27.14
N ILE E 193 -28.13 -10.61 -28.06
CA ILE E 193 -27.83 -10.80 -29.47
C ILE E 193 -27.67 -9.41 -30.05
N ALA E 194 -26.84 -9.29 -31.07
CA ALA E 194 -26.62 -8.00 -31.72
C ALA E 194 -26.93 -8.17 -33.20
N PRO E 195 -28.21 -8.20 -33.56
CA PRO E 195 -28.53 -8.37 -34.97
C PRO E 195 -28.12 -7.19 -35.82
N GLY E 196 -27.78 -7.48 -37.08
CA GLY E 196 -27.39 -6.43 -38.00
C GLY E 196 -28.51 -6.22 -39.00
N ALA E 197 -28.16 -6.26 -40.28
CA ALA E 197 -29.13 -6.05 -41.34
C ALA E 197 -30.00 -7.30 -41.57
N ILE E 198 -31.08 -7.41 -40.81
CA ILE E 198 -32.02 -8.52 -40.91
C ILE E 198 -33.28 -7.95 -41.55
N TRP E 199 -33.84 -8.60 -42.57
CA TRP E 199 -35.03 -8.03 -43.19
C TRP E 199 -36.30 -8.28 -42.41
N THR E 200 -36.67 -7.28 -41.61
CA THR E 200 -37.86 -7.32 -40.78
C THR E 200 -38.60 -6.01 -40.98
N PRO E 201 -39.82 -5.89 -40.42
CA PRO E 201 -40.57 -4.64 -40.57
C PRO E 201 -39.81 -3.40 -40.07
N MET E 202 -39.00 -3.55 -39.03
CA MET E 202 -38.26 -2.41 -38.50
C MET E 202 -37.19 -1.94 -39.48
N VAL E 203 -36.47 -2.91 -40.06
CA VAL E 203 -35.42 -2.56 -41.01
C VAL E 203 -36.01 -1.99 -42.30
N GLU E 204 -37.18 -2.51 -42.72
CA GLU E 204 -37.82 -1.99 -43.92
C GLU E 204 -38.19 -0.53 -43.69
N ASN E 205 -38.72 -0.22 -42.52
CA ASN E 205 -39.09 1.14 -42.17
C ASN E 205 -37.85 2.01 -42.03
N SER E 206 -36.76 1.42 -41.54
CA SER E 206 -35.52 2.16 -41.38
C SER E 206 -35.02 2.64 -42.74
N MET E 207 -35.11 1.78 -43.75
CA MET E 207 -34.67 2.15 -45.09
C MET E 207 -35.61 3.20 -45.66
N LYS E 208 -36.86 3.16 -45.24
CA LYS E 208 -37.86 4.13 -45.67
C LYS E 208 -37.44 5.51 -45.18
N GLN E 209 -36.92 5.59 -43.96
CA GLN E 209 -36.46 6.85 -43.39
C GLN E 209 -35.22 7.34 -44.10
N LEU E 210 -34.35 6.41 -44.48
CA LEU E 210 -33.10 6.75 -45.14
C LEU E 210 -33.36 7.36 -46.50
N ASP E 211 -34.33 6.81 -47.23
CA ASP E 211 -34.69 7.31 -48.56
C ASP E 211 -36.18 7.05 -48.80
N PRO E 212 -37.03 8.03 -48.42
CA PRO E 212 -38.48 7.93 -48.58
C PRO E 212 -39.00 7.57 -49.98
N GLU E 213 -38.42 8.18 -51.01
CA GLU E 213 -38.86 7.90 -52.38
C GLU E 213 -38.28 6.63 -53.00
N ASN E 214 -37.12 6.19 -52.50
CA ASN E 214 -36.47 5.00 -53.04
C ASN E 214 -35.86 4.14 -51.94
N PRO E 215 -36.68 3.54 -51.08
CA PRO E 215 -36.15 2.70 -50.00
C PRO E 215 -35.38 1.49 -50.51
N ARG E 216 -35.76 1.01 -51.69
CA ARG E 216 -35.10 -0.15 -52.29
C ARG E 216 -33.63 0.16 -52.57
N LYS E 217 -33.37 1.34 -53.12
CA LYS E 217 -32.01 1.76 -53.43
C LYS E 217 -31.23 1.96 -52.13
N ALA E 218 -31.89 2.46 -51.09
CA ALA E 218 -31.25 2.68 -49.80
C ALA E 218 -30.81 1.34 -49.23
N ALA E 219 -31.68 0.34 -49.31
CA ALA E 219 -31.38 -0.99 -48.80
C ALA E 219 -30.23 -1.66 -49.54
N GLU E 220 -30.20 -1.50 -50.86
CA GLU E 220 -29.14 -2.10 -51.66
C GLU E 220 -27.79 -1.47 -51.33
N GLU E 221 -27.76 -0.15 -51.26
CA GLU E 221 -26.51 0.54 -50.94
C GLU E 221 -26.02 0.21 -49.54
N PHE E 222 -26.93 0.10 -48.59
CA PHE E 222 -26.56 -0.20 -47.20
C PHE E 222 -25.86 -1.55 -47.04
N ILE E 223 -26.32 -2.54 -47.80
CA ILE E 223 -25.77 -3.90 -47.69
C ILE E 223 -24.53 -4.20 -48.55
N GLN E 224 -24.18 -3.31 -49.45
CA GLN E 224 -23.02 -3.54 -50.33
C GLN E 224 -21.70 -3.84 -49.61
N VAL E 225 -21.50 -3.21 -48.45
CA VAL E 225 -20.26 -3.40 -47.71
C VAL E 225 -20.24 -4.61 -46.79
N ASN E 226 -21.38 -5.28 -46.62
CA ASN E 226 -21.44 -6.44 -45.74
C ASN E 226 -20.63 -7.61 -46.30
N PRO E 227 -19.81 -8.26 -45.45
CA PRO E 227 -19.00 -9.41 -45.87
C PRO E 227 -19.78 -10.57 -46.49
N SER E 228 -21.01 -10.77 -46.04
CA SER E 228 -21.83 -11.86 -46.56
C SER E 228 -22.60 -11.46 -47.81
N LYS E 229 -22.52 -10.18 -48.15
CA LYS E 229 -23.17 -9.61 -49.34
C LYS E 229 -24.68 -9.82 -49.44
N ARG E 230 -25.34 -9.98 -48.30
CA ARG E 230 -26.78 -10.17 -48.29
C ARG E 230 -27.36 -9.83 -46.93
N TYR E 231 -28.68 -9.61 -46.91
CA TYR E 231 -29.40 -9.33 -45.68
C TYR E 231 -29.65 -10.66 -45.00
N GLY E 232 -29.76 -10.64 -43.67
CA GLY E 232 -30.06 -11.86 -42.95
C GLY E 232 -31.58 -11.98 -42.91
N GLU E 233 -32.10 -13.15 -42.56
CA GLU E 233 -33.54 -13.34 -42.48
C GLU E 233 -33.92 -13.66 -41.03
N ALA E 234 -35.18 -13.38 -40.66
CA ALA E 234 -35.62 -13.60 -39.28
C ALA E 234 -35.34 -14.99 -38.72
N PRO E 235 -35.59 -16.06 -39.50
CA PRO E 235 -35.33 -17.40 -38.98
C PRO E 235 -33.87 -17.64 -38.59
N GLU E 236 -32.97 -16.85 -39.17
CA GLU E 236 -31.54 -16.99 -38.87
C GLU E 236 -31.23 -16.43 -37.48
N ILE E 237 -32.05 -15.48 -37.04
CA ILE E 237 -31.88 -14.91 -35.72
C ILE E 237 -32.53 -15.87 -34.73
N ALA E 238 -33.71 -16.39 -35.09
CA ALA E 238 -34.43 -17.33 -34.26
C ALA E 238 -33.56 -18.54 -33.92
N ALA E 239 -32.72 -18.97 -34.86
CA ALA E 239 -31.86 -20.12 -34.65
C ALA E 239 -30.83 -19.85 -33.57
N VAL E 240 -30.33 -18.62 -33.52
CA VAL E 240 -29.33 -18.25 -32.53
C VAL E 240 -29.98 -18.07 -31.16
N VAL E 241 -31.17 -17.50 -31.13
CA VAL E 241 -31.88 -17.29 -29.88
C VAL E 241 -32.27 -18.64 -29.28
N ALA E 242 -32.64 -19.60 -30.14
CA ALA E 242 -33.01 -20.92 -29.66
C ALA E 242 -31.80 -21.55 -28.97
N PHE E 243 -30.62 -21.38 -29.57
CA PHE E 243 -29.39 -21.90 -28.99
C PHE E 243 -29.15 -21.27 -27.61
N LEU E 244 -29.20 -19.94 -27.57
CA LEU E 244 -28.96 -19.20 -26.34
C LEU E 244 -29.97 -19.43 -25.20
N LEU E 245 -31.16 -19.92 -25.53
CA LEU E 245 -32.17 -20.18 -24.53
C LEU E 245 -32.23 -21.65 -24.11
N SER E 246 -31.41 -22.48 -24.76
CA SER E 246 -31.38 -23.92 -24.50
C SER E 246 -30.22 -24.35 -23.60
N ASP E 247 -30.19 -25.64 -23.28
CA ASP E 247 -29.14 -26.20 -22.44
C ASP E 247 -27.79 -26.12 -23.15
N ASP E 248 -27.80 -25.95 -24.47
CA ASP E 248 -26.56 -25.88 -25.23
C ASP E 248 -25.71 -24.66 -24.85
N ALA E 249 -26.35 -23.66 -24.24
CA ALA E 249 -25.64 -22.45 -23.82
C ALA E 249 -25.44 -22.46 -22.30
N SER E 250 -25.39 -23.64 -21.70
CA SER E 250 -25.24 -23.75 -20.26
C SER E 250 -24.00 -23.11 -19.64
N TYR E 251 -22.96 -22.82 -20.43
CA TYR E 251 -21.79 -22.16 -19.87
C TYR E 251 -21.50 -20.84 -20.59
N VAL E 252 -22.46 -20.36 -21.37
CA VAL E 252 -22.32 -19.10 -22.09
C VAL E 252 -23.04 -18.04 -21.26
N ASN E 253 -22.33 -17.00 -20.84
CA ASN E 253 -22.95 -15.97 -19.99
C ASN E 253 -22.32 -14.61 -20.20
N ALA E 254 -23.15 -13.57 -20.08
CA ALA E 254 -22.72 -12.17 -20.23
C ALA E 254 -22.13 -11.83 -21.59
N THR E 255 -22.45 -12.62 -22.61
CA THR E 255 -21.92 -12.39 -23.95
C THR E 255 -22.82 -11.61 -24.88
N VAL E 256 -22.22 -11.04 -25.93
CA VAL E 256 -22.97 -10.32 -26.95
C VAL E 256 -22.64 -11.10 -28.22
N VAL E 257 -23.65 -11.66 -28.86
CA VAL E 257 -23.41 -12.44 -30.08
C VAL E 257 -23.91 -11.69 -31.30
N PRO E 258 -22.99 -11.14 -32.11
CA PRO E 258 -23.44 -10.42 -33.30
C PRO E 258 -23.95 -11.41 -34.34
N ILE E 259 -25.03 -11.05 -35.02
CA ILE E 259 -25.60 -11.88 -36.07
C ILE E 259 -25.74 -10.85 -37.18
N ASP E 260 -24.62 -10.58 -37.85
CA ASP E 260 -24.55 -9.54 -38.86
C ASP E 260 -23.73 -9.87 -40.12
N GLY E 261 -23.52 -11.15 -40.39
CA GLY E 261 -22.75 -11.51 -41.57
C GLY E 261 -21.27 -11.17 -41.48
N GLY E 262 -20.84 -10.68 -40.33
CA GLY E 262 -19.44 -10.33 -40.11
C GLY E 262 -19.06 -8.86 -40.17
N GLN E 263 -20.02 -7.96 -40.40
CA GLN E 263 -19.68 -6.55 -40.52
C GLN E 263 -19.14 -5.81 -39.30
N SER E 264 -19.57 -6.17 -38.10
CA SER E 264 -19.07 -5.46 -36.93
C SER E 264 -17.59 -5.76 -36.68
N ALA E 265 -17.13 -6.91 -37.16
CA ALA E 265 -15.74 -7.32 -36.98
C ALA E 265 -14.86 -6.79 -38.12
N ALA E 266 -15.48 -6.34 -39.19
CA ALA E 266 -14.76 -5.82 -40.35
C ALA E 266 -14.31 -4.38 -40.14
N TYR E 267 -13.13 -4.04 -40.64
CA TYR E 267 -12.66 -2.66 -40.52
C TYR E 267 -13.33 -1.81 -41.58
N ARG F 10 7.89 16.94 -21.30
CA ARG F 10 7.61 15.75 -20.46
C ARG F 10 8.71 14.68 -20.56
N PHE F 11 9.71 14.93 -21.41
CA PHE F 11 10.77 13.94 -21.61
C PHE F 11 12.19 14.40 -21.34
N THR F 12 12.35 15.51 -20.63
CA THR F 12 13.67 16.03 -20.32
C THR F 12 14.54 14.94 -19.69
N ASP F 13 15.67 14.64 -20.34
CA ASP F 13 16.62 13.65 -19.86
C ASP F 13 16.11 12.21 -19.85
N ARG F 14 14.94 11.97 -20.43
CA ARG F 14 14.40 10.61 -20.46
C ARG F 14 14.87 9.89 -21.71
N VAL F 15 15.27 8.64 -21.54
CA VAL F 15 15.76 7.83 -22.65
C VAL F 15 14.65 7.01 -23.30
N VAL F 16 14.46 7.19 -24.60
CA VAL F 16 13.42 6.45 -25.32
C VAL F 16 14.02 5.65 -26.47
N LEU F 17 13.74 4.35 -26.47
CA LEU F 17 14.22 3.41 -27.48
C LEU F 17 13.10 3.20 -28.50
N ILE F 18 13.41 3.36 -29.78
CA ILE F 18 12.42 3.21 -30.85
C ILE F 18 12.88 2.25 -31.95
N THR F 19 12.13 1.18 -32.19
CA THR F 19 12.50 0.28 -33.29
C THR F 19 11.69 0.75 -34.50
N GLY F 20 12.23 0.54 -35.69
CA GLY F 20 11.56 1.01 -36.89
C GLY F 20 11.73 2.52 -36.90
N GLY F 21 12.81 3.00 -36.30
CA GLY F 21 13.06 4.43 -36.22
C GLY F 21 13.61 5.10 -37.46
N GLY F 22 13.82 4.34 -38.52
CA GLY F 22 14.35 4.94 -39.74
C GLY F 22 13.31 5.46 -40.71
N SER F 23 12.04 5.45 -40.34
CA SER F 23 11.00 5.91 -41.25
C SER F 23 9.63 6.08 -40.59
N GLY F 24 8.69 6.64 -41.34
CA GLY F 24 7.32 6.84 -40.91
C GLY F 24 6.99 7.19 -39.47
N LEU F 25 6.20 6.34 -38.82
CA LEU F 25 5.78 6.57 -37.44
C LEU F 25 6.96 6.63 -36.46
N GLY F 26 7.96 5.79 -36.71
CA GLY F 26 9.13 5.77 -35.84
C GLY F 26 9.88 7.09 -35.90
N ARG F 27 10.06 7.62 -37.10
CA ARG F 27 10.75 8.89 -37.27
C ARG F 27 9.94 10.05 -36.70
N ALA F 28 8.63 10.08 -36.99
CA ALA F 28 7.78 11.15 -36.49
C ALA F 28 7.78 11.16 -34.97
N THR F 29 7.82 9.98 -34.35
CA THR F 29 7.82 9.92 -32.90
C THR F 29 9.16 10.39 -32.34
N ALA F 30 10.24 10.08 -33.06
CA ALA F 30 11.57 10.50 -32.63
C ALA F 30 11.60 12.04 -32.60
N VAL F 31 11.09 12.66 -33.66
CA VAL F 31 11.06 14.11 -33.74
C VAL F 31 10.24 14.75 -32.62
N ARG F 32 9.07 14.20 -32.34
CA ARG F 32 8.20 14.72 -31.29
C ARG F 32 8.82 14.57 -29.90
N LEU F 33 9.38 13.40 -29.62
CA LEU F 33 10.00 13.16 -28.31
C LEU F 33 11.23 14.03 -28.10
N ALA F 34 11.99 14.26 -29.16
CA ALA F 34 13.19 15.09 -29.09
C ALA F 34 12.79 16.52 -28.76
N ALA F 35 11.65 16.94 -29.32
CA ALA F 35 11.13 18.29 -29.08
C ALA F 35 10.74 18.46 -27.61
N GLU F 36 10.46 17.34 -26.94
CA GLU F 36 10.10 17.38 -25.53
C GLU F 36 11.28 17.10 -24.62
N GLY F 37 12.49 17.10 -25.20
CA GLY F 37 13.71 16.91 -24.42
C GLY F 37 14.28 15.50 -24.24
N ALA F 38 13.76 14.53 -24.99
CA ALA F 38 14.21 13.15 -24.83
C ALA F 38 15.58 12.84 -25.43
N LYS F 39 16.20 11.79 -24.90
CA LYS F 39 17.48 11.28 -25.43
C LYS F 39 16.94 10.11 -26.23
N LEU F 40 17.51 9.84 -27.40
CA LEU F 40 16.99 8.77 -28.24
C LEU F 40 17.95 7.67 -28.68
N SER F 41 17.37 6.49 -28.88
CA SER F 41 18.10 5.32 -29.38
C SER F 41 17.20 4.78 -30.49
N LEU F 42 17.62 4.93 -31.73
CA LEU F 42 16.84 4.50 -32.88
C LEU F 42 17.39 3.21 -33.47
N VAL F 43 16.49 2.28 -33.78
CA VAL F 43 16.87 0.97 -34.32
C VAL F 43 16.13 0.67 -35.62
N ASP F 44 16.85 0.16 -36.62
CA ASP F 44 16.23 -0.16 -37.90
C ASP F 44 17.19 -1.02 -38.72
N VAL F 45 16.68 -1.64 -39.78
CA VAL F 45 17.51 -2.46 -40.66
C VAL F 45 18.17 -1.57 -41.70
N SER F 46 17.62 -0.38 -41.89
CA SER F 46 18.14 0.57 -42.88
C SER F 46 19.02 1.66 -42.29
N SER F 47 20.30 1.63 -42.64
CA SER F 47 21.26 2.62 -42.16
C SER F 47 20.92 4.00 -42.75
N GLU F 48 20.50 4.01 -44.02
CA GLU F 48 20.12 5.26 -44.69
C GLU F 48 18.93 5.90 -43.98
N GLY F 49 17.94 5.07 -43.64
CA GLY F 49 16.76 5.57 -42.95
C GLY F 49 17.10 6.15 -41.59
N LEU F 50 17.97 5.46 -40.85
CA LEU F 50 18.38 5.93 -39.53
C LEU F 50 19.11 7.27 -39.67
N GLU F 51 19.87 7.41 -40.75
CA GLU F 51 20.61 8.63 -41.04
C GLU F 51 19.66 9.80 -41.25
N ALA F 52 18.62 9.57 -42.05
CA ALA F 52 17.64 10.59 -42.35
C ALA F 52 16.86 10.98 -41.10
N SER F 53 16.48 9.98 -40.31
CA SER F 53 15.72 10.23 -39.08
C SER F 53 16.54 11.07 -38.11
N LYS F 54 17.80 10.71 -37.93
CA LYS F 54 18.67 11.46 -37.03
C LYS F 54 18.81 12.91 -37.49
N ALA F 55 18.96 13.10 -38.80
CA ALA F 55 19.09 14.45 -39.35
C ALA F 55 17.82 15.25 -39.09
N ALA F 56 16.66 14.59 -39.23
CA ALA F 56 15.37 15.24 -39.01
C ALA F 56 15.23 15.65 -37.54
N VAL F 57 15.70 14.78 -36.65
CA VAL F 57 15.65 15.07 -35.21
C VAL F 57 16.50 16.30 -34.89
N LEU F 58 17.74 16.28 -35.34
CA LEU F 58 18.66 17.40 -35.07
C LEU F 58 18.19 18.73 -35.66
N GLU F 59 17.34 18.68 -36.68
CA GLU F 59 16.83 19.91 -37.29
C GLU F 59 15.78 20.53 -36.36
N THR F 60 15.13 19.68 -35.57
CA THR F 60 14.10 20.12 -34.62
C THR F 60 14.72 20.36 -33.23
N ALA F 61 15.68 19.52 -32.85
CA ALA F 61 16.35 19.62 -31.56
C ALA F 61 17.85 19.49 -31.82
N PRO F 62 18.53 20.62 -32.07
CA PRO F 62 19.97 20.65 -32.33
C PRO F 62 20.89 20.01 -31.29
N ASP F 63 20.48 20.03 -30.03
CA ASP F 63 21.32 19.45 -28.98
C ASP F 63 20.89 18.06 -28.54
N ALA F 64 19.98 17.45 -29.29
CA ALA F 64 19.49 16.12 -28.94
C ALA F 64 20.55 15.04 -29.09
N GLU F 65 20.57 14.11 -28.14
CA GLU F 65 21.51 13.00 -28.18
C GLU F 65 20.77 11.87 -28.88
N VAL F 66 21.27 11.44 -30.04
CA VAL F 66 20.62 10.40 -30.82
C VAL F 66 21.58 9.26 -31.20
N LEU F 67 21.31 8.07 -30.67
CA LEU F 67 22.12 6.89 -30.98
C LEU F 67 21.38 6.13 -32.07
N THR F 68 22.13 5.54 -33.01
CA THR F 68 21.51 4.75 -34.07
C THR F 68 22.16 3.37 -34.10
N THR F 69 21.35 2.35 -34.33
CA THR F 69 21.84 0.97 -34.38
C THR F 69 21.13 0.17 -35.48
N VAL F 70 21.92 -0.46 -36.34
CA VAL F 70 21.35 -1.28 -37.41
C VAL F 70 21.08 -2.67 -36.84
N ALA F 71 19.84 -3.11 -36.93
CA ALA F 71 19.47 -4.43 -36.40
C ALA F 71 18.15 -4.92 -37.00
N ASP F 72 18.08 -6.23 -37.22
CA ASP F 72 16.89 -6.92 -37.75
C ASP F 72 16.18 -7.49 -36.52
N VAL F 73 15.01 -6.96 -36.19
CA VAL F 73 14.27 -7.41 -35.01
C VAL F 73 13.84 -8.87 -34.96
N SER F 74 13.89 -9.57 -36.09
CA SER F 74 13.49 -10.98 -36.09
C SER F 74 14.61 -11.89 -35.59
N ASP F 75 15.82 -11.34 -35.47
CA ASP F 75 16.98 -12.08 -34.99
C ASP F 75 17.24 -11.73 -33.53
N GLU F 76 17.08 -12.71 -32.64
CA GLU F 76 17.27 -12.46 -31.21
C GLU F 76 18.63 -11.87 -30.84
N ALA F 77 19.67 -12.30 -31.55
CA ALA F 77 21.02 -11.80 -31.27
C ALA F 77 21.13 -10.31 -31.59
N GLN F 78 20.42 -9.86 -32.61
CA GLN F 78 20.44 -8.46 -32.98
C GLN F 78 19.57 -7.63 -32.05
N VAL F 79 18.54 -8.26 -31.48
CA VAL F 79 17.67 -7.55 -30.55
C VAL F 79 18.49 -7.30 -29.28
N GLU F 80 19.22 -8.33 -28.84
CA GLU F 80 20.06 -8.19 -27.66
C GLU F 80 21.11 -7.12 -27.92
N ALA F 81 21.58 -7.05 -29.16
CA ALA F 81 22.60 -6.06 -29.53
C ALA F 81 22.11 -4.62 -29.44
N TYR F 82 20.89 -4.34 -29.89
CA TYR F 82 20.41 -2.96 -29.84
C TYR F 82 20.03 -2.56 -28.42
N VAL F 83 19.60 -3.51 -27.62
CA VAL F 83 19.26 -3.20 -26.23
C VAL F 83 20.55 -2.90 -25.47
N THR F 84 21.58 -3.70 -25.72
CA THR F 84 22.88 -3.51 -25.06
C THR F 84 23.49 -2.18 -25.50
N ALA F 85 23.40 -1.89 -26.80
CA ALA F 85 23.95 -0.64 -27.32
C ALA F 85 23.27 0.53 -26.62
N THR F 86 21.97 0.40 -26.36
CA THR F 86 21.21 1.46 -25.71
C THR F 86 21.61 1.68 -24.25
N THR F 87 21.76 0.59 -23.49
CA THR F 87 22.11 0.73 -22.08
C THR F 87 23.58 1.13 -21.90
N GLU F 88 24.45 0.75 -22.82
CA GLU F 88 25.86 1.13 -22.68
C GLU F 88 26.03 2.61 -22.95
N ARG F 89 25.18 3.16 -23.81
CA ARG F 89 25.25 4.58 -24.14
C ARG F 89 24.51 5.49 -23.16
N PHE F 90 23.33 5.05 -22.70
CA PHE F 90 22.52 5.86 -21.80
C PHE F 90 22.34 5.37 -20.37
N GLY F 91 22.63 4.09 -20.11
CA GLY F 91 22.52 3.57 -18.77
C GLY F 91 21.13 3.21 -18.27
N ARG F 92 20.11 3.45 -19.09
CA ARG F 92 18.74 3.14 -18.71
C ARG F 92 17.81 3.28 -19.90
N ILE F 93 16.58 2.81 -19.75
CA ILE F 93 15.56 2.89 -20.79
C ILE F 93 14.26 3.30 -20.11
N ASP F 94 13.82 4.53 -20.35
CA ASP F 94 12.60 5.03 -19.73
C ASP F 94 11.36 4.76 -20.57
N GLY F 95 11.54 4.75 -21.88
CA GLY F 95 10.42 4.50 -22.79
C GLY F 95 10.84 3.57 -23.91
N PHE F 96 9.89 2.80 -24.41
CA PHE F 96 10.15 1.86 -25.50
C PHE F 96 9.00 1.86 -26.49
N PHE F 97 9.29 2.22 -27.73
CA PHE F 97 8.29 2.23 -28.79
C PHE F 97 8.67 1.04 -29.66
N ASN F 98 8.02 -0.08 -29.38
CA ASN F 98 8.20 -1.40 -30.03
C ASN F 98 7.36 -1.29 -31.29
N ASN F 99 7.95 -0.67 -32.30
CA ASN F 99 7.29 -0.31 -33.55
C ASN F 99 7.61 -0.96 -34.91
N ALA F 100 8.78 -1.57 -35.06
CA ALA F 100 9.17 -2.16 -36.35
C ALA F 100 8.13 -3.13 -36.93
N GLY F 101 7.95 -3.08 -38.25
CA GLY F 101 6.99 -3.98 -38.89
C GLY F 101 6.90 -3.82 -40.40
N ILE F 102 6.32 -4.83 -41.05
CA ILE F 102 6.11 -4.82 -42.49
C ILE F 102 4.66 -5.24 -42.75
N GLU F 103 4.17 -5.00 -43.96
CA GLU F 103 2.79 -5.35 -44.28
C GLU F 103 2.61 -6.80 -44.72
N GLY F 104 3.44 -7.22 -45.68
CA GLY F 104 3.33 -8.56 -46.20
C GLY F 104 2.56 -8.50 -47.51
N LYS F 105 2.85 -9.41 -48.44
CA LYS F 105 2.16 -9.42 -49.73
C LYS F 105 0.68 -9.78 -49.58
N GLN F 106 -0.19 -8.91 -50.09
CA GLN F 106 -1.65 -9.14 -50.01
C GLN F 106 -2.09 -10.36 -50.83
N ASN F 107 -3.01 -11.14 -50.24
CA ASN F 107 -3.54 -12.34 -50.88
C ASN F 107 -4.61 -12.97 -50.00
N PRO F 108 -5.62 -13.63 -50.61
CA PRO F 108 -6.67 -14.26 -49.79
C PRO F 108 -6.02 -15.41 -49.01
N THR F 109 -6.65 -15.85 -47.93
CA THR F 109 -6.08 -16.90 -47.10
C THR F 109 -5.53 -18.12 -47.85
N GLU F 110 -6.33 -18.69 -48.74
CA GLU F 110 -5.91 -19.89 -49.48
C GLU F 110 -4.66 -19.71 -50.33
N SER F 111 -4.30 -18.46 -50.62
CA SER F 111 -3.12 -18.19 -51.45
C SER F 111 -2.07 -17.33 -50.77
N PHE F 112 -2.20 -17.10 -49.47
CA PHE F 112 -1.26 -16.24 -48.75
C PHE F 112 0.16 -16.80 -48.62
N THR F 113 0.26 -18.13 -48.57
CA THR F 113 1.50 -18.89 -48.45
C THR F 113 2.14 -18.89 -47.06
N ALA F 114 2.65 -20.06 -46.67
CA ALA F 114 3.30 -20.24 -45.39
C ALA F 114 4.57 -19.40 -45.29
N ALA F 115 5.26 -19.24 -46.42
CA ALA F 115 6.49 -18.44 -46.43
C ALA F 115 6.22 -16.99 -46.04
N GLU F 116 5.21 -16.39 -46.66
CA GLU F 116 4.89 -15.00 -46.36
C GLU F 116 4.32 -14.87 -44.95
N PHE F 117 3.52 -15.86 -44.55
CA PHE F 117 2.94 -15.84 -43.21
C PHE F 117 4.06 -15.85 -42.16
N ASP F 118 5.01 -16.77 -42.34
CA ASP F 118 6.13 -16.90 -41.42
C ASP F 118 6.98 -15.63 -41.35
N LYS F 119 7.14 -14.97 -42.49
CA LYS F 119 7.94 -13.75 -42.57
C LYS F 119 7.31 -12.61 -41.77
N VAL F 120 6.02 -12.36 -42.01
CA VAL F 120 5.32 -11.29 -41.31
C VAL F 120 5.29 -11.57 -39.81
N VAL F 121 5.01 -12.81 -39.44
CA VAL F 121 4.97 -13.15 -38.02
C VAL F 121 6.34 -12.96 -37.34
N SER F 122 7.41 -13.37 -38.02
CA SER F 122 8.76 -13.25 -37.44
C SER F 122 9.17 -11.82 -37.13
N ILE F 123 8.72 -10.87 -37.94
CA ILE F 123 9.06 -9.47 -37.73
C ILE F 123 8.06 -8.73 -36.84
N ASN F 124 6.79 -8.75 -37.24
CA ASN F 124 5.73 -8.06 -36.52
C ASN F 124 5.34 -8.62 -35.16
N LEU F 125 5.44 -9.93 -34.99
CA LEU F 125 5.06 -10.54 -33.73
C LEU F 125 6.25 -11.00 -32.89
N ARG F 126 7.10 -11.84 -33.46
CA ARG F 126 8.27 -12.33 -32.73
C ARG F 126 9.19 -11.16 -32.36
N GLY F 127 9.31 -10.20 -33.27
CA GLY F 127 10.15 -9.04 -32.98
C GLY F 127 9.67 -8.28 -31.76
N VAL F 128 8.36 -8.11 -31.66
CA VAL F 128 7.77 -7.39 -30.54
C VAL F 128 7.98 -8.18 -29.24
N PHE F 129 7.80 -9.49 -29.30
CA PHE F 129 8.00 -10.31 -28.13
C PHE F 129 9.45 -10.24 -27.64
N LEU F 130 10.40 -10.40 -28.56
CA LEU F 130 11.81 -10.36 -28.20
C LEU F 130 12.18 -9.03 -27.56
N GLY F 131 11.65 -7.94 -28.11
CA GLY F 131 11.94 -6.63 -27.54
C GLY F 131 11.43 -6.56 -26.12
N LEU F 132 10.20 -7.02 -25.91
CA LEU F 132 9.62 -6.99 -24.57
C LEU F 132 10.41 -7.86 -23.59
N GLU F 133 10.83 -9.04 -24.05
CA GLU F 133 11.57 -9.95 -23.19
C GLU F 133 12.82 -9.31 -22.61
N LYS F 134 13.55 -8.56 -23.43
CA LYS F 134 14.79 -7.92 -22.97
C LYS F 134 14.57 -6.59 -22.23
N VAL F 135 13.70 -5.73 -22.77
CA VAL F 135 13.46 -4.43 -22.15
C VAL F 135 12.68 -4.45 -20.84
N LEU F 136 11.71 -5.35 -20.70
CA LEU F 136 10.93 -5.39 -19.46
C LEU F 136 11.76 -5.80 -18.26
N LYS F 137 12.81 -6.59 -18.48
CA LYS F 137 13.69 -7.01 -17.39
C LYS F 137 14.40 -5.77 -16.86
N ILE F 138 14.91 -4.95 -17.78
CA ILE F 138 15.60 -3.72 -17.42
C ILE F 138 14.66 -2.75 -16.71
N MET F 139 13.45 -2.61 -17.22
CA MET F 139 12.50 -1.70 -16.60
C MET F 139 12.09 -2.18 -15.22
N ARG F 140 11.94 -3.50 -15.04
CA ARG F 140 11.56 -4.02 -13.74
C ARG F 140 12.66 -3.70 -12.72
N GLU F 141 13.91 -3.89 -13.14
CA GLU F 141 15.06 -3.60 -12.28
C GLU F 141 15.12 -2.12 -11.92
N GLN F 142 14.68 -1.26 -12.83
CA GLN F 142 14.67 0.18 -12.61
C GLN F 142 13.51 0.56 -11.70
N GLY F 143 12.42 -0.19 -11.79
CA GLY F 143 11.23 0.09 -11.01
C GLY F 143 10.39 1.13 -11.74
N SER F 144 10.63 1.27 -13.04
CA SER F 144 9.88 2.24 -13.85
C SER F 144 10.07 1.98 -15.33
N GLY F 145 9.12 2.45 -16.13
CA GLY F 145 9.22 2.27 -17.57
C GLY F 145 7.87 2.35 -18.25
N MET F 146 7.86 2.82 -19.49
CA MET F 146 6.63 2.94 -20.26
C MET F 146 6.87 2.30 -21.63
N VAL F 147 5.92 1.48 -22.08
CA VAL F 147 6.06 0.80 -23.36
C VAL F 147 4.85 0.98 -24.26
N VAL F 148 5.10 1.16 -25.55
CA VAL F 148 4.01 1.27 -26.51
C VAL F 148 4.33 0.31 -27.64
N ASN F 149 3.47 -0.68 -27.85
CA ASN F 149 3.66 -1.65 -28.93
C ASN F 149 2.78 -1.19 -30.08
N THR F 150 3.30 -1.22 -31.30
CA THR F 150 2.50 -0.80 -32.43
C THR F 150 1.69 -1.95 -33.02
N ALA F 151 0.38 -1.89 -32.83
CA ALA F 151 -0.49 -2.91 -33.39
C ALA F 151 -1.02 -2.30 -34.70
N SER F 152 -2.34 -2.25 -34.83
CA SER F 152 -2.98 -1.71 -36.02
C SER F 152 -4.47 -1.92 -35.89
N VAL F 153 -5.26 -1.29 -36.75
CA VAL F 153 -6.69 -1.52 -36.70
C VAL F 153 -6.85 -2.96 -37.16
N GLY F 154 -5.86 -3.46 -37.89
CA GLY F 154 -5.88 -4.84 -38.36
C GLY F 154 -5.58 -5.80 -37.23
N GLY F 155 -5.30 -5.23 -36.07
CA GLY F 155 -5.02 -6.01 -34.88
C GLY F 155 -6.24 -6.13 -33.98
N ILE F 156 -7.33 -5.46 -34.36
CA ILE F 156 -8.58 -5.52 -33.59
C ILE F 156 -9.79 -5.71 -34.51
N ARG F 157 -9.55 -5.70 -35.81
CA ARG F 157 -10.62 -5.86 -36.80
C ARG F 157 -10.09 -6.64 -37.99
N GLY F 158 -10.99 -7.07 -38.88
CA GLY F 158 -10.59 -7.81 -40.06
C GLY F 158 -10.59 -6.91 -41.29
N ILE F 159 -9.43 -6.76 -41.91
CA ILE F 159 -9.30 -5.93 -43.10
C ILE F 159 -9.47 -6.76 -44.37
N GLY F 160 -8.98 -7.99 -44.35
CA GLY F 160 -9.09 -8.85 -45.52
C GLY F 160 -7.82 -8.86 -46.34
N ASN F 161 -7.50 -10.03 -46.91
CA ASN F 161 -6.32 -10.23 -47.74
C ASN F 161 -5.00 -10.04 -47.01
N GLN F 162 -5.02 -10.15 -45.68
CA GLN F 162 -3.79 -9.99 -44.91
C GLN F 162 -3.65 -10.97 -43.73
N SER F 163 -3.76 -12.26 -44.02
CA SER F 163 -3.65 -13.28 -42.99
C SER F 163 -2.45 -13.09 -42.06
N GLY F 164 -1.27 -12.90 -42.64
CA GLY F 164 -0.07 -12.71 -41.84
C GLY F 164 -0.12 -11.48 -40.95
N TYR F 165 -0.50 -10.35 -41.53
CA TYR F 165 -0.57 -9.10 -40.78
C TYR F 165 -1.62 -9.17 -39.68
N ALA F 166 -2.80 -9.68 -40.02
CA ALA F 166 -3.89 -9.78 -39.04
C ALA F 166 -3.51 -10.67 -37.86
N ALA F 167 -2.90 -11.81 -38.13
CA ALA F 167 -2.49 -12.72 -37.06
C ALA F 167 -1.40 -12.08 -36.22
N ALA F 168 -0.40 -11.50 -36.87
CA ALA F 168 0.70 -10.87 -36.16
C ALA F 168 0.26 -9.68 -35.31
N LYS F 169 -0.53 -8.78 -35.89
CA LYS F 169 -0.98 -7.59 -35.16
C LYS F 169 -1.98 -7.90 -34.06
N HIS F 170 -2.79 -8.94 -34.23
CA HIS F 170 -3.71 -9.30 -33.15
C HIS F 170 -2.80 -9.87 -32.05
N GLY F 171 -1.76 -10.59 -32.46
CA GLY F 171 -0.81 -11.16 -31.51
C GLY F 171 -0.12 -10.10 -30.68
N VAL F 172 0.15 -8.94 -31.28
CA VAL F 172 0.81 -7.84 -30.58
C VAL F 172 -0.10 -7.35 -29.45
N VAL F 173 -1.40 -7.29 -29.72
CA VAL F 173 -2.37 -6.88 -28.71
C VAL F 173 -2.33 -7.90 -27.58
N GLY F 174 -2.21 -9.18 -27.94
CA GLY F 174 -2.16 -10.22 -26.94
C GLY F 174 -0.96 -10.05 -26.02
N LEU F 175 0.20 -9.77 -26.61
CA LEU F 175 1.42 -9.56 -25.82
C LEU F 175 1.25 -8.35 -24.91
N THR F 176 0.60 -7.31 -25.43
CA THR F 176 0.36 -6.09 -24.67
C THR F 176 -0.47 -6.39 -23.44
N ARG F 177 -1.59 -7.07 -23.62
CA ARG F 177 -2.47 -7.39 -22.50
C ARG F 177 -1.81 -8.34 -21.50
N ASN F 178 -1.15 -9.38 -21.98
CA ASN F 178 -0.52 -10.34 -21.09
C ASN F 178 0.64 -9.73 -20.31
N SER F 179 1.52 -8.99 -20.99
CA SER F 179 2.65 -8.37 -20.31
C SER F 179 2.20 -7.28 -19.34
N ALA F 180 1.18 -6.51 -19.72
CA ALA F 180 0.67 -5.44 -18.86
C ALA F 180 0.16 -5.99 -17.53
N VAL F 181 -0.46 -7.17 -17.57
CA VAL F 181 -0.98 -7.80 -16.36
C VAL F 181 0.16 -8.26 -15.46
N GLU F 182 1.28 -8.64 -16.07
CA GLU F 182 2.44 -9.11 -15.32
C GLU F 182 3.27 -8.01 -14.67
N TYR F 183 3.54 -6.94 -15.42
CA TYR F 183 4.40 -5.87 -14.93
C TYR F 183 3.77 -4.60 -14.36
N GLY F 184 2.45 -4.51 -14.38
CA GLY F 184 1.79 -3.33 -13.85
C GLY F 184 2.09 -3.05 -12.39
N ARG F 185 2.34 -4.12 -11.64
CA ARG F 185 2.64 -4.02 -10.21
C ARG F 185 3.89 -3.20 -9.92
N TYR F 186 4.77 -3.08 -10.91
CA TYR F 186 6.01 -2.33 -10.72
C TYR F 186 5.91 -0.86 -11.11
N GLY F 187 4.74 -0.45 -11.58
CA GLY F 187 4.56 0.94 -11.99
C GLY F 187 4.78 1.06 -13.48
N ILE F 188 5.18 -0.05 -14.10
CA ILE F 188 5.43 -0.10 -15.52
C ILE F 188 4.08 -0.11 -16.24
N ARG F 189 4.01 0.57 -17.39
CA ARG F 189 2.77 0.60 -18.16
C ARG F 189 3.06 0.13 -19.58
N ILE F 190 2.21 -0.77 -20.07
CA ILE F 190 2.37 -1.33 -21.41
C ILE F 190 1.04 -1.19 -22.15
N ASN F 191 1.04 -0.42 -23.24
CA ASN F 191 -0.16 -0.17 -24.04
C ASN F 191 0.16 -0.33 -25.50
N ALA F 192 -0.87 -0.39 -26.33
CA ALA F 192 -0.67 -0.53 -27.76
C ALA F 192 -1.45 0.51 -28.53
N ILE F 193 -0.92 0.92 -29.69
CA ILE F 193 -1.66 1.86 -30.52
C ILE F 193 -2.17 1.06 -31.70
N ALA F 194 -3.31 1.46 -32.24
CA ALA F 194 -3.91 0.79 -33.38
C ALA F 194 -4.11 1.82 -34.48
N PRO F 195 -3.04 2.18 -35.20
CA PRO F 195 -3.19 3.16 -36.27
C PRO F 195 -4.04 2.66 -37.43
N GLY F 196 -4.76 3.59 -38.04
CA GLY F 196 -5.60 3.27 -39.18
C GLY F 196 -4.93 3.76 -40.45
N ALA F 197 -5.66 4.50 -41.27
CA ALA F 197 -5.12 5.01 -42.53
C ALA F 197 -4.26 6.25 -42.30
N ILE F 198 -2.96 6.03 -42.08
CA ILE F 198 -2.00 7.10 -41.87
C ILE F 198 -1.11 7.12 -43.10
N TRP F 199 -0.91 8.29 -43.71
CA TRP F 199 -0.09 8.35 -44.90
C TRP F 199 1.41 8.25 -44.61
N THR F 200 1.90 7.02 -44.60
CA THR F 200 3.31 6.72 -44.35
C THR F 200 3.78 5.87 -45.52
N PRO F 201 5.09 5.57 -45.58
CA PRO F 201 5.57 4.74 -46.70
C PRO F 201 4.92 3.36 -46.78
N MET F 202 4.58 2.77 -45.63
CA MET F 202 3.96 1.45 -45.64
C MET F 202 2.57 1.50 -46.27
N VAL F 203 1.79 2.50 -45.88
CA VAL F 203 0.43 2.66 -46.40
C VAL F 203 0.46 3.05 -47.87
N GLU F 204 1.45 3.83 -48.28
CA GLU F 204 1.58 4.23 -49.67
C GLU F 204 1.83 2.98 -50.52
N ASN F 205 2.70 2.10 -50.03
CA ASN F 205 3.01 0.86 -50.75
C ASN F 205 1.81 -0.08 -50.71
N SER F 206 1.05 -0.05 -49.62
CA SER F 206 -0.12 -0.91 -49.49
C SER F 206 -1.14 -0.58 -50.58
N MET F 207 -1.30 0.70 -50.88
CA MET F 207 -2.26 1.12 -51.91
C MET F 207 -1.76 0.71 -53.29
N LYS F 208 -0.45 0.61 -53.45
CA LYS F 208 0.12 0.20 -54.72
C LYS F 208 -0.11 -1.31 -54.89
N GLN F 209 -0.24 -2.02 -53.78
CA GLN F 209 -0.50 -3.46 -53.82
C GLN F 209 -1.96 -3.66 -54.22
N LEU F 210 -2.82 -2.84 -53.62
CA LEU F 210 -4.26 -2.89 -53.85
C LEU F 210 -4.61 -2.65 -55.32
N ASP F 211 -3.93 -1.71 -55.95
CA ASP F 211 -4.18 -1.39 -57.37
C ASP F 211 -2.92 -0.83 -58.02
N PRO F 212 -2.04 -1.72 -58.53
CA PRO F 212 -0.81 -1.27 -59.17
C PRO F 212 -1.09 -0.33 -60.34
N GLU F 213 -2.22 -0.54 -61.01
CA GLU F 213 -2.62 0.28 -62.14
C GLU F 213 -2.92 1.72 -61.77
N ASN F 214 -3.51 1.92 -60.59
CA ASN F 214 -3.84 3.27 -60.15
C ASN F 214 -3.85 3.33 -58.63
N PRO F 215 -2.68 3.55 -58.02
CA PRO F 215 -2.58 3.63 -56.55
C PRO F 215 -3.30 4.83 -55.93
N ARG F 216 -3.39 5.94 -56.66
CA ARG F 216 -4.07 7.13 -56.15
C ARG F 216 -5.57 6.87 -56.02
N LYS F 217 -6.13 6.20 -57.03
CA LYS F 217 -7.55 5.87 -57.03
C LYS F 217 -7.88 4.92 -55.88
N ALA F 218 -6.98 3.98 -55.61
CA ALA F 218 -7.17 3.02 -54.53
C ALA F 218 -7.16 3.74 -53.18
N ALA F 219 -6.27 4.71 -53.05
CA ALA F 219 -6.16 5.48 -51.82
C ALA F 219 -7.40 6.32 -51.59
N GLU F 220 -7.91 6.91 -52.65
CA GLU F 220 -9.10 7.75 -52.60
C GLU F 220 -10.34 6.95 -52.18
N GLU F 221 -10.53 5.80 -52.81
CA GLU F 221 -11.67 4.95 -52.53
C GLU F 221 -11.63 4.36 -51.12
N PHE F 222 -10.43 4.02 -50.66
CA PHE F 222 -10.24 3.43 -49.34
C PHE F 222 -10.67 4.34 -48.19
N ILE F 223 -10.37 5.63 -48.30
CA ILE F 223 -10.68 6.59 -47.24
C ILE F 223 -12.09 7.18 -47.25
N GLN F 224 -12.84 6.95 -48.32
CA GLN F 224 -14.18 7.47 -48.44
C GLN F 224 -15.11 7.18 -47.28
N VAL F 225 -15.03 5.97 -46.75
CA VAL F 225 -15.90 5.55 -45.65
C VAL F 225 -15.43 5.98 -44.25
N ASN F 226 -14.24 6.56 -44.15
CA ASN F 226 -13.73 6.98 -42.85
C ASN F 226 -14.55 8.16 -42.29
N PRO F 227 -14.93 8.10 -41.00
CA PRO F 227 -15.72 9.17 -40.40
C PRO F 227 -15.07 10.55 -40.48
N SER F 228 -13.73 10.59 -40.43
CA SER F 228 -13.01 11.86 -40.50
C SER F 228 -12.81 12.34 -41.94
N LYS F 229 -13.13 11.48 -42.90
CA LYS F 229 -13.02 11.78 -44.32
C LYS F 229 -11.62 12.13 -44.81
N ARG F 230 -10.59 11.74 -44.07
CA ARG F 230 -9.21 12.03 -44.48
C ARG F 230 -8.25 11.04 -43.87
N TYR F 231 -7.03 11.00 -44.42
CA TYR F 231 -5.97 10.15 -43.92
C TYR F 231 -5.34 10.86 -42.74
N GLY F 232 -4.73 10.09 -41.84
CA GLY F 232 -4.05 10.69 -40.70
C GLY F 232 -2.63 10.96 -41.14
N GLU F 233 -1.89 11.76 -40.37
CA GLU F 233 -0.51 12.07 -40.70
C GLU F 233 0.37 11.57 -39.56
N ALA F 234 1.61 11.20 -39.87
CA ALA F 234 2.54 10.67 -38.90
C ALA F 234 2.66 11.44 -37.58
N PRO F 235 2.74 12.78 -37.63
CA PRO F 235 2.84 13.51 -36.36
C PRO F 235 1.63 13.33 -35.45
N GLU F 236 0.50 12.94 -36.03
CA GLU F 236 -0.72 12.73 -35.24
C GLU F 236 -0.62 11.43 -34.44
N ILE F 237 0.19 10.50 -34.92
CA ILE F 237 0.40 9.25 -34.21
C ILE F 237 1.47 9.52 -33.15
N ALA F 238 2.50 10.29 -33.53
CA ALA F 238 3.58 10.62 -32.61
C ALA F 238 3.06 11.30 -31.34
N ALA F 239 2.02 12.11 -31.51
CA ALA F 239 1.41 12.84 -30.39
C ALA F 239 0.76 11.89 -29.40
N VAL F 240 0.17 10.82 -29.90
CA VAL F 240 -0.47 9.84 -29.03
C VAL F 240 0.60 8.99 -28.35
N VAL F 241 1.64 8.64 -29.09
CA VAL F 241 2.71 7.84 -28.52
C VAL F 241 3.44 8.63 -27.42
N ALA F 242 3.63 9.93 -27.63
CA ALA F 242 4.29 10.77 -26.62
C ALA F 242 3.47 10.76 -25.34
N PHE F 243 2.15 10.81 -25.48
CA PHE F 243 1.25 10.77 -24.33
C PHE F 243 1.43 9.43 -23.59
N LEU F 244 1.35 8.33 -24.33
CA LEU F 244 1.47 7.01 -23.74
C LEU F 244 2.84 6.66 -23.13
N LEU F 245 3.88 7.37 -23.54
CA LEU F 245 5.21 7.11 -22.97
C LEU F 245 5.55 8.09 -21.85
N SER F 246 4.65 9.04 -21.59
CA SER F 246 4.88 10.06 -20.55
C SER F 246 4.17 9.75 -19.23
N ASP F 247 4.43 10.60 -18.24
CA ASP F 247 3.81 10.45 -16.93
C ASP F 247 2.30 10.68 -17.02
N ASP F 248 1.83 11.27 -18.12
CA ASP F 248 0.40 11.52 -18.26
C ASP F 248 -0.39 10.21 -18.39
N ALA F 249 0.28 9.13 -18.76
CA ALA F 249 -0.37 7.83 -18.90
C ALA F 249 -0.06 6.95 -17.71
N SER F 250 0.21 7.56 -16.55
CA SER F 250 0.56 6.79 -15.36
C SER F 250 -0.46 5.77 -14.86
N TYR F 251 -1.73 5.91 -15.24
CA TYR F 251 -2.71 4.92 -14.79
C TYR F 251 -3.39 4.23 -15.99
N VAL F 252 -2.79 4.40 -17.17
CA VAL F 252 -3.32 3.78 -18.38
C VAL F 252 -2.46 2.52 -18.61
N ASN F 253 -3.10 1.34 -18.62
CA ASN F 253 -2.34 0.11 -18.79
C ASN F 253 -3.15 -0.96 -19.52
N ALA F 254 -2.46 -1.78 -20.32
CA ALA F 254 -3.07 -2.87 -21.08
C ALA F 254 -4.12 -2.45 -22.09
N THR F 255 -4.10 -1.20 -22.52
CA THR F 255 -5.11 -0.73 -23.47
C THR F 255 -4.65 -0.69 -24.91
N VAL F 256 -5.62 -0.63 -25.82
CA VAL F 256 -5.36 -0.51 -27.24
C VAL F 256 -6.03 0.81 -27.60
N VAL F 257 -5.26 1.75 -28.14
CA VAL F 257 -5.80 3.05 -28.50
C VAL F 257 -5.85 3.21 -30.02
N PRO F 258 -7.04 3.13 -30.61
CA PRO F 258 -7.13 3.28 -32.07
C PRO F 258 -6.89 4.73 -32.45
N ILE F 259 -6.17 4.94 -33.54
CA ILE F 259 -5.90 6.29 -34.03
C ILE F 259 -6.28 6.12 -35.48
N ASP F 260 -7.59 6.13 -35.72
CA ASP F 260 -8.12 5.87 -37.06
C ASP F 260 -9.27 6.78 -37.51
N GLY F 261 -9.39 7.96 -36.92
CA GLY F 261 -10.47 8.85 -37.33
C GLY F 261 -11.85 8.35 -36.95
N GLY F 262 -11.90 7.23 -36.24
CA GLY F 262 -13.18 6.66 -35.79
C GLY F 262 -13.72 5.46 -36.54
N GLN F 263 -12.99 4.95 -37.53
CA GLN F 263 -13.52 3.82 -38.31
C GLN F 263 -13.72 2.48 -37.62
N SER F 264 -12.86 2.11 -36.68
CA SER F 264 -13.03 0.82 -36.03
C SER F 264 -14.28 0.77 -35.15
N ALA F 265 -14.75 1.94 -34.71
CA ALA F 265 -15.95 2.02 -33.88
C ALA F 265 -17.22 2.12 -34.73
N ALA F 266 -17.06 2.43 -36.01
CA ALA F 266 -18.20 2.58 -36.90
C ALA F 266 -18.69 1.25 -37.44
N TYR F 267 -20.00 1.11 -37.61
CA TYR F 267 -20.54 -0.13 -38.15
C TYR F 267 -20.42 -0.07 -39.68
N ARG G 10 -0.88 23.60 -24.16
CA ARG G 10 -1.69 23.18 -25.35
C ARG G 10 -3.06 23.85 -25.35
N PHE G 11 -3.37 24.59 -24.28
CA PHE G 11 -4.68 25.22 -24.16
C PHE G 11 -4.73 26.74 -24.04
N THR G 12 -3.64 27.41 -24.41
CA THR G 12 -3.59 28.87 -24.34
C THR G 12 -4.79 29.50 -25.07
N ASP G 13 -5.57 30.28 -24.33
CA ASP G 13 -6.75 30.96 -24.88
C ASP G 13 -7.91 30.07 -25.31
N ARG G 14 -7.78 28.76 -25.14
CA ARG G 14 -8.85 27.85 -25.52
C ARG G 14 -9.90 27.78 -24.42
N VAL G 15 -11.17 27.75 -24.81
CA VAL G 15 -12.28 27.70 -23.87
C VAL G 15 -12.77 26.27 -23.66
N VAL G 16 -12.74 25.80 -22.41
CA VAL G 16 -13.19 24.45 -22.10
C VAL G 16 -14.33 24.48 -21.09
N LEU G 17 -15.43 23.80 -21.44
CA LEU G 17 -16.63 23.72 -20.61
C LEU G 17 -16.62 22.36 -19.90
N ILE G 18 -16.80 22.38 -18.57
CA ILE G 18 -16.78 21.15 -17.78
C ILE G 18 -18.01 20.98 -16.91
N THR G 19 -18.75 19.89 -17.07
CA THR G 19 -19.90 19.65 -16.20
C THR G 19 -19.37 18.78 -15.06
N GLY G 20 -20.01 18.87 -13.90
CA GLY G 20 -19.52 18.14 -12.75
C GLY G 20 -18.21 18.77 -12.32
N GLY G 21 -18.03 20.04 -12.69
CA GLY G 21 -16.80 20.74 -12.37
C GLY G 21 -16.56 21.15 -10.93
N GLY G 22 -17.52 20.86 -10.05
CA GLY G 22 -17.36 21.23 -8.66
C GLY G 22 -16.73 20.20 -7.75
N SER G 23 -16.17 19.13 -8.30
CA SER G 23 -15.57 18.08 -7.48
C SER G 23 -14.79 17.06 -8.31
N GLY G 24 -14.07 16.20 -7.60
CA GLY G 24 -13.31 15.11 -8.21
C GLY G 24 -12.64 15.27 -9.56
N LEU G 25 -13.04 14.42 -10.51
CA LEU G 25 -12.44 14.46 -11.85
C LEU G 25 -12.64 15.78 -12.56
N GLY G 26 -13.81 16.41 -12.38
CA GLY G 26 -14.07 17.68 -13.01
C GLY G 26 -13.14 18.76 -12.49
N ARG G 27 -12.97 18.81 -11.17
CA ARG G 27 -12.10 19.79 -10.55
C ARG G 27 -10.64 19.57 -10.95
N ALA G 28 -10.20 18.31 -10.94
CA ALA G 28 -8.82 17.99 -11.29
C ALA G 28 -8.52 18.36 -12.73
N THR G 29 -9.49 18.16 -13.62
CA THR G 29 -9.31 18.48 -15.02
C THR G 29 -9.25 20.00 -15.19
N ALA G 30 -10.07 20.72 -14.42
CA ALA G 30 -10.08 22.18 -14.48
C ALA G 30 -8.69 22.70 -14.10
N VAL G 31 -8.11 22.11 -13.05
CA VAL G 31 -6.79 22.52 -12.59
C VAL G 31 -5.70 22.26 -13.63
N ARG G 32 -5.70 21.05 -14.21
CA ARG G 32 -4.72 20.70 -15.22
C ARG G 32 -4.84 21.59 -16.46
N LEU G 33 -6.06 21.80 -16.93
CA LEU G 33 -6.29 22.63 -18.11
C LEU G 33 -5.90 24.09 -17.87
N ALA G 34 -6.14 24.59 -16.66
CA ALA G 34 -5.80 25.97 -16.34
C ALA G 34 -4.27 26.11 -16.36
N ALA G 35 -3.59 25.06 -15.91
CA ALA G 35 -2.13 25.05 -15.89
C ALA G 35 -1.60 25.11 -17.33
N GLU G 36 -2.41 24.65 -18.28
CA GLU G 36 -2.01 24.66 -19.68
C GLU G 36 -2.53 25.91 -20.42
N GLY G 37 -3.05 26.87 -19.65
CA GLY G 37 -3.53 28.13 -20.20
C GLY G 37 -4.98 28.28 -20.63
N ALA G 38 -5.81 27.29 -20.31
CA ALA G 38 -7.21 27.34 -20.71
C ALA G 38 -8.10 28.32 -19.96
N LYS G 39 -9.16 28.76 -20.63
CA LYS G 39 -10.18 29.62 -20.05
C LYS G 39 -11.20 28.56 -19.67
N LEU G 40 -11.89 28.72 -18.54
CA LEU G 40 -12.82 27.70 -18.10
C LEU G 40 -14.24 28.13 -17.78
N SER G 41 -15.17 27.21 -18.00
CA SER G 41 -16.57 27.41 -17.69
C SER G 41 -16.94 26.13 -16.94
N LEU G 42 -17.12 26.25 -15.63
CA LEU G 42 -17.46 25.10 -14.79
C LEU G 42 -18.94 25.06 -14.48
N VAL G 43 -19.54 23.88 -14.59
CA VAL G 43 -20.97 23.70 -14.34
C VAL G 43 -21.20 22.58 -13.32
N ASP G 44 -22.10 22.82 -12.37
CA ASP G 44 -22.37 21.81 -11.33
C ASP G 44 -23.66 22.20 -10.60
N VAL G 45 -24.28 21.24 -9.93
CA VAL G 45 -25.49 21.54 -9.16
C VAL G 45 -25.11 22.17 -7.83
N SER G 46 -23.86 21.98 -7.43
CA SER G 46 -23.35 22.49 -6.15
C SER G 46 -22.61 23.82 -6.22
N SER G 47 -23.17 24.85 -5.58
CA SER G 47 -22.50 26.16 -5.57
C SER G 47 -21.25 26.09 -4.69
N GLU G 48 -21.31 25.31 -3.61
CA GLU G 48 -20.17 25.16 -2.72
C GLU G 48 -19.00 24.54 -3.47
N GLY G 49 -19.31 23.51 -4.28
CA GLY G 49 -18.29 22.84 -5.05
C GLY G 49 -17.66 23.73 -6.11
N LEU G 50 -18.49 24.49 -6.80
CA LEU G 50 -18.00 25.40 -7.83
C LEU G 50 -17.06 26.43 -7.21
N GLU G 51 -17.43 26.92 -6.03
CA GLU G 51 -16.64 27.90 -5.30
C GLU G 51 -15.26 27.34 -4.97
N ALA G 52 -15.23 26.12 -4.45
CA ALA G 52 -13.98 25.47 -4.08
C ALA G 52 -13.14 25.12 -5.30
N SER G 53 -13.79 24.78 -6.40
CA SER G 53 -13.06 24.43 -7.62
C SER G 53 -12.39 25.65 -8.24
N LYS G 54 -13.10 26.77 -8.27
CA LYS G 54 -12.52 27.98 -8.83
C LYS G 54 -11.32 28.41 -8.00
N ALA G 55 -11.44 28.30 -6.67
CA ALA G 55 -10.35 28.67 -5.78
C ALA G 55 -9.14 27.78 -6.07
N ALA G 56 -9.38 26.49 -6.26
CA ALA G 56 -8.30 25.54 -6.53
C ALA G 56 -7.60 25.90 -7.84
N VAL G 57 -8.38 26.29 -8.84
CA VAL G 57 -7.83 26.65 -10.14
C VAL G 57 -6.91 27.87 -10.02
N LEU G 58 -7.39 28.90 -9.32
CA LEU G 58 -6.63 30.14 -9.15
C LEU G 58 -5.35 29.96 -8.34
N GLU G 59 -5.27 28.89 -7.57
CA GLU G 59 -4.07 28.62 -6.77
C GLU G 59 -2.97 28.16 -7.72
N THR G 60 -3.36 27.47 -8.78
CA THR G 60 -2.42 26.95 -9.78
C THR G 60 -2.18 27.97 -10.89
N ALA G 61 -3.24 28.66 -11.29
CA ALA G 61 -3.17 29.66 -12.35
C ALA G 61 -3.86 30.93 -11.87
N PRO G 62 -3.12 31.81 -11.18
CA PRO G 62 -3.65 33.08 -10.65
C PRO G 62 -4.39 33.98 -11.64
N ASP G 63 -4.00 33.93 -12.91
CA ASP G 63 -4.61 34.78 -13.93
C ASP G 63 -5.66 34.07 -14.79
N ALA G 64 -6.08 32.88 -14.36
CA ALA G 64 -7.06 32.13 -15.12
C ALA G 64 -8.45 32.75 -15.10
N GLU G 65 -9.12 32.70 -16.25
CA GLU G 65 -10.48 33.21 -16.37
C GLU G 65 -11.39 32.00 -16.11
N VAL G 66 -12.16 32.05 -15.03
CA VAL G 66 -13.05 30.96 -14.67
C VAL G 66 -14.48 31.41 -14.41
N LEU G 67 -15.40 30.84 -15.19
CA LEU G 67 -16.82 31.15 -15.05
C LEU G 67 -17.45 29.96 -14.35
N THR G 68 -18.38 30.22 -13.43
CA THR G 68 -19.07 29.14 -12.73
C THR G 68 -20.57 29.31 -12.89
N THR G 69 -21.27 28.21 -13.14
CA THR G 69 -22.71 28.23 -13.34
C THR G 69 -23.38 27.05 -12.66
N VAL G 70 -24.41 27.32 -11.86
CA VAL G 70 -25.15 26.26 -11.18
C VAL G 70 -26.20 25.74 -12.15
N ALA G 71 -26.19 24.43 -12.39
CA ALA G 71 -27.15 23.82 -13.30
C ALA G 71 -27.25 22.32 -13.07
N ASP G 72 -28.47 21.81 -13.24
CA ASP G 72 -28.77 20.38 -13.09
C ASP G 72 -28.82 19.86 -14.53
N VAL G 73 -27.87 19.03 -14.91
CA VAL G 73 -27.78 18.52 -16.29
C VAL G 73 -28.95 17.69 -16.80
N SER G 74 -29.84 17.27 -15.91
CA SER G 74 -31.00 16.47 -16.30
C SER G 74 -32.17 17.33 -16.77
N ASP G 75 -32.07 18.64 -16.54
CA ASP G 75 -33.10 19.59 -16.93
C ASP G 75 -32.66 20.30 -18.20
N GLU G 76 -33.38 20.07 -19.30
CA GLU G 76 -32.99 20.67 -20.58
C GLU G 76 -32.86 22.19 -20.56
N ALA G 77 -33.75 22.85 -19.84
CA ALA G 77 -33.72 24.31 -19.75
C ALA G 77 -32.43 24.77 -19.11
N GLN G 78 -31.97 24.05 -18.10
CA GLN G 78 -30.73 24.40 -17.41
C GLN G 78 -29.50 24.07 -18.24
N VAL G 79 -29.60 23.08 -19.11
CA VAL G 79 -28.48 22.72 -19.98
C VAL G 79 -28.30 23.85 -20.99
N GLU G 80 -29.41 24.28 -21.58
CA GLU G 80 -29.36 25.38 -22.54
C GLU G 80 -28.83 26.63 -21.83
N ALA G 81 -29.17 26.77 -20.55
CA ALA G 81 -28.72 27.92 -19.78
C ALA G 81 -27.21 27.94 -19.58
N TYR G 82 -26.59 26.79 -19.25
CA TYR G 82 -25.15 26.80 -19.03
C TYR G 82 -24.37 26.94 -20.33
N VAL G 83 -24.94 26.44 -21.43
CA VAL G 83 -24.27 26.57 -22.72
C VAL G 83 -24.29 28.04 -23.13
N THR G 84 -25.44 28.68 -22.97
CA THR G 84 -25.59 30.10 -23.29
C THR G 84 -24.67 30.95 -22.42
N ALA G 85 -24.61 30.64 -21.13
CA ALA G 85 -23.75 31.39 -20.21
C ALA G 85 -22.30 31.34 -20.70
N THR G 86 -21.89 30.18 -21.19
CA THR G 86 -20.52 30.00 -21.67
C THR G 86 -20.23 30.78 -22.94
N THR G 87 -21.13 30.73 -23.91
CA THR G 87 -20.89 31.45 -25.16
C THR G 87 -21.02 32.97 -24.99
N GLU G 88 -21.86 33.40 -24.05
CA GLU G 88 -22.02 34.84 -23.83
C GLU G 88 -20.76 35.41 -23.16
N ARG G 89 -20.09 34.59 -22.37
CA ARG G 89 -18.87 35.02 -21.68
C ARG G 89 -17.60 34.87 -22.50
N PHE G 90 -17.46 33.75 -23.20
CA PHE G 90 -16.26 33.46 -23.98
C PHE G 90 -16.37 33.49 -25.51
N GLY G 91 -17.59 33.47 -26.02
CA GLY G 91 -17.78 33.52 -27.46
C GLY G 91 -17.57 32.25 -28.27
N ARG G 92 -17.14 31.18 -27.61
CA ARG G 92 -16.89 29.91 -28.30
C ARG G 92 -16.69 28.79 -27.28
N ILE G 93 -16.64 27.55 -27.76
CA ILE G 93 -16.41 26.38 -26.90
C ILE G 93 -15.45 25.47 -27.66
N ASP G 94 -14.19 25.43 -27.22
CA ASP G 94 -13.17 24.62 -27.88
C ASP G 94 -13.12 23.19 -27.38
N GLY G 95 -13.39 23.00 -26.09
CA GLY G 95 -13.38 21.67 -25.49
C GLY G 95 -14.58 21.49 -24.58
N PHE G 96 -15.04 20.25 -24.44
CA PHE G 96 -16.19 19.96 -23.59
C PHE G 96 -15.97 18.65 -22.85
N PHE G 97 -15.92 18.71 -21.53
CA PHE G 97 -15.76 17.52 -20.68
C PHE G 97 -17.16 17.29 -20.08
N ASN G 98 -17.92 16.44 -20.76
CA ASN G 98 -19.31 16.05 -20.44
C ASN G 98 -19.12 15.00 -19.36
N ASN G 99 -18.97 15.48 -18.13
CA ASN G 99 -18.60 14.63 -16.99
C ASN G 99 -19.54 14.41 -15.78
N ALA G 100 -20.56 15.25 -15.60
CA ALA G 100 -21.45 15.08 -14.45
C ALA G 100 -22.05 13.68 -14.32
N GLY G 101 -22.21 13.21 -13.09
CA GLY G 101 -22.77 11.88 -12.88
C GLY G 101 -22.93 11.47 -11.43
N ILE G 102 -23.75 10.46 -11.18
CA ILE G 102 -23.97 9.93 -9.85
C ILE G 102 -23.86 8.41 -9.95
N GLU G 103 -23.69 7.74 -8.81
CA GLU G 103 -23.55 6.28 -8.83
C GLU G 103 -24.87 5.53 -8.83
N GLY G 104 -25.73 5.87 -7.87
CA GLY G 104 -27.01 5.19 -7.74
C GLY G 104 -26.89 4.20 -6.59
N LYS G 105 -28.01 3.90 -5.93
CA LYS G 105 -28.00 2.96 -4.80
C LYS G 105 -27.78 1.52 -5.26
N GLN G 106 -26.76 0.87 -4.71
CA GLN G 106 -26.42 -0.50 -5.07
C GLN G 106 -27.51 -1.51 -4.69
N ASN G 107 -27.77 -2.44 -5.61
CA ASN G 107 -28.79 -3.48 -5.41
C ASN G 107 -28.81 -4.45 -6.60
N PRO G 108 -29.12 -5.74 -6.35
CA PRO G 108 -29.17 -6.68 -7.46
C PRO G 108 -30.32 -6.23 -8.36
N THR G 109 -30.32 -6.68 -9.61
CA THR G 109 -31.34 -6.26 -10.55
C THR G 109 -32.80 -6.34 -10.06
N GLU G 110 -33.18 -7.47 -9.48
CA GLU G 110 -34.56 -7.61 -9.01
C GLU G 110 -34.95 -6.64 -7.90
N SER G 111 -33.97 -6.00 -7.27
CA SER G 111 -34.25 -5.06 -6.17
C SER G 111 -33.79 -3.64 -6.47
N PHE G 112 -33.32 -3.38 -7.69
CA PHE G 112 -32.82 -2.05 -8.00
C PHE G 112 -33.86 -0.91 -7.99
N THR G 113 -35.09 -1.24 -8.39
CA THR G 113 -36.24 -0.33 -8.48
C THR G 113 -36.21 0.57 -9.70
N ALA G 114 -37.40 0.78 -10.28
CA ALA G 114 -37.54 1.62 -11.45
C ALA G 114 -37.21 3.07 -11.15
N ALA G 115 -37.54 3.53 -9.94
CA ALA G 115 -37.28 4.92 -9.56
C ALA G 115 -35.79 5.23 -9.57
N GLU G 116 -34.98 4.35 -8.99
CA GLU G 116 -33.55 4.55 -8.93
C GLU G 116 -32.94 4.40 -10.31
N PHE G 117 -33.46 3.46 -11.11
CA PHE G 117 -32.96 3.25 -12.47
C PHE G 117 -33.18 4.53 -13.26
N ASP G 118 -34.40 5.07 -13.17
CA ASP G 118 -34.76 6.29 -13.88
C ASP G 118 -33.90 7.48 -13.47
N LYS G 119 -33.60 7.58 -12.17
CA LYS G 119 -32.79 8.67 -11.66
C LYS G 119 -31.37 8.66 -12.24
N VAL G 120 -30.72 7.51 -12.18
CA VAL G 120 -29.37 7.38 -12.69
C VAL G 120 -29.31 7.63 -14.21
N VAL G 121 -30.31 7.13 -14.93
CA VAL G 121 -30.36 7.34 -16.38
C VAL G 121 -30.57 8.83 -16.71
N SER G 122 -31.45 9.49 -15.97
CA SER G 122 -31.72 10.90 -16.23
C SER G 122 -30.47 11.78 -16.12
N ILE G 123 -29.64 11.51 -15.13
CA ILE G 123 -28.42 12.30 -14.95
C ILE G 123 -27.24 11.84 -15.78
N ASN G 124 -26.90 10.56 -15.65
CA ASN G 124 -25.74 9.98 -16.34
C ASN G 124 -25.84 9.81 -17.86
N LEU G 125 -27.03 9.53 -18.35
CA LEU G 125 -27.21 9.31 -19.79
C LEU G 125 -27.90 10.47 -20.48
N ARG G 126 -29.09 10.84 -20.00
CA ARG G 126 -29.82 11.94 -20.61
C ARG G 126 -29.01 13.24 -20.48
N GLY G 127 -28.35 13.42 -19.35
CA GLY G 127 -27.54 14.62 -19.16
C GLY G 127 -26.44 14.73 -20.20
N VAL G 128 -25.82 13.59 -20.50
CA VAL G 128 -24.74 13.57 -21.48
C VAL G 128 -25.31 13.84 -22.88
N PHE G 129 -26.47 13.25 -23.17
CA PHE G 129 -27.11 13.47 -24.47
C PHE G 129 -27.45 14.95 -24.68
N LEU G 130 -28.08 15.55 -23.68
CA LEU G 130 -28.47 16.96 -23.78
C LEU G 130 -27.25 17.86 -24.00
N GLY G 131 -26.16 17.57 -23.29
CA GLY G 131 -24.96 18.36 -23.45
C GLY G 131 -24.43 18.26 -24.87
N LEU G 132 -24.43 17.06 -25.43
CA LEU G 132 -23.95 16.85 -26.79
C LEU G 132 -24.86 17.55 -27.79
N GLU G 133 -26.17 17.43 -27.60
CA GLU G 133 -27.11 18.05 -28.51
C GLU G 133 -26.90 19.55 -28.65
N LYS G 134 -26.62 20.22 -27.53
CA LYS G 134 -26.41 21.67 -27.54
C LYS G 134 -25.01 22.10 -27.95
N VAL G 135 -23.99 21.42 -27.43
CA VAL G 135 -22.61 21.79 -27.73
C VAL G 135 -22.13 21.43 -29.13
N LEU G 136 -22.55 20.28 -29.65
CA LEU G 136 -22.12 19.87 -30.98
C LEU G 136 -22.61 20.82 -32.07
N LYS G 137 -23.74 21.47 -31.83
CA LYS G 137 -24.27 22.43 -32.81
C LYS G 137 -23.29 23.60 -32.90
N ILE G 138 -22.86 24.07 -31.74
CA ILE G 138 -21.92 25.20 -31.68
C ILE G 138 -20.56 24.82 -32.29
N MET G 139 -20.10 23.61 -32.01
CA MET G 139 -18.81 23.17 -32.56
C MET G 139 -18.88 22.98 -34.07
N ARG G 140 -19.99 22.48 -34.58
CA ARG G 140 -20.11 22.29 -36.02
C ARG G 140 -20.05 23.67 -36.68
N GLU G 141 -20.74 24.63 -36.07
CA GLU G 141 -20.75 26.00 -36.59
C GLU G 141 -19.34 26.59 -36.59
N GLN G 142 -18.54 26.21 -35.58
CA GLN G 142 -17.16 26.69 -35.44
C GLN G 142 -16.24 25.96 -36.41
N GLY G 143 -16.60 24.73 -36.77
CA GLY G 143 -15.77 23.95 -37.65
C GLY G 143 -14.65 23.33 -36.86
N SER G 144 -14.81 23.28 -35.54
CA SER G 144 -13.80 22.69 -34.66
C SER G 144 -14.35 22.44 -33.26
N GLY G 145 -13.70 21.52 -32.55
CA GLY G 145 -14.12 21.20 -31.19
C GLY G 145 -13.70 19.80 -30.77
N MET G 146 -13.41 19.63 -29.49
CA MET G 146 -13.02 18.33 -28.94
C MET G 146 -13.94 18.01 -27.77
N VAL G 147 -14.43 16.78 -27.72
CA VAL G 147 -15.36 16.38 -26.67
C VAL G 147 -14.92 15.09 -25.98
N VAL G 148 -15.04 15.07 -24.65
CA VAL G 148 -14.73 13.86 -23.90
C VAL G 148 -15.93 13.60 -23.02
N ASN G 149 -16.52 12.41 -23.15
CA ASN G 149 -17.66 12.03 -22.32
C ASN G 149 -17.13 11.07 -21.28
N THR G 150 -17.56 11.23 -20.03
CA THR G 150 -17.08 10.33 -19.00
C THR G 150 -17.96 9.09 -18.87
N ALA G 151 -17.42 7.95 -19.27
CA ALA G 151 -18.14 6.69 -19.15
C ALA G 151 -17.64 6.06 -17.85
N SER G 152 -17.15 4.83 -17.94
CA SER G 152 -16.66 4.12 -16.77
C SER G 152 -16.28 2.72 -17.21
N VAL G 153 -15.53 2.00 -16.39
CA VAL G 153 -15.21 0.62 -16.73
C VAL G 153 -16.55 -0.11 -16.67
N GLY G 154 -17.51 0.48 -15.95
CA GLY G 154 -18.83 -0.11 -15.83
C GLY G 154 -19.65 0.14 -17.09
N GLY G 155 -19.04 0.85 -18.02
CA GLY G 155 -19.67 1.15 -19.30
C GLY G 155 -19.17 0.22 -20.38
N ILE G 156 -18.22 -0.64 -20.03
CA ILE G 156 -17.65 -1.60 -20.97
C ILE G 156 -17.55 -3.01 -20.37
N ARG G 157 -17.84 -3.14 -19.07
CA ARG G 157 -17.79 -4.40 -18.36
C ARG G 157 -18.93 -4.44 -17.34
N GLY G 158 -19.18 -5.62 -16.77
CA GLY G 158 -20.22 -5.75 -15.77
C GLY G 158 -19.60 -5.79 -14.38
N ILE G 159 -19.99 -4.85 -13.53
CA ILE G 159 -19.47 -4.76 -12.17
C ILE G 159 -20.35 -5.50 -11.17
N GLY G 160 -21.66 -5.47 -11.40
CA GLY G 160 -22.59 -6.12 -10.50
C GLY G 160 -23.25 -5.13 -9.54
N ASN G 161 -24.53 -5.36 -9.26
CA ASN G 161 -25.32 -4.53 -8.34
C ASN G 161 -25.49 -3.08 -8.77
N GLN G 162 -25.34 -2.79 -10.06
CA GLN G 162 -25.50 -1.42 -10.52
C GLN G 162 -26.23 -1.31 -11.85
N SER G 163 -27.44 -1.87 -11.92
CA SER G 163 -28.23 -1.83 -13.15
C SER G 163 -28.30 -0.44 -13.76
N GLY G 164 -28.66 0.55 -12.95
CA GLY G 164 -28.78 1.91 -13.45
C GLY G 164 -27.48 2.46 -14.01
N TYR G 165 -26.40 2.34 -13.24
CA TYR G 165 -25.10 2.84 -13.67
C TYR G 165 -24.58 2.12 -14.91
N ALA G 166 -24.66 0.79 -14.92
CA ALA G 166 -24.18 0.01 -16.06
C ALA G 166 -24.92 0.35 -17.33
N ALA G 167 -26.24 0.52 -17.24
CA ALA G 167 -27.03 0.85 -18.42
C ALA G 167 -26.67 2.26 -18.89
N ALA G 168 -26.63 3.19 -17.95
CA ALA G 168 -26.33 4.58 -18.29
C ALA G 168 -24.94 4.78 -18.86
N LYS G 169 -23.92 4.20 -18.21
CA LYS G 169 -22.56 4.38 -18.69
C LYS G 169 -22.29 3.65 -20.01
N HIS G 170 -22.96 2.52 -20.23
CA HIS G 170 -22.80 1.82 -21.51
C HIS G 170 -23.45 2.75 -22.54
N GLY G 171 -24.57 3.36 -22.17
CA GLY G 171 -25.27 4.29 -23.04
C GLY G 171 -24.39 5.47 -23.42
N VAL G 172 -23.54 5.92 -22.50
CA VAL G 172 -22.64 7.02 -22.78
C VAL G 172 -21.64 6.63 -23.86
N VAL G 173 -21.20 5.37 -23.83
CA VAL G 173 -20.27 4.87 -24.85
C VAL G 173 -21.01 4.86 -26.19
N GLY G 174 -22.29 4.53 -26.16
CA GLY G 174 -23.08 4.51 -27.39
C GLY G 174 -23.23 5.89 -28.01
N LEU G 175 -23.46 6.89 -27.16
CA LEU G 175 -23.60 8.27 -27.64
C LEU G 175 -22.26 8.70 -28.25
N THR G 176 -21.17 8.31 -27.60
CA THR G 176 -19.85 8.67 -28.06
C THR G 176 -19.61 8.12 -29.46
N ARG G 177 -19.87 6.83 -29.64
CA ARG G 177 -19.66 6.21 -30.95
C ARG G 177 -20.58 6.76 -32.04
N ASN G 178 -21.86 6.90 -31.74
CA ASN G 178 -22.82 7.41 -32.73
C ASN G 178 -22.53 8.86 -33.14
N SER G 179 -22.30 9.72 -32.14
CA SER G 179 -22.01 11.12 -32.42
C SER G 179 -20.67 11.31 -33.14
N ALA G 180 -19.67 10.50 -32.77
CA ALA G 180 -18.37 10.60 -33.40
C ALA G 180 -18.44 10.28 -34.90
N VAL G 181 -19.27 9.32 -35.26
CA VAL G 181 -19.41 8.95 -36.67
C VAL G 181 -20.11 10.07 -37.44
N GLU G 182 -20.98 10.81 -36.76
CA GLU G 182 -21.71 11.92 -37.37
C GLU G 182 -20.90 13.19 -37.57
N TYR G 183 -20.12 13.57 -36.55
CA TYR G 183 -19.36 14.82 -36.59
C TYR G 183 -17.87 14.77 -36.93
N GLY G 184 -17.33 13.58 -37.15
CA GLY G 184 -15.93 13.48 -37.48
C GLY G 184 -15.55 14.24 -38.74
N ARG G 185 -16.50 14.34 -39.66
CA ARG G 185 -16.27 15.02 -40.93
C ARG G 185 -15.97 16.51 -40.81
N TYR G 186 -16.33 17.10 -39.67
CA TYR G 186 -16.10 18.53 -39.44
C TYR G 186 -14.78 18.80 -38.70
N GLY G 187 -14.04 17.74 -38.41
CA GLY G 187 -12.77 17.90 -37.70
C GLY G 187 -12.98 17.77 -36.19
N ILE G 188 -14.24 17.63 -35.80
CA ILE G 188 -14.61 17.49 -34.39
C ILE G 188 -14.24 16.07 -33.94
N ARG G 189 -13.78 15.93 -32.71
CA ARG G 189 -13.43 14.61 -32.19
C ARG G 189 -14.23 14.39 -30.92
N ILE G 190 -14.82 13.20 -30.79
CA ILE G 190 -15.63 12.84 -29.62
C ILE G 190 -15.13 11.49 -29.12
N ASN G 191 -14.66 11.47 -27.87
CA ASN G 191 -14.14 10.24 -27.29
C ASN G 191 -14.67 10.09 -25.87
N ALA G 192 -14.46 8.92 -25.28
CA ALA G 192 -14.90 8.68 -23.92
C ALA G 192 -13.78 8.10 -23.08
N ILE G 193 -13.80 8.41 -21.79
CA ILE G 193 -12.81 7.83 -20.90
C ILE G 193 -13.58 6.83 -20.05
N ALA G 194 -12.91 5.75 -19.65
CA ALA G 194 -13.54 4.73 -18.83
C ALA G 194 -12.70 4.58 -17.57
N PRO G 195 -12.87 5.51 -16.61
CA PRO G 195 -12.10 5.42 -15.37
C PRO G 195 -12.49 4.21 -14.52
N GLY G 196 -11.50 3.68 -13.81
CA GLY G 196 -11.74 2.54 -12.95
C GLY G 196 -11.72 3.01 -11.49
N ALA G 197 -10.93 2.33 -10.68
CA ALA G 197 -10.84 2.67 -9.26
C ALA G 197 -9.96 3.90 -9.04
N ILE G 198 -10.59 5.07 -9.09
CA ILE G 198 -9.89 6.34 -8.88
C ILE G 198 -10.39 6.85 -7.53
N TRP G 199 -9.50 7.29 -6.65
CA TRP G 199 -9.96 7.78 -5.36
C TRP G 199 -10.56 9.18 -5.44
N THR G 200 -11.88 9.23 -5.62
CA THR G 200 -12.64 10.48 -5.71
C THR G 200 -13.82 10.37 -4.76
N PRO G 201 -14.56 11.48 -4.56
CA PRO G 201 -15.71 11.39 -3.66
C PRO G 201 -16.75 10.32 -4.05
N MET G 202 -16.95 10.09 -5.35
CA MET G 202 -17.92 9.08 -5.76
C MET G 202 -17.48 7.67 -5.38
N VAL G 203 -16.20 7.39 -5.54
CA VAL G 203 -15.68 6.07 -5.22
C VAL G 203 -15.64 5.84 -3.71
N GLU G 204 -15.32 6.88 -2.95
CA GLU G 204 -15.29 6.76 -1.50
C GLU G 204 -16.70 6.45 -1.01
N ASN G 205 -17.69 7.10 -1.61
CA ASN G 205 -19.07 6.85 -1.22
C ASN G 205 -19.50 5.46 -1.70
N SER G 206 -18.98 5.03 -2.84
CA SER G 206 -19.30 3.71 -3.36
C SER G 206 -18.85 2.64 -2.37
N MET G 207 -17.67 2.84 -1.79
CA MET G 207 -17.14 1.88 -0.83
C MET G 207 -17.96 1.89 0.46
N LYS G 208 -18.54 3.05 0.76
CA LYS G 208 -19.38 3.20 1.95
C LYS G 208 -20.61 2.33 1.76
N GLN G 209 -21.16 2.32 0.54
CA GLN G 209 -22.34 1.51 0.24
C GLN G 209 -22.01 0.02 0.37
N LEU G 210 -20.82 -0.35 -0.10
CA LEU G 210 -20.36 -1.73 -0.08
C LEU G 210 -20.23 -2.26 1.34
N ASP G 211 -19.58 -1.47 2.20
CA ASP G 211 -19.41 -1.85 3.61
C ASP G 211 -19.57 -0.61 4.49
N PRO G 212 -20.81 -0.29 4.87
CA PRO G 212 -21.07 0.88 5.71
C PRO G 212 -20.31 0.82 7.04
N GLU G 213 -20.09 -0.41 7.52
CA GLU G 213 -19.40 -0.64 8.78
C GLU G 213 -17.88 -0.48 8.71
N ASN G 214 -17.33 -0.54 7.50
CA ASN G 214 -15.89 -0.40 7.31
C ASN G 214 -15.57 -0.15 5.84
N PRO G 215 -15.77 1.10 5.36
CA PRO G 215 -15.50 1.44 3.96
C PRO G 215 -14.02 1.31 3.59
N ARG G 216 -13.15 1.47 4.57
CA ARG G 216 -11.71 1.37 4.35
C ARG G 216 -11.37 -0.08 3.98
N LYS G 217 -11.96 -1.02 4.70
CA LYS G 217 -11.77 -2.44 4.46
C LYS G 217 -12.24 -2.81 3.05
N ALA G 218 -13.43 -2.33 2.70
CA ALA G 218 -14.00 -2.61 1.40
C ALA G 218 -13.10 -2.08 0.29
N ALA G 219 -12.58 -0.88 0.48
CA ALA G 219 -11.70 -0.25 -0.50
C ALA G 219 -10.44 -1.08 -0.74
N GLU G 220 -9.86 -1.59 0.35
CA GLU G 220 -8.66 -2.42 0.23
C GLU G 220 -8.93 -3.71 -0.52
N GLU G 221 -10.04 -4.37 -0.19
CA GLU G 221 -10.38 -5.62 -0.84
C GLU G 221 -10.70 -5.44 -2.33
N PHE G 222 -11.35 -4.33 -2.67
CA PHE G 222 -11.72 -4.08 -4.07
C PHE G 222 -10.53 -3.91 -5.01
N ILE G 223 -9.45 -3.34 -4.50
CA ILE G 223 -8.27 -3.07 -5.32
C ILE G 223 -7.23 -4.20 -5.38
N GLN G 224 -7.42 -5.25 -4.60
CA GLN G 224 -6.47 -6.36 -4.56
C GLN G 224 -6.17 -7.01 -5.91
N VAL G 225 -7.22 -7.21 -6.71
CA VAL G 225 -7.07 -7.86 -8.01
C VAL G 225 -6.54 -6.97 -9.13
N ASN G 226 -6.44 -5.66 -8.87
CA ASN G 226 -5.97 -4.74 -9.90
C ASN G 226 -4.50 -4.95 -10.28
N PRO G 227 -4.21 -5.03 -11.59
CA PRO G 227 -2.84 -5.23 -12.07
C PRO G 227 -1.81 -4.23 -11.56
N SER G 228 -2.23 -2.99 -11.35
CA SER G 228 -1.33 -1.95 -10.88
C SER G 228 -1.20 -1.91 -9.36
N LYS G 229 -2.01 -2.73 -8.69
CA LYS G 229 -1.99 -2.86 -7.24
C LYS G 229 -2.22 -1.56 -6.44
N ARG G 230 -2.93 -0.62 -7.04
CA ARG G 230 -3.23 0.65 -6.38
C ARG G 230 -4.39 1.39 -7.03
N TYR G 231 -4.94 2.35 -6.29
CA TYR G 231 -6.02 3.19 -6.80
C TYR G 231 -5.38 4.28 -7.65
N GLY G 232 -6.12 4.76 -8.65
CA GLY G 232 -5.61 5.84 -9.46
C GLY G 232 -5.98 7.13 -8.74
N GLU G 233 -5.38 8.24 -9.14
CA GLU G 233 -5.66 9.51 -8.52
C GLU G 233 -6.27 10.44 -9.56
N ALA G 234 -7.08 11.40 -9.11
CA ALA G 234 -7.75 12.35 -10.00
C ALA G 234 -6.86 13.03 -11.03
N PRO G 235 -5.66 13.46 -10.63
CA PRO G 235 -4.78 14.12 -11.61
C PRO G 235 -4.37 13.21 -12.77
N GLU G 236 -4.39 11.90 -12.54
CA GLU G 236 -4.04 10.92 -13.57
C GLU G 236 -5.13 10.84 -14.63
N ILE G 237 -6.37 11.16 -14.23
CA ILE G 237 -7.48 11.16 -15.17
C ILE G 237 -7.40 12.49 -15.93
N ALA G 238 -7.17 13.57 -15.18
CA ALA G 238 -7.05 14.89 -15.77
C ALA G 238 -6.03 14.93 -16.90
N ALA G 239 -4.93 14.19 -16.74
CA ALA G 239 -3.88 14.17 -17.75
C ALA G 239 -4.36 13.52 -19.05
N VAL G 240 -5.21 12.50 -18.94
CA VAL G 240 -5.71 11.84 -20.14
C VAL G 240 -6.74 12.73 -20.83
N VAL G 241 -7.59 13.38 -20.04
CA VAL G 241 -8.61 14.26 -20.59
C VAL G 241 -7.95 15.46 -21.29
N ALA G 242 -6.86 15.95 -20.72
CA ALA G 242 -6.13 17.07 -21.31
C ALA G 242 -5.63 16.65 -22.69
N PHE G 243 -5.12 15.42 -22.77
CA PHE G 243 -4.63 14.88 -24.04
C PHE G 243 -5.77 14.81 -25.05
N LEU G 244 -6.89 14.22 -24.65
CA LEU G 244 -8.06 14.05 -25.52
C LEU G 244 -8.77 15.34 -25.96
N LEU G 245 -8.56 16.43 -25.23
CA LEU G 245 -9.19 17.69 -25.59
C LEU G 245 -8.22 18.60 -26.34
N SER G 246 -6.99 18.12 -26.52
CA SER G 246 -5.96 18.90 -27.21
C SER G 246 -5.77 18.48 -28.67
N ASP G 247 -4.89 19.21 -29.36
CA ASP G 247 -4.56 18.93 -30.76
C ASP G 247 -3.84 17.59 -30.90
N ASP G 248 -3.30 17.08 -29.79
CA ASP G 248 -2.59 15.81 -29.81
C ASP G 248 -3.52 14.65 -30.15
N ALA G 249 -4.83 14.87 -30.01
CA ALA G 249 -5.80 13.82 -30.30
C ALA G 249 -6.54 14.13 -31.60
N SER G 250 -5.88 14.87 -32.49
CA SER G 250 -6.50 15.24 -33.76
C SER G 250 -6.96 14.11 -34.67
N TYR G 251 -6.47 12.89 -34.46
CA TYR G 251 -6.93 11.78 -35.29
C TYR G 251 -7.53 10.65 -34.45
N VAL G 252 -7.81 10.94 -33.18
CA VAL G 252 -8.41 9.96 -32.29
C VAL G 252 -9.90 10.31 -32.22
N ASN G 253 -10.76 9.37 -32.57
CA ASN G 253 -12.20 9.62 -32.59
C ASN G 253 -13.00 8.36 -32.30
N ALA G 254 -14.14 8.53 -31.62
CA ALA G 254 -15.06 7.43 -31.29
C ALA G 254 -14.47 6.33 -30.40
N THR G 255 -13.38 6.61 -29.71
CA THR G 255 -12.74 5.61 -28.86
C THR G 255 -13.15 5.69 -27.40
N VAL G 256 -12.88 4.61 -26.67
CA VAL G 256 -13.12 4.55 -25.24
C VAL G 256 -11.76 4.23 -24.67
N VAL G 257 -11.23 5.12 -23.83
CA VAL G 257 -9.92 4.91 -23.24
C VAL G 257 -10.03 4.53 -21.76
N PRO G 258 -9.77 3.26 -21.44
CA PRO G 258 -9.86 2.88 -20.03
C PRO G 258 -8.68 3.46 -19.27
N ILE G 259 -8.93 3.92 -18.06
CA ILE G 259 -7.89 4.47 -17.19
C ILE G 259 -8.17 3.70 -15.90
N ASP G 260 -7.71 2.45 -15.89
CA ASP G 260 -8.00 1.54 -14.79
C ASP G 260 -6.86 0.65 -14.32
N GLY G 261 -5.63 1.03 -14.60
CA GLY G 261 -4.51 0.21 -14.16
C GLY G 261 -4.38 -1.11 -14.91
N GLY G 262 -5.27 -1.33 -15.87
CA GLY G 262 -5.23 -2.54 -16.67
C GLY G 262 -6.26 -3.62 -16.35
N GLN G 263 -7.15 -3.38 -15.40
CA GLN G 263 -8.11 -4.40 -15.02
C GLN G 263 -9.16 -4.84 -16.05
N SER G 264 -9.65 -3.92 -16.88
CA SER G 264 -10.67 -4.31 -17.84
C SER G 264 -10.11 -5.25 -18.91
N ALA G 265 -8.79 -5.20 -19.12
CA ALA G 265 -8.14 -6.06 -20.11
C ALA G 265 -7.72 -7.41 -19.50
N ALA G 266 -7.68 -7.48 -18.18
CA ALA G 266 -7.29 -8.71 -17.50
C ALA G 266 -8.44 -9.71 -17.40
N TYR G 267 -8.13 -10.99 -17.56
CA TYR G 267 -9.18 -12.00 -17.44
C TYR G 267 -9.44 -12.24 -15.96
N ARG H 10 -28.86 -32.14 -37.08
CA ARG H 10 -28.45 -31.01 -37.96
C ARG H 10 -27.23 -31.40 -38.81
N PHE H 11 -26.70 -32.58 -38.59
CA PHE H 11 -25.50 -33.01 -39.31
C PHE H 11 -25.60 -34.30 -40.12
N THR H 12 -26.81 -34.72 -40.44
CA THR H 12 -26.99 -35.96 -41.20
C THR H 12 -26.17 -35.94 -42.48
N ASP H 13 -25.27 -36.91 -42.61
CA ASP H 13 -24.41 -37.06 -43.78
C ASP H 13 -23.44 -35.91 -44.02
N ARG H 14 -23.29 -35.03 -43.04
CA ARG H 14 -22.37 -33.90 -43.18
C ARG H 14 -21.00 -34.34 -42.68
N VAL H 15 -19.96 -33.94 -43.39
CA VAL H 15 -18.59 -34.30 -43.04
C VAL H 15 -17.90 -33.21 -42.25
N VAL H 16 -17.44 -33.55 -41.05
CA VAL H 16 -16.75 -32.60 -40.21
C VAL H 16 -15.34 -33.07 -39.88
N LEU H 17 -14.38 -32.17 -40.12
CA LEU H 17 -12.97 -32.41 -39.87
C LEU H 17 -12.59 -31.71 -38.56
N ILE H 18 -11.99 -32.48 -37.64
CA ILE H 18 -11.60 -31.96 -36.33
C ILE H 18 -10.12 -32.20 -36.01
N THR H 19 -9.36 -31.14 -35.76
CA THR H 19 -7.95 -31.34 -35.39
C THR H 19 -7.93 -31.31 -33.85
N GLY H 20 -6.97 -32.02 -33.26
CA GLY H 20 -6.95 -32.09 -31.81
C GLY H 20 -8.12 -32.98 -31.41
N GLY H 21 -8.52 -33.86 -32.32
CA GLY H 21 -9.65 -34.75 -32.07
C GLY H 21 -9.41 -35.96 -31.18
N GLY H 22 -8.19 -36.08 -30.65
CA GLY H 22 -7.90 -37.23 -29.80
C GLY H 22 -8.07 -37.00 -28.32
N SER H 23 -8.64 -35.87 -27.94
CA SER H 23 -8.81 -35.57 -26.52
C SER H 23 -9.69 -34.34 -26.28
N GLY H 24 -10.01 -34.11 -25.01
CA GLY H 24 -10.79 -32.96 -24.59
C GLY H 24 -11.91 -32.41 -25.44
N LEU H 25 -11.80 -31.14 -25.81
CA LEU H 25 -12.82 -30.47 -26.61
C LEU H 25 -13.02 -31.12 -27.97
N GLY H 26 -11.95 -31.56 -28.60
CA GLY H 26 -12.06 -32.20 -29.89
C GLY H 26 -12.87 -33.48 -29.80
N ARG H 27 -12.61 -34.27 -28.76
CA ARG H 27 -13.32 -35.53 -28.57
C ARG H 27 -14.79 -35.28 -28.23
N ALA H 28 -15.04 -34.35 -27.30
CA ALA H 28 -16.41 -34.05 -26.90
C ALA H 28 -17.23 -33.56 -28.09
N THR H 29 -16.60 -32.77 -28.95
CA THR H 29 -17.28 -32.25 -30.13
C THR H 29 -17.56 -33.39 -31.11
N ALA H 30 -16.61 -34.32 -31.23
CA ALA H 30 -16.79 -35.46 -32.12
C ALA H 30 -18.03 -36.26 -31.69
N VAL H 31 -18.15 -36.50 -30.38
CA VAL H 31 -19.28 -37.26 -29.85
C VAL H 31 -20.61 -36.55 -30.12
N ARG H 32 -20.66 -35.24 -29.87
CA ARG H 32 -21.87 -34.46 -30.08
C ARG H 32 -22.28 -34.44 -31.55
N LEU H 33 -21.31 -34.24 -32.44
CA LEU H 33 -21.61 -34.18 -33.87
C LEU H 33 -22.05 -35.56 -34.39
N ALA H 34 -21.47 -36.62 -33.84
CA ALA H 34 -21.83 -37.98 -34.25
C ALA H 34 -23.29 -38.24 -33.83
N ALA H 35 -23.65 -37.76 -32.65
CA ALA H 35 -25.01 -37.93 -32.15
C ALA H 35 -26.00 -37.21 -33.08
N GLU H 36 -25.52 -36.19 -33.79
CA GLU H 36 -26.38 -35.45 -34.72
C GLU H 36 -26.25 -35.98 -36.14
N GLY H 37 -25.67 -37.17 -36.29
CA GLY H 37 -25.54 -37.81 -37.58
C GLY H 37 -24.35 -37.49 -38.47
N ALA H 38 -23.34 -36.84 -37.94
CA ALA H 38 -22.18 -36.47 -38.77
C ALA H 38 -21.21 -37.59 -39.11
N LYS H 39 -20.47 -37.39 -40.20
CA LYS H 39 -19.40 -38.30 -40.62
C LYS H 39 -18.18 -37.55 -40.12
N LEU H 40 -17.23 -38.25 -39.51
CA LEU H 40 -16.08 -37.58 -38.92
C LEU H 40 -14.70 -37.91 -39.45
N SER H 41 -13.83 -36.90 -39.44
CA SER H 41 -12.44 -37.05 -39.83
C SER H 41 -11.67 -36.41 -38.68
N LEU H 42 -11.07 -37.25 -37.83
CA LEU H 42 -10.34 -36.78 -36.66
C LEU H 42 -8.84 -36.77 -36.90
N VAL H 43 -8.19 -35.66 -36.53
CA VAL H 43 -6.75 -35.49 -36.71
C VAL H 43 -6.06 -35.16 -35.37
N ASP H 44 -4.92 -35.79 -35.12
CA ASP H 44 -4.18 -35.57 -33.88
C ASP H 44 -2.78 -36.18 -33.99
N VAL H 45 -1.86 -35.78 -33.11
CA VAL H 45 -0.52 -36.34 -33.14
C VAL H 45 -0.49 -37.63 -32.32
N SER H 46 -1.55 -37.83 -31.53
CA SER H 46 -1.66 -39.02 -30.68
C SER H 46 -2.56 -40.09 -31.28
N SER H 47 -1.95 -41.19 -31.70
CA SER H 47 -2.71 -42.30 -32.28
C SER H 47 -3.65 -42.91 -31.23
N GLU H 48 -3.17 -43.00 -29.98
CA GLU H 48 -3.98 -43.56 -28.90
C GLU H 48 -5.19 -42.69 -28.62
N GLY H 49 -4.99 -41.37 -28.61
CA GLY H 49 -6.10 -40.47 -28.36
C GLY H 49 -7.16 -40.60 -29.43
N LEU H 50 -6.72 -40.71 -30.69
CA LEU H 50 -7.63 -40.85 -31.81
C LEU H 50 -8.49 -42.10 -31.70
N GLU H 51 -7.88 -43.21 -31.29
CA GLU H 51 -8.61 -44.46 -31.16
C GLU H 51 -9.61 -44.39 -30.00
N ALA H 52 -9.24 -43.70 -28.93
CA ALA H 52 -10.13 -43.56 -27.79
C ALA H 52 -11.33 -42.71 -28.17
N SER H 53 -11.09 -41.66 -28.94
CA SER H 53 -12.16 -40.76 -29.38
C SER H 53 -13.12 -41.52 -30.30
N LYS H 54 -12.56 -42.29 -31.23
CA LYS H 54 -13.38 -43.07 -32.16
C LYS H 54 -14.24 -44.05 -31.37
N ALA H 55 -13.67 -44.66 -30.34
CA ALA H 55 -14.40 -45.61 -29.51
C ALA H 55 -15.55 -44.90 -28.78
N ALA H 56 -15.29 -43.70 -28.28
CA ALA H 56 -16.31 -42.93 -27.57
C ALA H 56 -17.43 -42.56 -28.54
N VAL H 57 -17.07 -42.23 -29.77
CA VAL H 57 -18.04 -41.86 -30.79
C VAL H 57 -18.99 -43.03 -31.08
N LEU H 58 -18.41 -44.20 -31.33
CA LEU H 58 -19.19 -45.39 -31.64
C LEU H 58 -20.12 -45.84 -30.52
N GLU H 59 -19.80 -45.46 -29.27
CA GLU H 59 -20.67 -45.83 -28.16
C GLU H 59 -21.95 -45.01 -28.22
N THR H 60 -21.82 -43.79 -28.73
CA THR H 60 -22.97 -42.90 -28.87
C THR H 60 -23.67 -43.10 -30.20
N ALA H 61 -22.89 -43.35 -31.26
CA ALA H 61 -23.43 -43.57 -32.59
C ALA H 61 -22.74 -44.77 -33.23
N PRO H 62 -23.27 -45.97 -32.99
CA PRO H 62 -22.71 -47.22 -33.53
C PRO H 62 -22.47 -47.27 -35.04
N ASP H 63 -23.31 -46.60 -35.82
CA ASP H 63 -23.18 -46.62 -37.27
C ASP H 63 -22.40 -45.43 -37.84
N ALA H 64 -21.72 -44.68 -36.97
CA ALA H 64 -20.95 -43.53 -37.41
C ALA H 64 -19.71 -43.89 -38.21
N GLU H 65 -19.44 -43.11 -39.25
CA GLU H 65 -18.27 -43.32 -40.09
C GLU H 65 -17.19 -42.39 -39.55
N VAL H 66 -16.09 -42.96 -39.06
CA VAL H 66 -15.01 -42.17 -38.50
C VAL H 66 -13.64 -42.49 -39.08
N LEU H 67 -13.00 -41.47 -39.64
CA LEU H 67 -11.67 -41.62 -40.19
C LEU H 67 -10.71 -41.00 -39.18
N THR H 68 -9.55 -41.61 -38.99
CA THR H 68 -8.56 -41.07 -38.06
C THR H 68 -7.23 -40.92 -38.78
N THR H 69 -6.57 -39.78 -38.57
CA THR H 69 -5.30 -39.52 -39.22
C THR H 69 -4.31 -38.92 -38.23
N VAL H 70 -3.10 -39.49 -38.16
CA VAL H 70 -2.06 -38.98 -37.28
C VAL H 70 -1.32 -37.87 -38.02
N ALA H 71 -1.29 -36.68 -37.44
CA ALA H 71 -0.62 -35.56 -38.07
C ALA H 71 -0.25 -34.45 -37.09
N ASP H 72 0.88 -33.80 -37.37
CA ASP H 72 1.37 -32.70 -36.55
C ASP H 72 1.02 -31.42 -37.33
N VAL H 73 0.10 -30.64 -36.79
CA VAL H 73 -0.37 -29.41 -37.45
C VAL H 73 0.68 -28.32 -37.69
N SER H 74 1.85 -28.46 -37.08
CA SER H 74 2.90 -27.46 -37.27
C SER H 74 3.69 -27.74 -38.55
N ASP H 75 3.47 -28.92 -39.13
CA ASP H 75 4.14 -29.34 -40.36
C ASP H 75 3.18 -29.19 -41.54
N GLU H 76 3.46 -28.26 -42.44
CA GLU H 76 2.59 -28.02 -43.59
C GLU H 76 2.33 -29.27 -44.44
N ALA H 77 3.36 -30.09 -44.63
CA ALA H 77 3.20 -31.31 -45.41
C ALA H 77 2.16 -32.22 -44.78
N GLN H 78 2.16 -32.29 -43.45
CA GLN H 78 1.21 -33.13 -42.72
C GLN H 78 -0.19 -32.55 -42.71
N VAL H 79 -0.30 -31.22 -42.79
CA VAL H 79 -1.60 -30.58 -42.83
C VAL H 79 -2.23 -30.93 -44.17
N GLU H 80 -1.45 -30.79 -45.25
CA GLU H 80 -1.97 -31.13 -46.56
C GLU H 80 -2.40 -32.59 -46.58
N ALA H 81 -1.63 -33.44 -45.90
CA ALA H 81 -1.93 -34.86 -45.85
C ALA H 81 -3.26 -35.19 -45.15
N TYR H 82 -3.56 -34.54 -44.03
CA TYR H 82 -4.82 -34.86 -43.36
C TYR H 82 -6.03 -34.33 -44.12
N VAL H 83 -5.83 -33.27 -44.89
CA VAL H 83 -6.91 -32.70 -45.68
C VAL H 83 -7.17 -33.64 -46.88
N THR H 84 -6.09 -34.10 -47.51
CA THR H 84 -6.21 -35.01 -48.65
C THR H 84 -6.86 -36.31 -48.20
N ALA H 85 -6.46 -36.80 -47.02
CA ALA H 85 -7.01 -38.03 -46.49
C ALA H 85 -8.51 -37.91 -46.28
N THR H 86 -8.94 -36.71 -45.88
CA THR H 86 -10.35 -36.47 -45.63
C THR H 86 -11.20 -36.45 -46.90
N THR H 87 -10.73 -35.72 -47.91
CA THR H 87 -11.46 -35.63 -49.17
C THR H 87 -11.44 -36.94 -49.96
N GLU H 88 -10.37 -37.72 -49.81
CA GLU H 88 -10.30 -39.00 -50.52
C GLU H 88 -11.30 -40.00 -49.92
N ARG H 89 -11.57 -39.86 -48.63
CA ARG H 89 -12.50 -40.74 -47.94
C ARG H 89 -13.97 -40.31 -48.02
N PHE H 90 -14.21 -39.01 -47.86
CA PHE H 90 -15.57 -38.47 -47.88
C PHE H 90 -15.96 -37.62 -49.08
N GLY H 91 -14.98 -37.16 -49.84
CA GLY H 91 -15.26 -36.36 -51.02
C GLY H 91 -15.64 -34.90 -50.80
N ARG H 92 -15.67 -34.47 -49.55
CA ARG H 92 -16.02 -33.10 -49.22
C ARG H 92 -15.77 -32.81 -47.74
N ILE H 93 -15.83 -31.53 -47.39
CA ILE H 93 -15.65 -31.08 -46.01
C ILE H 93 -16.70 -30.01 -45.74
N ASP H 94 -17.71 -30.34 -44.94
CA ASP H 94 -18.78 -29.39 -44.63
C ASP H 94 -18.48 -28.55 -43.39
N GLY H 95 -17.78 -29.14 -42.42
CA GLY H 95 -17.43 -28.43 -41.20
C GLY H 95 -15.98 -28.64 -40.83
N PHE H 96 -15.36 -27.64 -40.22
CA PHE H 96 -13.96 -27.72 -39.82
C PHE H 96 -13.76 -27.10 -38.43
N PHE H 97 -13.36 -27.92 -37.47
CA PHE H 97 -13.10 -27.46 -36.12
C PHE H 97 -11.57 -27.44 -36.02
N ASN H 98 -11.01 -26.25 -36.24
CA ASN H 98 -9.56 -25.95 -36.25
C ASN H 98 -9.23 -25.76 -34.78
N ASN H 99 -9.00 -26.89 -34.10
CA ASN H 99 -8.85 -26.93 -32.65
C ASN H 99 -7.55 -27.32 -31.95
N ALA H 100 -6.64 -28.02 -32.63
CA ALA H 100 -5.38 -28.45 -32.00
C ALA H 100 -4.61 -27.31 -31.34
N GLY H 101 -4.01 -27.59 -30.18
CA GLY H 101 -3.24 -26.59 -29.48
C GLY H 101 -2.60 -27.06 -28.18
N ILE H 102 -1.59 -26.33 -27.74
CA ILE H 102 -0.88 -26.63 -26.48
C ILE H 102 -0.87 -25.35 -25.65
N GLU H 103 -0.60 -25.46 -24.35
CA GLU H 103 -0.59 -24.28 -23.48
C GLU H 103 0.76 -23.57 -23.48
N GLY H 104 1.84 -24.33 -23.31
CA GLY H 104 3.15 -23.73 -23.26
C GLY H 104 3.58 -23.59 -21.81
N LYS H 105 4.89 -23.65 -21.55
CA LYS H 105 5.39 -23.52 -20.19
C LYS H 105 5.20 -22.11 -19.64
N GLN H 106 4.53 -22.01 -18.50
CA GLN H 106 4.26 -20.72 -17.85
C GLN H 106 5.52 -19.99 -17.38
N ASN H 107 5.56 -18.67 -17.59
CA ASN H 107 6.70 -17.85 -17.20
C ASN H 107 6.41 -16.40 -17.52
N PRO H 108 6.96 -15.46 -16.73
CA PRO H 108 6.73 -14.03 -16.99
C PRO H 108 7.44 -13.73 -18.32
N THR H 109 7.06 -12.63 -18.96
CA THR H 109 7.64 -12.28 -20.25
C THR H 109 9.15 -12.33 -20.37
N GLU H 110 9.86 -11.75 -19.41
CA GLU H 110 11.32 -11.71 -19.47
C GLU H 110 12.00 -13.09 -19.41
N SER H 111 11.26 -14.11 -19.01
CA SER H 111 11.85 -15.45 -18.94
C SER H 111 11.07 -16.51 -19.69
N PHE H 112 10.16 -16.09 -20.57
CA PHE H 112 9.35 -17.06 -21.31
C PHE H 112 10.17 -17.86 -22.33
N THR H 113 11.21 -17.22 -22.86
CA THR H 113 12.15 -17.76 -23.86
C THR H 113 11.61 -17.80 -25.29
N ALA H 114 12.52 -17.54 -26.23
CA ALA H 114 12.16 -17.54 -27.65
C ALA H 114 11.79 -18.95 -28.11
N ALA H 115 12.46 -19.95 -27.55
CA ALA H 115 12.20 -21.34 -27.91
C ALA H 115 10.76 -21.71 -27.62
N GLU H 116 10.30 -21.43 -26.40
CA GLU H 116 8.94 -21.76 -26.03
C GLU H 116 7.93 -20.89 -26.78
N PHE H 117 8.28 -19.62 -27.04
CA PHE H 117 7.38 -18.74 -27.78
C PHE H 117 7.17 -19.32 -29.18
N ASP H 118 8.27 -19.67 -29.83
CA ASP H 118 8.22 -20.23 -31.18
C ASP H 118 7.41 -21.53 -31.25
N LYS H 119 7.56 -22.38 -30.23
CA LYS H 119 6.85 -23.66 -30.18
C LYS H 119 5.34 -23.44 -30.11
N VAL H 120 4.90 -22.62 -29.16
CA VAL H 120 3.48 -22.36 -29.00
C VAL H 120 2.88 -21.72 -30.25
N VAL H 121 3.60 -20.78 -30.85
CA VAL H 121 3.12 -20.10 -32.04
C VAL H 121 3.03 -21.05 -33.24
N SER H 122 4.00 -21.95 -33.38
CA SER H 122 4.01 -22.88 -34.51
C SER H 122 2.80 -23.81 -34.51
N ILE H 123 2.34 -24.21 -33.32
CA ILE H 123 1.20 -25.12 -33.22
C ILE H 123 -0.14 -24.39 -33.14
N ASN H 124 -0.27 -23.51 -32.15
CA ASN H 124 -1.51 -22.77 -31.93
C ASN H 124 -1.90 -21.73 -32.98
N LEU H 125 -0.91 -21.07 -33.58
CA LEU H 125 -1.20 -20.04 -34.58
C LEU H 125 -0.94 -20.49 -36.00
N ARG H 126 0.30 -20.91 -36.29
CA ARG H 126 0.64 -21.36 -37.64
C ARG H 126 -0.23 -22.56 -38.04
N GLY H 127 -0.45 -23.47 -37.09
CA GLY H 127 -1.26 -24.64 -37.36
C GLY H 127 -2.66 -24.27 -37.82
N VAL H 128 -3.24 -23.26 -37.17
CA VAL H 128 -4.58 -22.81 -37.53
C VAL H 128 -4.56 -22.14 -38.90
N PHE H 129 -3.50 -21.38 -39.19
CA PHE H 129 -3.39 -20.73 -40.49
C PHE H 129 -3.32 -21.76 -41.62
N LEU H 130 -2.43 -22.73 -41.46
CA LEU H 130 -2.25 -23.77 -42.48
C LEU H 130 -3.57 -24.52 -42.73
N GLY H 131 -4.28 -24.82 -41.65
CA GLY H 131 -5.55 -25.52 -41.78
C GLY H 131 -6.53 -24.71 -42.62
N LEU H 132 -6.61 -23.41 -42.36
CA LEU H 132 -7.50 -22.53 -43.12
C LEU H 132 -7.07 -22.43 -44.57
N GLU H 133 -5.77 -22.31 -44.81
CA GLU H 133 -5.27 -22.18 -46.18
C GLU H 133 -5.70 -23.34 -47.07
N LYS H 134 -5.65 -24.56 -46.55
CA LYS H 134 -6.00 -25.73 -47.34
C LYS H 134 -7.50 -26.01 -47.39
N VAL H 135 -8.18 -25.90 -46.25
CA VAL H 135 -9.61 -26.17 -46.19
C VAL H 135 -10.51 -25.11 -46.86
N LEU H 136 -10.14 -23.85 -46.74
CA LEU H 136 -10.96 -22.79 -47.35
C LEU H 136 -10.99 -22.89 -48.87
N LYS H 137 -9.93 -23.41 -49.46
CA LYS H 137 -9.90 -23.57 -50.92
C LYS H 137 -11.00 -24.55 -51.31
N ILE H 138 -11.05 -25.68 -50.60
CA ILE H 138 -12.06 -26.71 -50.83
C ILE H 138 -13.47 -26.19 -50.60
N MET H 139 -13.69 -25.48 -49.50
CA MET H 139 -15.02 -24.95 -49.21
C MET H 139 -15.47 -23.91 -50.24
N ARG H 140 -14.55 -23.08 -50.72
CA ARG H 140 -14.91 -22.08 -51.72
C ARG H 140 -15.38 -22.78 -52.99
N GLU H 141 -14.67 -23.82 -53.40
CA GLU H 141 -15.03 -24.57 -54.59
C GLU H 141 -16.37 -25.27 -54.40
N GLN H 142 -16.69 -25.62 -53.16
CA GLN H 142 -17.97 -26.27 -52.84
C GLN H 142 -19.10 -25.26 -52.81
N GLY H 143 -18.77 -24.02 -52.46
CA GLY H 143 -19.77 -22.99 -52.37
C GLY H 143 -20.46 -23.06 -51.02
N SER H 144 -19.81 -23.71 -50.06
CA SER H 144 -20.37 -23.85 -48.71
C SER H 144 -19.33 -24.36 -47.72
N GLY H 145 -19.59 -24.13 -46.43
CA GLY H 145 -18.67 -24.59 -45.42
C GLY H 145 -18.75 -23.76 -44.15
N MET H 146 -18.56 -24.41 -43.00
CA MET H 146 -18.58 -23.73 -41.72
C MET H 146 -17.28 -24.05 -40.98
N VAL H 147 -16.66 -23.04 -40.40
CA VAL H 147 -15.40 -23.21 -39.69
C VAL H 147 -15.45 -22.59 -38.30
N VAL H 148 -14.85 -23.29 -37.34
CA VAL H 148 -14.75 -22.81 -35.97
C VAL H 148 -13.27 -22.97 -35.56
N ASN H 149 -12.63 -21.86 -35.23
CA ASN H 149 -11.24 -21.88 -34.80
C ASN H 149 -11.27 -21.77 -33.28
N THR H 150 -10.45 -22.55 -32.60
CA THR H 150 -10.43 -22.50 -31.14
C THR H 150 -9.43 -21.46 -30.65
N ALA H 151 -9.96 -20.38 -30.07
CA ALA H 151 -9.12 -19.35 -29.49
C ALA H 151 -9.09 -19.64 -27.99
N SER H 152 -9.40 -18.64 -27.18
CA SER H 152 -9.39 -18.78 -25.73
C SER H 152 -9.75 -17.45 -25.13
N VAL H 153 -10.05 -17.43 -23.83
CA VAL H 153 -10.33 -16.17 -23.18
C VAL H 153 -8.97 -15.44 -23.21
N GLY H 154 -7.89 -16.22 -23.34
CA GLY H 154 -6.56 -15.65 -23.41
C GLY H 154 -6.30 -15.04 -24.78
N GLY H 155 -7.29 -15.19 -25.66
CA GLY H 155 -7.19 -14.64 -27.00
C GLY H 155 -7.91 -13.31 -27.08
N ILE H 156 -8.55 -12.90 -25.98
CA ILE H 156 -9.27 -11.63 -25.94
C ILE H 156 -8.99 -10.85 -24.66
N ARG H 157 -8.28 -11.47 -23.72
CA ARG H 157 -7.93 -10.85 -22.44
C ARG H 157 -6.52 -11.27 -22.04
N GLY H 158 -5.98 -10.58 -21.04
CA GLY H 158 -4.64 -10.91 -20.57
C GLY H 158 -4.72 -11.77 -19.32
N ILE H 159 -4.16 -12.97 -19.38
CA ILE H 159 -4.18 -13.88 -18.24
C ILE H 159 -2.91 -13.76 -17.39
N GLY H 160 -1.78 -13.53 -18.05
CA GLY H 160 -0.52 -13.40 -17.33
C GLY H 160 0.29 -14.69 -17.38
N ASN H 161 1.61 -14.55 -17.48
CA ASN H 161 2.54 -15.68 -17.51
C ASN H 161 2.40 -16.60 -18.73
N GLN H 162 1.76 -16.10 -19.79
CA GLN H 162 1.60 -16.90 -21.00
C GLN H 162 1.82 -16.11 -22.30
N SER H 163 3.00 -15.52 -22.44
CA SER H 163 3.33 -14.75 -23.64
C SER H 163 3.01 -15.49 -24.93
N GLY H 164 3.49 -16.72 -25.05
CA GLY H 164 3.26 -17.48 -26.26
C GLY H 164 1.79 -17.79 -26.53
N TYR H 165 1.09 -18.25 -25.51
CA TYR H 165 -0.33 -18.59 -25.64
C TYR H 165 -1.18 -17.36 -25.97
N ALA H 166 -0.92 -16.27 -25.25
CA ALA H 166 -1.65 -15.02 -25.45
C ALA H 166 -1.47 -14.49 -26.86
N ALA H 167 -0.22 -14.47 -27.32
CA ALA H 167 0.07 -14.00 -28.67
C ALA H 167 -0.57 -14.91 -29.72
N ALA H 168 -0.42 -16.21 -29.53
CA ALA H 168 -0.98 -17.17 -30.48
C ALA H 168 -2.49 -17.17 -30.55
N LYS H 169 -3.14 -17.20 -29.39
CA LYS H 169 -4.60 -17.22 -29.38
C LYS H 169 -5.21 -15.90 -29.84
N HIS H 170 -4.54 -14.78 -29.59
CA HIS H 170 -5.05 -13.50 -30.07
C HIS H 170 -4.91 -13.58 -31.59
N GLY H 171 -3.81 -14.19 -32.04
CA GLY H 171 -3.56 -14.34 -33.47
C GLY H 171 -4.66 -15.14 -34.15
N VAL H 172 -5.17 -16.14 -33.44
CA VAL H 172 -6.25 -16.99 -33.97
C VAL H 172 -7.50 -16.15 -34.20
N VAL H 173 -7.76 -15.20 -33.30
CA VAL H 173 -8.90 -14.32 -33.44
C VAL H 173 -8.68 -13.46 -34.71
N GLY H 174 -7.44 -13.05 -34.91
CA GLY H 174 -7.11 -12.26 -36.09
C GLY H 174 -7.36 -13.00 -37.38
N LEU H 175 -6.97 -14.28 -37.41
CA LEU H 175 -7.17 -15.10 -38.60
C LEU H 175 -8.67 -15.28 -38.84
N THR H 176 -9.42 -15.45 -37.76
CA THR H 176 -10.86 -15.63 -37.85
C THR H 176 -11.50 -14.38 -38.49
N ARG H 177 -11.17 -13.21 -37.97
CA ARG H 177 -11.75 -11.98 -38.51
C ARG H 177 -11.34 -11.72 -39.96
N ASN H 178 -10.05 -11.84 -40.24
CA ASN H 178 -9.55 -11.60 -41.60
C ASN H 178 -10.14 -12.56 -42.64
N SER H 179 -10.10 -13.86 -42.37
CA SER H 179 -10.63 -14.84 -43.31
C SER H 179 -12.14 -14.73 -43.46
N ALA H 180 -12.84 -14.44 -42.37
CA ALA H 180 -14.29 -14.31 -42.43
C ALA H 180 -14.70 -13.19 -43.39
N VAL H 181 -13.92 -12.11 -43.39
CA VAL H 181 -14.22 -10.98 -44.27
C VAL H 181 -13.99 -11.36 -45.73
N GLU H 182 -13.04 -12.27 -45.95
CA GLU H 182 -12.70 -12.72 -47.30
C GLU H 182 -13.68 -13.73 -47.89
N TYR H 183 -14.05 -14.73 -47.10
CA TYR H 183 -14.92 -15.80 -47.59
C TYR H 183 -16.42 -15.74 -47.32
N GLY H 184 -16.87 -14.74 -46.56
CA GLY H 184 -18.30 -14.63 -46.27
C GLY H 184 -19.17 -14.54 -47.51
N ARG H 185 -18.61 -13.98 -48.58
CA ARG H 185 -19.34 -13.79 -49.84
C ARG H 185 -19.78 -15.10 -50.48
N TYR H 186 -19.13 -16.20 -50.11
CA TYR H 186 -19.45 -17.50 -50.66
C TYR H 186 -20.44 -18.31 -49.81
N GLY H 187 -20.88 -17.72 -48.71
CA GLY H 187 -21.82 -18.43 -47.84
C GLY H 187 -21.07 -19.15 -46.74
N ILE H 188 -19.75 -19.08 -46.80
CA ILE H 188 -18.89 -19.71 -45.81
C ILE H 188 -18.91 -18.85 -44.55
N ARG H 189 -18.87 -19.49 -43.39
CA ARG H 189 -18.87 -18.78 -42.13
C ARG H 189 -17.68 -19.25 -41.32
N ILE H 190 -16.92 -18.30 -40.77
CA ILE H 190 -15.75 -18.60 -39.97
C ILE H 190 -15.89 -17.85 -38.65
N ASN H 191 -15.89 -18.58 -37.55
CA ASN H 191 -16.05 -18.00 -36.22
C ASN H 191 -15.06 -18.63 -35.26
N ALA H 192 -14.94 -18.05 -34.07
CA ALA H 192 -14.02 -18.57 -33.08
C ALA H 192 -14.71 -18.73 -31.74
N ILE H 193 -14.28 -19.71 -30.95
CA ILE H 193 -14.83 -19.88 -29.62
C ILE H 193 -13.71 -19.45 -28.67
N ALA H 194 -14.10 -18.91 -27.52
CA ALA H 194 -13.12 -18.46 -26.53
C ALA H 194 -13.42 -19.15 -25.21
N PRO H 195 -13.05 -20.43 -25.11
CA PRO H 195 -13.32 -21.15 -23.86
C PRO H 195 -12.53 -20.60 -22.67
N GLY H 196 -13.16 -20.67 -21.51
CA GLY H 196 -12.53 -20.21 -20.29
C GLY H 196 -12.06 -21.43 -19.51
N ALA H 197 -12.42 -21.50 -18.23
CA ALA H 197 -12.03 -22.62 -17.40
C ALA H 197 -12.90 -23.85 -17.61
N ILE H 198 -12.49 -24.69 -18.56
CA ILE H 198 -13.19 -25.93 -18.89
C ILE H 198 -12.30 -27.07 -18.37
N TRP H 199 -12.87 -27.98 -17.59
CA TRP H 199 -12.06 -29.07 -17.04
C TRP H 199 -11.67 -30.13 -18.08
N THR H 200 -10.56 -29.87 -18.75
CA THR H 200 -10.01 -30.77 -19.78
C THR H 200 -8.58 -31.10 -19.39
N PRO H 201 -7.95 -32.06 -20.10
CA PRO H 201 -6.56 -32.40 -19.74
C PRO H 201 -5.61 -31.20 -19.78
N MET H 202 -5.83 -30.26 -20.70
CA MET H 202 -4.94 -29.10 -20.77
C MET H 202 -5.08 -28.22 -19.54
N VAL H 203 -6.31 -27.97 -19.12
CA VAL H 203 -6.56 -27.13 -17.96
C VAL H 203 -6.08 -27.82 -16.68
N GLU H 204 -6.20 -29.14 -16.63
CA GLU H 204 -5.76 -29.89 -15.47
C GLU H 204 -4.24 -29.73 -15.35
N ASN H 205 -3.55 -29.82 -16.48
CA ASN H 205 -2.10 -29.67 -16.48
C ASN H 205 -1.69 -28.23 -16.21
N SER H 206 -2.56 -27.29 -16.59
CA SER H 206 -2.27 -25.87 -16.38
C SER H 206 -2.23 -25.56 -14.89
N MET H 207 -3.15 -26.16 -14.14
CA MET H 207 -3.20 -25.94 -12.69
C MET H 207 -1.99 -26.60 -12.05
N LYS H 208 -1.52 -27.68 -12.68
CA LYS H 208 -0.36 -28.41 -12.20
C LYS H 208 0.84 -27.48 -12.28
N GLN H 209 0.95 -26.74 -13.39
CA GLN H 209 2.04 -25.80 -13.59
C GLN H 209 1.95 -24.67 -12.57
N LEU H 210 0.72 -24.18 -12.37
CA LEU H 210 0.45 -23.08 -11.46
C LEU H 210 0.93 -23.36 -10.03
N ASP H 211 0.64 -24.54 -9.53
CA ASP H 211 1.04 -24.91 -8.18
C ASP H 211 1.32 -26.41 -8.11
N PRO H 212 2.53 -26.84 -8.48
CA PRO H 212 2.90 -28.26 -8.46
C PRO H 212 2.65 -28.88 -7.09
N GLU H 213 2.83 -28.08 -6.04
CA GLU H 213 2.63 -28.52 -4.67
C GLU H 213 1.21 -29.00 -4.43
N ASN H 214 0.24 -28.13 -4.71
CA ASN H 214 -1.16 -28.44 -4.51
C ASN H 214 -1.98 -27.99 -5.73
N PRO H 215 -2.06 -28.84 -6.77
CA PRO H 215 -2.81 -28.47 -7.96
C PRO H 215 -4.31 -28.28 -7.70
N ARG H 216 -4.84 -28.98 -6.70
CA ARG H 216 -6.27 -28.86 -6.40
C ARG H 216 -6.55 -27.47 -5.81
N LYS H 217 -5.66 -26.99 -4.96
CA LYS H 217 -5.79 -25.68 -4.34
C LYS H 217 -5.77 -24.61 -5.42
N ALA H 218 -4.88 -24.77 -6.40
CA ALA H 218 -4.77 -23.81 -7.49
C ALA H 218 -6.07 -23.75 -8.28
N ALA H 219 -6.62 -24.92 -8.60
CA ALA H 219 -7.86 -24.99 -9.37
C ALA H 219 -9.04 -24.34 -8.63
N GLU H 220 -9.14 -24.59 -7.33
CA GLU H 220 -10.23 -24.02 -6.54
C GLU H 220 -10.11 -22.51 -6.43
N GLU H 221 -8.90 -22.01 -6.25
CA GLU H 221 -8.69 -20.57 -6.14
C GLU H 221 -8.92 -19.84 -7.45
N PHE H 222 -8.58 -20.50 -8.57
CA PHE H 222 -8.72 -19.90 -9.89
C PHE H 222 -10.17 -19.63 -10.28
N ILE H 223 -11.08 -20.52 -9.86
CA ILE H 223 -12.49 -20.42 -10.22
C ILE H 223 -13.35 -19.60 -9.25
N GLN H 224 -12.81 -19.24 -8.09
CA GLN H 224 -13.57 -18.48 -7.11
C GLN H 224 -14.20 -17.19 -7.64
N VAL H 225 -13.49 -16.50 -8.51
CA VAL H 225 -13.96 -15.23 -9.05
C VAL H 225 -14.95 -15.35 -10.21
N ASN H 226 -15.10 -16.54 -10.79
CA ASN H 226 -16.00 -16.74 -11.92
C ASN H 226 -17.46 -16.52 -11.54
N PRO H 227 -18.21 -15.73 -12.35
CA PRO H 227 -19.63 -15.45 -12.08
C PRO H 227 -20.51 -16.69 -11.97
N SER H 228 -20.15 -17.76 -12.68
CA SER H 228 -20.92 -18.99 -12.62
C SER H 228 -20.52 -19.88 -11.44
N LYS H 229 -19.40 -19.53 -10.80
CA LYS H 229 -18.90 -20.26 -9.64
C LYS H 229 -18.57 -21.74 -9.86
N ARG H 230 -18.24 -22.10 -11.09
CA ARG H 230 -17.88 -23.49 -11.40
C ARG H 230 -17.13 -23.57 -12.71
N TYR H 231 -16.45 -24.70 -12.90
CA TYR H 231 -15.73 -24.95 -14.15
C TYR H 231 -16.75 -25.40 -15.18
N GLY H 232 -16.41 -25.22 -16.45
CA GLY H 232 -17.29 -25.67 -17.51
C GLY H 232 -16.85 -27.09 -17.84
N GLU H 233 -17.68 -27.84 -18.56
CA GLU H 233 -17.33 -29.21 -18.93
C GLU H 233 -17.23 -29.30 -20.45
N ALA H 234 -16.45 -30.26 -20.94
CA ALA H 234 -16.26 -30.42 -22.37
C ALA H 234 -17.53 -30.43 -23.22
N PRO H 235 -18.57 -31.17 -22.80
CA PRO H 235 -19.81 -31.21 -23.58
C PRO H 235 -20.47 -29.83 -23.76
N GLU H 236 -20.23 -28.93 -22.81
CA GLU H 236 -20.79 -27.59 -22.87
C GLU H 236 -20.13 -26.77 -23.98
N ILE H 237 -18.89 -27.12 -24.32
CA ILE H 237 -18.18 -26.43 -25.40
C ILE H 237 -18.65 -27.06 -26.71
N ALA H 238 -18.74 -28.39 -26.71
CA ALA H 238 -19.17 -29.12 -27.89
C ALA H 238 -20.54 -28.65 -28.37
N ALA H 239 -21.41 -28.26 -27.44
CA ALA H 239 -22.75 -27.81 -27.79
C ALA H 239 -22.69 -26.49 -28.57
N VAL H 240 -21.73 -25.64 -28.21
CA VAL H 240 -21.58 -24.36 -28.87
C VAL H 240 -20.96 -24.56 -30.25
N VAL H 241 -19.98 -25.44 -30.34
CA VAL H 241 -19.32 -25.72 -31.62
C VAL H 241 -20.33 -26.34 -32.59
N ALA H 242 -21.20 -27.21 -32.08
CA ALA H 242 -22.21 -27.84 -32.94
C ALA H 242 -23.10 -26.77 -33.54
N PHE H 243 -23.46 -25.77 -32.74
CA PHE H 243 -24.29 -24.67 -33.22
C PHE H 243 -23.56 -23.89 -34.30
N LEU H 244 -22.31 -23.53 -34.02
CA LEU H 244 -21.50 -22.76 -34.97
C LEU H 244 -21.14 -23.49 -36.27
N LEU H 245 -21.21 -24.81 -36.27
CA LEU H 245 -20.89 -25.56 -37.49
C LEU H 245 -22.15 -25.95 -38.26
N SER H 246 -23.31 -25.62 -37.69
CA SER H 246 -24.59 -25.95 -38.30
C SER H 246 -25.23 -24.81 -39.09
N ASP H 247 -26.38 -25.10 -39.71
CA ASP H 247 -27.12 -24.10 -40.47
C ASP H 247 -27.70 -23.04 -39.54
N ASP H 248 -27.78 -23.33 -38.25
CA ASP H 248 -28.31 -22.36 -37.31
C ASP H 248 -27.41 -21.12 -37.21
N ALA H 249 -26.15 -21.26 -37.61
CA ALA H 249 -25.22 -20.13 -37.58
C ALA H 249 -25.04 -19.53 -38.97
N SER H 250 -26.04 -19.71 -39.83
CA SER H 250 -25.96 -19.23 -41.20
C SER H 250 -25.71 -17.72 -41.39
N TYR H 251 -25.98 -16.90 -40.38
CA TYR H 251 -25.70 -15.47 -40.52
C TYR H 251 -24.72 -14.97 -39.46
N VAL H 252 -24.06 -15.91 -38.78
CA VAL H 252 -23.07 -15.57 -37.75
C VAL H 252 -21.70 -15.70 -38.42
N ASN H 253 -20.94 -14.61 -38.46
CA ASN H 253 -19.63 -14.63 -39.13
C ASN H 253 -18.61 -13.69 -38.47
N ALA H 254 -17.35 -14.10 -38.47
CA ALA H 254 -16.26 -13.30 -37.91
C ALA H 254 -16.40 -12.99 -36.42
N THR H 255 -17.17 -13.79 -35.70
CA THR H 255 -17.36 -13.53 -34.27
C THR H 255 -16.49 -14.37 -33.36
N VAL H 256 -16.42 -13.95 -32.10
CA VAL H 256 -15.68 -14.67 -31.07
C VAL H 256 -16.73 -14.91 -29.98
N VAL H 257 -17.02 -16.16 -29.69
CA VAL H 257 -18.01 -16.50 -28.67
C VAL H 257 -17.33 -17.01 -27.40
N PRO H 258 -17.32 -16.20 -26.35
CA PRO H 258 -16.68 -16.67 -25.11
C PRO H 258 -17.58 -17.71 -24.46
N ILE H 259 -16.98 -18.77 -23.93
CA ILE H 259 -17.74 -19.82 -23.25
C ILE H 259 -16.96 -19.91 -21.95
N ASP H 260 -17.22 -18.94 -21.08
CA ASP H 260 -16.48 -18.81 -19.82
C ASP H 260 -17.29 -18.52 -18.57
N GLY H 261 -18.60 -18.78 -18.60
CA GLY H 261 -19.39 -18.52 -17.42
C GLY H 261 -19.61 -17.04 -17.13
N GLY H 262 -19.10 -16.18 -18.02
CA GLY H 262 -19.26 -14.75 -17.88
C GLY H 262 -18.06 -13.94 -17.40
N GLN H 263 -16.94 -14.60 -17.14
CA GLN H 263 -15.79 -13.88 -16.61
C GLN H 263 -15.10 -12.82 -17.48
N SER H 264 -15.06 -13.01 -18.80
CA SER H 264 -14.40 -12.01 -19.64
C SER H 264 -15.17 -10.70 -19.70
N ALA H 265 -16.48 -10.75 -19.43
CA ALA H 265 -17.33 -9.56 -19.44
C ALA H 265 -17.37 -8.85 -18.09
N ALA H 266 -16.90 -9.53 -17.06
CA ALA H 266 -16.90 -8.99 -15.71
C ALA H 266 -15.68 -8.11 -15.43
N TYR H 267 -15.89 -7.01 -14.71
CA TYR H 267 -14.77 -6.13 -14.39
C TYR H 267 -13.94 -6.77 -13.28
#